data_1OQA
#
_entry.id   1OQA
#
_entity_poly.entity_id   1
_entity_poly.type   'polypeptide(L)'
_entity_poly.pdbx_seq_one_letter_code
;GSQDRKIFRGLEICCYGPFTNMPTDQLEWMVQLCGASVVKELSSFTLGTGVHPIVVVQPDAWTEDNGFHAIGQMCEAPVV
TREWVLDSVALYQCQELDTYLIPQIPHSHY
;
_entity_poly.pdbx_strand_id   A
#
# COMPACT_ATOMS: atom_id res chain seq x y z
N GLY A 1 -20.89 -8.02 10.59
CA GLY A 1 -20.68 -9.46 10.33
C GLY A 1 -21.14 -10.33 11.48
N SER A 2 -20.43 -11.44 11.71
CA SER A 2 -20.77 -12.35 12.79
C SER A 2 -19.63 -12.46 13.79
N GLN A 3 -18.50 -13.00 13.33
CA GLN A 3 -17.33 -13.16 14.19
C GLN A 3 -16.10 -12.49 13.57
N ASP A 4 -16.33 -11.48 12.74
CA ASP A 4 -15.25 -10.76 12.09
C ASP A 4 -15.61 -9.29 11.89
N ARG A 5 -14.66 -8.52 11.37
CA ARG A 5 -14.88 -7.10 11.13
C ARG A 5 -13.84 -6.54 10.17
N LYS A 6 -12.58 -6.59 10.59
CA LYS A 6 -11.49 -6.09 9.77
C LYS A 6 -11.62 -4.58 9.56
N ILE A 7 -10.51 -3.86 9.72
CA ILE A 7 -10.50 -2.41 9.55
C ILE A 7 -10.53 -2.02 8.08
N PHE A 8 -10.12 -2.93 7.21
CA PHE A 8 -10.11 -2.68 5.77
C PHE A 8 -11.40 -3.15 5.13
N ARG A 9 -11.80 -4.39 5.43
CA ARG A 9 -13.04 -4.96 4.89
C ARG A 9 -13.15 -4.71 3.39
N GLY A 10 -12.65 -5.65 2.60
CA GLY A 10 -12.69 -5.48 1.16
C GLY A 10 -11.72 -4.42 0.70
N LEU A 11 -10.45 -4.77 0.65
CA LEU A 11 -9.40 -3.84 0.26
C LEU A 11 -8.31 -4.55 -0.54
N GLU A 12 -7.55 -3.78 -1.31
CA GLU A 12 -6.47 -4.32 -2.12
C GLU A 12 -5.23 -3.43 -2.04
N ILE A 13 -4.17 -3.96 -1.45
CA ILE A 13 -2.92 -3.21 -1.31
C ILE A 13 -1.74 -4.00 -1.85
N CYS A 14 -0.95 -3.37 -2.72
CA CYS A 14 0.22 -4.01 -3.30
C CYS A 14 1.51 -3.29 -2.87
N CYS A 15 2.48 -4.07 -2.42
CA CYS A 15 3.76 -3.52 -1.99
C CYS A 15 4.79 -3.62 -3.10
N TYR A 16 5.10 -2.48 -3.72
CA TYR A 16 6.06 -2.44 -4.81
C TYR A 16 7.46 -2.12 -4.29
N GLY A 17 8.44 -2.92 -4.70
CA GLY A 17 9.80 -2.71 -4.27
C GLY A 17 10.20 -3.63 -3.14
N PRO A 18 11.52 -3.76 -2.87
CA PRO A 18 12.03 -4.63 -1.81
C PRO A 18 11.93 -3.99 -0.43
N PHE A 19 11.74 -2.66 -0.40
CA PHE A 19 11.64 -1.93 0.85
C PHE A 19 12.95 -2.02 1.64
N THR A 20 13.13 -3.12 2.35
CA THR A 20 14.34 -3.34 3.14
C THR A 20 14.62 -4.82 3.31
N ASN A 21 13.89 -5.46 4.22
CA ASN A 21 14.07 -6.89 4.48
C ASN A 21 12.98 -7.40 5.43
N MET A 22 11.73 -7.11 5.09
CA MET A 22 10.59 -7.55 5.90
C MET A 22 9.27 -7.07 5.30
N PRO A 23 9.17 -5.77 4.98
CA PRO A 23 7.95 -5.18 4.41
C PRO A 23 7.66 -5.72 3.00
N THR A 24 7.39 -7.01 2.92
CA THR A 24 7.10 -7.65 1.63
C THR A 24 6.02 -8.71 1.80
N ASP A 25 6.40 -9.84 2.40
CA ASP A 25 5.47 -10.92 2.63
C ASP A 25 4.76 -10.70 3.96
N GLN A 26 5.46 -10.07 4.89
CA GLN A 26 4.90 -9.77 6.19
C GLN A 26 3.97 -8.56 6.10
N LEU A 27 4.22 -7.73 5.09
CA LEU A 27 3.41 -6.54 4.86
C LEU A 27 2.05 -6.90 4.29
N GLU A 28 2.05 -7.75 3.26
CA GLU A 28 0.80 -8.17 2.64
C GLU A 28 -0.03 -8.99 3.62
N TRP A 29 0.65 -9.65 4.54
CA TRP A 29 -0.03 -10.46 5.55
C TRP A 29 -0.77 -9.55 6.51
N MET A 30 -0.05 -8.54 7.02
CA MET A 30 -0.63 -7.57 7.94
C MET A 30 -1.89 -6.94 7.36
N VAL A 31 -1.81 -6.49 6.11
CA VAL A 31 -2.95 -5.88 5.46
C VAL A 31 -4.08 -6.89 5.34
N GLN A 32 -3.70 -8.11 4.91
CA GLN A 32 -4.66 -9.20 4.76
C GLN A 32 -5.35 -9.47 6.08
N LEU A 33 -4.59 -9.34 7.16
CA LEU A 33 -5.12 -9.56 8.51
C LEU A 33 -6.09 -8.45 8.91
N CYS A 34 -5.97 -7.31 8.23
CA CYS A 34 -6.83 -6.16 8.51
C CYS A 34 -8.07 -6.14 7.62
N GLY A 35 -8.18 -7.10 6.70
CA GLY A 35 -9.33 -7.17 5.82
C GLY A 35 -8.97 -6.95 4.36
N ALA A 36 -7.77 -6.44 4.11
CA ALA A 36 -7.32 -6.18 2.74
C ALA A 36 -6.93 -7.46 2.03
N SER A 37 -6.51 -7.32 0.78
CA SER A 37 -6.09 -8.45 -0.03
C SER A 37 -4.77 -8.15 -0.72
N VAL A 38 -3.85 -9.12 -0.70
CA VAL A 38 -2.54 -8.94 -1.32
C VAL A 38 -2.67 -8.95 -2.85
N VAL A 39 -2.37 -7.82 -3.46
CA VAL A 39 -2.45 -7.69 -4.91
C VAL A 39 -1.08 -7.94 -5.56
N LYS A 40 -1.04 -8.90 -6.48
CA LYS A 40 0.20 -9.24 -7.18
C LYS A 40 0.81 -8.03 -7.87
N GLU A 41 -0.01 -7.32 -8.63
CA GLU A 41 0.46 -6.15 -9.35
C GLU A 41 -0.59 -5.03 -9.33
N LEU A 42 -0.29 -3.94 -10.02
CA LEU A 42 -1.20 -2.80 -10.09
C LEU A 42 -2.41 -3.13 -10.97
N SER A 43 -2.16 -3.84 -12.06
CA SER A 43 -3.24 -4.21 -12.98
C SER A 43 -4.09 -5.34 -12.42
N SER A 44 -3.67 -5.90 -11.29
CA SER A 44 -4.41 -6.99 -10.66
C SER A 44 -5.68 -6.48 -9.99
N PHE A 45 -5.70 -5.20 -9.64
CA PHE A 45 -6.85 -4.60 -8.99
C PHE A 45 -8.14 -4.87 -9.78
N THR A 46 -9.20 -5.23 -9.08
CA THR A 46 -10.47 -5.52 -9.72
C THR A 46 -11.61 -4.81 -8.99
N LEU A 47 -12.44 -4.09 -9.76
CA LEU A 47 -13.57 -3.38 -9.19
C LEU A 47 -14.74 -4.32 -8.90
N GLY A 48 -14.71 -4.94 -7.72
CA GLY A 48 -15.76 -5.86 -7.33
C GLY A 48 -16.99 -5.15 -6.83
N THR A 49 -17.19 -5.19 -5.51
CA THR A 49 -18.35 -4.54 -4.89
C THR A 49 -17.92 -3.62 -3.76
N GLY A 50 -17.02 -4.12 -2.92
CA GLY A 50 -16.54 -3.33 -1.79
C GLY A 50 -15.04 -3.42 -1.62
N VAL A 51 -14.33 -3.62 -2.72
CA VAL A 51 -12.87 -3.73 -2.69
C VAL A 51 -12.21 -2.48 -3.27
N HIS A 52 -11.55 -1.71 -2.41
CA HIS A 52 -10.88 -0.49 -2.84
C HIS A 52 -9.41 -0.76 -3.15
N PRO A 53 -8.90 -0.23 -4.28
CA PRO A 53 -7.51 -0.42 -4.69
C PRO A 53 -6.54 0.54 -3.98
N ILE A 54 -5.41 0.00 -3.54
CA ILE A 54 -4.40 0.80 -2.86
C ILE A 54 -3.00 0.32 -3.23
N VAL A 55 -2.03 1.22 -3.17
CA VAL A 55 -0.65 0.88 -3.49
C VAL A 55 0.31 1.31 -2.38
N VAL A 56 1.41 0.59 -2.26
CA VAL A 56 2.40 0.89 -1.23
C VAL A 56 3.81 0.99 -1.83
N VAL A 57 4.64 1.87 -1.25
CA VAL A 57 6.00 2.07 -1.73
C VAL A 57 6.98 2.22 -0.57
N GLN A 58 8.24 2.49 -0.89
CA GLN A 58 9.27 2.66 0.13
C GLN A 58 10.60 3.07 -0.50
N PRO A 59 10.87 4.38 -0.60
CA PRO A 59 12.11 4.89 -1.18
C PRO A 59 13.32 4.63 -0.29
N ASP A 60 13.61 3.37 -0.05
CA ASP A 60 14.75 2.98 0.78
C ASP A 60 15.73 2.12 -0.01
N ALA A 61 15.30 0.91 -0.35
CA ALA A 61 16.14 -0.01 -1.11
C ALA A 61 16.02 0.26 -2.61
N TRP A 62 14.92 0.88 -3.02
CA TRP A 62 14.70 1.19 -4.43
C TRP A 62 15.82 2.06 -4.97
N THR A 63 16.43 2.86 -4.11
CA THR A 63 17.52 3.75 -4.50
C THR A 63 17.21 4.49 -5.79
N GLU A 64 18.22 5.13 -6.36
CA GLU A 64 18.05 5.88 -7.61
C GLU A 64 18.77 5.20 -8.76
N ASP A 65 18.05 4.95 -9.84
CA ASP A 65 18.62 4.30 -11.01
C ASP A 65 17.59 4.19 -12.14
N ASN A 66 16.37 3.81 -11.77
CA ASN A 66 15.30 3.66 -12.75
C ASN A 66 14.42 4.91 -12.79
N GLY A 67 13.98 5.35 -11.62
CA GLY A 67 13.13 6.53 -11.54
C GLY A 67 11.86 6.28 -10.75
N PHE A 68 11.73 6.97 -9.62
CA PHE A 68 10.55 6.81 -8.77
C PHE A 68 9.59 7.98 -8.95
N HIS A 69 9.87 8.85 -9.92
CA HIS A 69 9.00 10.00 -10.16
C HIS A 69 7.94 9.67 -11.20
N ALA A 70 7.17 8.62 -10.94
CA ALA A 70 6.11 8.20 -11.85
C ALA A 70 5.32 7.04 -11.28
N ILE A 71 5.12 7.04 -9.97
CA ILE A 71 4.38 5.98 -9.31
C ILE A 71 2.88 6.07 -9.62
N GLY A 72 2.26 7.16 -9.20
CA GLY A 72 0.85 7.36 -9.46
C GLY A 72 0.52 7.35 -10.93
N GLN A 73 1.51 7.69 -11.76
CA GLN A 73 1.33 7.73 -13.20
C GLN A 73 1.35 6.31 -13.79
N MET A 74 2.01 5.40 -13.09
CA MET A 74 2.11 4.02 -13.54
C MET A 74 1.01 3.16 -12.93
N CYS A 75 0.59 3.52 -11.72
CA CYS A 75 -0.46 2.77 -11.02
C CYS A 75 -1.75 3.57 -11.01
N GLU A 76 -2.88 2.86 -10.98
CA GLU A 76 -4.19 3.50 -10.96
C GLU A 76 -4.77 3.48 -9.55
N ALA A 77 -3.90 3.55 -8.56
CA ALA A 77 -4.34 3.55 -7.17
C ALA A 77 -3.45 4.44 -6.30
N PRO A 78 -3.87 4.72 -5.06
CA PRO A 78 -3.11 5.57 -4.14
C PRO A 78 -1.89 4.85 -3.55
N VAL A 79 -0.71 5.43 -3.78
CA VAL A 79 0.53 4.85 -3.28
C VAL A 79 0.89 5.44 -1.92
N VAL A 80 1.07 4.57 -0.93
CA VAL A 80 1.41 5.01 0.42
C VAL A 80 2.49 4.14 1.04
N THR A 81 3.51 4.77 1.60
CA THR A 81 4.61 4.04 2.24
C THR A 81 4.06 3.02 3.23
N ARG A 82 4.87 1.99 3.52
CA ARG A 82 4.46 0.95 4.47
C ARG A 82 3.94 1.54 5.77
N GLU A 83 4.37 2.76 6.08
CA GLU A 83 3.94 3.44 7.30
C GLU A 83 2.43 3.30 7.50
N TRP A 84 1.69 3.41 6.39
CA TRP A 84 0.25 3.28 6.44
C TRP A 84 -0.13 1.90 6.95
N VAL A 85 0.37 0.90 6.25
CA VAL A 85 0.11 -0.50 6.60
C VAL A 85 0.50 -0.78 8.04
N LEU A 86 1.63 -0.24 8.48
CA LEU A 86 2.10 -0.44 9.84
C LEU A 86 1.25 0.34 10.83
N ASP A 87 1.04 1.63 10.55
CA ASP A 87 0.24 2.49 11.42
C ASP A 87 -1.18 1.96 11.53
N SER A 88 -1.68 1.35 10.46
CA SER A 88 -3.03 0.81 10.44
C SER A 88 -3.09 -0.53 11.20
N VAL A 89 -2.15 -1.41 10.92
CA VAL A 89 -2.10 -2.72 11.57
C VAL A 89 -1.69 -2.59 13.03
N ALA A 90 -0.94 -1.53 13.35
CA ALA A 90 -0.48 -1.31 14.71
C ALA A 90 -1.64 -0.98 15.63
N LEU A 91 -2.36 0.08 15.31
CA LEU A 91 -3.51 0.52 16.11
C LEU A 91 -4.81 -0.13 15.62
N TYR A 92 -4.76 -0.72 14.43
CA TYR A 92 -5.93 -1.37 13.84
C TYR A 92 -6.98 -0.34 13.45
N GLN A 93 -6.79 0.28 12.29
CA GLN A 93 -7.72 1.29 11.80
C GLN A 93 -7.25 1.85 10.46
N CYS A 94 -8.14 1.87 9.48
CA CYS A 94 -7.83 2.38 8.16
C CYS A 94 -7.42 3.85 8.22
N GLN A 95 -6.14 4.11 8.48
CA GLN A 95 -5.62 5.46 8.57
C GLN A 95 -5.65 6.15 7.21
N GLU A 96 -5.63 7.48 7.22
CA GLU A 96 -5.64 8.26 5.98
C GLU A 96 -4.36 8.04 5.19
N LEU A 97 -4.51 7.65 3.93
CA LEU A 97 -3.37 7.40 3.06
C LEU A 97 -2.60 8.68 2.78
N ASP A 98 -3.30 9.80 2.73
CA ASP A 98 -2.70 11.09 2.46
C ASP A 98 -1.55 11.39 3.42
N THR A 99 -1.57 10.74 4.58
CA THR A 99 -0.53 10.93 5.59
C THR A 99 0.78 10.23 5.21
N TYR A 100 0.68 9.25 4.32
CA TYR A 100 1.85 8.49 3.88
C TYR A 100 1.87 8.33 2.37
N LEU A 101 1.13 9.18 1.65
CA LEU A 101 1.07 9.13 0.21
C LEU A 101 2.20 9.94 -0.42
N ILE A 102 2.31 9.85 -1.74
CA ILE A 102 3.36 10.58 -2.46
C ILE A 102 3.21 12.08 -2.25
N PRO A 103 4.15 12.71 -1.50
CA PRO A 103 4.12 14.15 -1.24
C PRO A 103 4.10 14.98 -2.51
N GLN A 104 5.17 14.87 -3.28
CA GLN A 104 5.29 15.61 -4.54
C GLN A 104 5.13 17.11 -4.32
N ILE A 105 6.24 17.79 -4.02
CA ILE A 105 6.21 19.23 -3.78
C ILE A 105 7.43 19.91 -4.40
N PRO A 106 7.33 21.22 -4.69
CA PRO A 106 8.43 21.98 -5.27
C PRO A 106 9.65 22.02 -4.36
N HIS A 107 10.83 22.21 -4.96
CA HIS A 107 12.07 22.27 -4.19
C HIS A 107 12.32 20.96 -3.47
N SER A 108 13.36 20.93 -2.65
CA SER A 108 13.72 19.74 -1.89
C SER A 108 14.45 20.10 -0.60
N HIS A 109 15.57 20.80 -0.75
CA HIS A 109 16.37 21.21 0.40
C HIS A 109 16.43 22.72 0.51
N TYR A 110 15.87 23.27 1.59
CA TYR A 110 15.86 24.70 1.81
C TYR A 110 15.81 25.03 3.29
N GLY A 1 -13.61 -20.48 11.42
CA GLY A 1 -13.09 -19.18 11.92
C GLY A 1 -14.17 -18.13 12.02
N SER A 2 -14.63 -17.86 13.25
CA SER A 2 -15.67 -16.88 13.48
C SER A 2 -15.09 -15.63 14.14
N GLN A 3 -15.78 -14.51 13.99
CA GLN A 3 -15.34 -13.24 14.57
C GLN A 3 -13.97 -12.86 14.03
N ASP A 4 -13.94 -11.99 13.03
CA ASP A 4 -12.69 -11.54 12.43
C ASP A 4 -12.45 -10.06 12.70
N ARG A 5 -13.45 -9.24 12.40
CA ARG A 5 -13.35 -7.80 12.59
C ARG A 5 -12.15 -7.23 11.84
N LYS A 6 -12.41 -6.74 10.63
CA LYS A 6 -11.35 -6.18 9.80
C LYS A 6 -11.59 -4.69 9.54
N ILE A 7 -10.52 -3.90 9.59
CA ILE A 7 -10.62 -2.47 9.37
C ILE A 7 -10.63 -2.12 7.89
N PHE A 8 -10.19 -3.06 7.06
CA PHE A 8 -10.14 -2.86 5.62
C PHE A 8 -11.42 -3.38 4.95
N ARG A 9 -11.87 -4.55 5.38
CA ARG A 9 -13.09 -5.17 4.85
C ARG A 9 -13.25 -4.89 3.35
N GLY A 10 -12.61 -5.71 2.54
CA GLY A 10 -12.70 -5.54 1.10
C GLY A 10 -11.73 -4.48 0.60
N LEU A 11 -10.45 -4.78 0.72
CA LEU A 11 -9.41 -3.85 0.30
C LEU A 11 -8.28 -4.58 -0.42
N GLU A 12 -7.60 -3.88 -1.31
CA GLU A 12 -6.50 -4.47 -2.07
C GLU A 12 -5.27 -3.57 -2.03
N ILE A 13 -4.17 -4.11 -1.48
CA ILE A 13 -2.94 -3.34 -1.37
C ILE A 13 -1.74 -4.13 -1.90
N CYS A 14 -1.03 -3.54 -2.86
CA CYS A 14 0.14 -4.19 -3.44
C CYS A 14 1.43 -3.49 -2.99
N CYS A 15 2.42 -4.29 -2.61
CA CYS A 15 3.69 -3.76 -2.15
C CYS A 15 4.69 -3.67 -3.30
N TYR A 16 4.84 -2.48 -3.87
CA TYR A 16 5.76 -2.27 -4.98
C TYR A 16 7.12 -1.79 -4.49
N GLY A 17 8.13 -2.64 -4.65
CA GLY A 17 9.46 -2.29 -4.22
C GLY A 17 9.97 -3.20 -3.11
N PRO A 18 11.30 -3.26 -2.90
CA PRO A 18 11.90 -4.10 -1.87
C PRO A 18 11.89 -3.45 -0.49
N PHE A 19 11.61 -2.15 -0.45
CA PHE A 19 11.57 -1.41 0.81
C PHE A 19 12.94 -1.39 1.47
N THR A 20 13.30 -2.48 2.12
CA THR A 20 14.58 -2.60 2.79
C THR A 20 15.29 -3.91 2.42
N ASN A 21 14.82 -5.00 3.00
CA ASN A 21 15.40 -6.31 2.73
C ASN A 21 14.66 -7.40 3.50
N MET A 22 13.33 -7.28 3.55
CA MET A 22 12.50 -8.26 4.25
C MET A 22 11.03 -7.86 4.21
N PRO A 23 10.71 -6.62 4.59
CA PRO A 23 9.33 -6.12 4.60
C PRO A 23 8.67 -6.23 3.22
N THR A 24 8.14 -7.40 2.92
CA THR A 24 7.47 -7.64 1.64
C THR A 24 6.32 -8.62 1.81
N ASP A 25 6.62 -9.79 2.38
CA ASP A 25 5.59 -10.81 2.61
C ASP A 25 4.89 -10.54 3.94
N GLN A 26 5.63 -9.91 4.84
CA GLN A 26 5.09 -9.56 6.15
C GLN A 26 4.15 -8.37 6.03
N LEU A 27 4.41 -7.53 5.04
CA LEU A 27 3.60 -6.34 4.80
C LEU A 27 2.23 -6.73 4.24
N GLU A 28 2.24 -7.55 3.18
CA GLU A 28 1.00 -8.00 2.56
C GLU A 28 0.18 -8.83 3.55
N TRP A 29 0.87 -9.49 4.47
CA TRP A 29 0.21 -10.29 5.48
C TRP A 29 -0.55 -9.39 6.44
N MET A 30 0.16 -8.39 6.95
CA MET A 30 -0.42 -7.43 7.89
C MET A 30 -1.68 -6.80 7.31
N VAL A 31 -1.61 -6.35 6.05
CA VAL A 31 -2.77 -5.75 5.41
C VAL A 31 -3.88 -6.77 5.30
N GLN A 32 -3.52 -7.97 4.89
CA GLN A 32 -4.47 -9.06 4.74
C GLN A 32 -5.16 -9.34 6.07
N LEU A 33 -4.40 -9.18 7.16
CA LEU A 33 -4.91 -9.39 8.50
C LEU A 33 -5.91 -8.29 8.88
N CYS A 34 -5.83 -7.16 8.19
CA CYS A 34 -6.71 -6.03 8.48
C CYS A 34 -7.96 -6.05 7.60
N GLY A 35 -8.04 -7.00 6.68
CA GLY A 35 -9.20 -7.10 5.81
C GLY A 35 -8.87 -6.87 4.35
N ALA A 36 -7.62 -6.53 4.06
CA ALA A 36 -7.20 -6.27 2.69
C ALA A 36 -6.77 -7.56 1.99
N SER A 37 -6.36 -7.43 0.75
CA SER A 37 -5.92 -8.56 -0.06
C SER A 37 -4.62 -8.22 -0.77
N VAL A 38 -3.66 -9.15 -0.72
CA VAL A 38 -2.37 -8.95 -1.35
C VAL A 38 -2.51 -9.03 -2.88
N VAL A 39 -2.27 -7.90 -3.54
CA VAL A 39 -2.37 -7.83 -5.00
C VAL A 39 -1.01 -8.08 -5.65
N LYS A 40 -1.00 -8.92 -6.68
CA LYS A 40 0.22 -9.25 -7.39
C LYS A 40 0.60 -8.16 -8.39
N GLU A 41 -0.40 -7.56 -9.02
CA GLU A 41 -0.18 -6.50 -10.00
C GLU A 41 -1.08 -5.30 -9.72
N LEU A 42 -0.75 -4.17 -10.34
CA LEU A 42 -1.53 -2.95 -10.17
C LEU A 42 -2.85 -3.05 -10.92
N SER A 43 -2.82 -3.68 -12.09
CA SER A 43 -4.02 -3.84 -12.90
C SER A 43 -4.94 -4.92 -12.33
N SER A 44 -4.48 -5.62 -11.30
CA SER A 44 -5.27 -6.68 -10.68
C SER A 44 -6.26 -6.12 -9.66
N PHE A 45 -6.29 -4.80 -9.53
CA PHE A 45 -7.21 -4.15 -8.58
C PHE A 45 -8.66 -4.32 -9.03
N THR A 46 -9.58 -4.21 -8.07
CA THR A 46 -11.00 -4.34 -8.36
C THR A 46 -11.31 -5.74 -8.91
N LEU A 47 -11.74 -6.63 -8.03
CA LEU A 47 -12.07 -7.99 -8.42
C LEU A 47 -13.57 -8.17 -8.55
N GLY A 48 -14.32 -7.44 -7.73
CA GLY A 48 -15.78 -7.54 -7.77
C GLY A 48 -16.44 -6.18 -7.70
N THR A 49 -16.88 -5.79 -6.51
CA THR A 49 -17.55 -4.50 -6.32
C THR A 49 -17.11 -3.86 -5.01
N GLY A 50 -17.08 -4.65 -3.94
CA GLY A 50 -16.68 -4.12 -2.64
C GLY A 50 -15.20 -4.34 -2.37
N VAL A 51 -14.36 -3.61 -3.10
CA VAL A 51 -12.92 -3.72 -2.93
C VAL A 51 -12.24 -2.38 -3.16
N HIS A 52 -11.49 -1.91 -2.17
CA HIS A 52 -10.79 -0.64 -2.27
C HIS A 52 -9.35 -0.85 -2.78
N PRO A 53 -9.00 -0.19 -3.90
CA PRO A 53 -7.65 -0.31 -4.49
C PRO A 53 -6.63 0.58 -3.79
N ILE A 54 -5.53 -0.02 -3.36
CA ILE A 54 -4.47 0.72 -2.68
C ILE A 54 -3.10 0.18 -3.07
N VAL A 55 -2.06 0.99 -2.86
CA VAL A 55 -0.70 0.60 -3.19
C VAL A 55 0.28 1.11 -2.13
N VAL A 56 1.39 0.39 -1.96
CA VAL A 56 2.40 0.78 -0.98
C VAL A 56 3.73 1.09 -1.66
N VAL A 57 4.57 1.87 -0.98
CA VAL A 57 5.88 2.25 -1.51
C VAL A 57 6.90 2.39 -0.40
N GLN A 58 8.12 2.76 -0.75
CA GLN A 58 9.19 2.93 0.24
C GLN A 58 10.53 3.22 -0.44
N PRO A 59 10.87 4.50 -0.63
CA PRO A 59 12.13 4.90 -1.27
C PRO A 59 13.33 4.74 -0.34
N ASP A 60 13.55 3.52 0.13
CA ASP A 60 14.67 3.23 1.03
C ASP A 60 15.70 2.35 0.35
N ALA A 61 15.22 1.34 -0.37
CA ALA A 61 16.10 0.42 -1.07
C ALA A 61 15.84 0.45 -2.58
N TRP A 62 15.42 1.61 -3.07
CA TRP A 62 15.14 1.78 -4.49
C TRP A 62 16.32 2.42 -5.21
N THR A 63 16.83 3.51 -4.65
CA THR A 63 17.97 4.21 -5.24
C THR A 63 17.62 4.73 -6.62
N GLU A 64 18.33 5.78 -7.05
CA GLU A 64 18.09 6.37 -8.37
C GLU A 64 18.79 5.56 -9.46
N ASP A 65 18.11 4.54 -9.95
CA ASP A 65 18.67 3.69 -11.00
C ASP A 65 17.66 3.47 -12.12
N ASN A 66 16.53 2.86 -11.77
CA ASN A 66 15.48 2.59 -12.76
C ASN A 66 14.59 3.81 -12.96
N GLY A 67 14.18 4.42 -11.85
CA GLY A 67 13.33 5.60 -11.92
C GLY A 67 12.05 5.43 -11.10
N PHE A 68 12.01 6.09 -9.96
CA PHE A 68 10.84 6.02 -9.08
C PHE A 68 9.96 7.26 -9.21
N HIS A 69 10.29 8.13 -10.18
CA HIS A 69 9.52 9.35 -10.40
C HIS A 69 8.41 9.11 -11.43
N ALA A 70 7.63 8.04 -11.23
CA ALA A 70 6.54 7.71 -12.13
C ALA A 70 5.66 6.62 -11.55
N ILE A 71 5.48 6.65 -10.22
CA ILE A 71 4.65 5.66 -9.54
C ILE A 71 3.17 5.89 -9.83
N GLY A 72 2.66 7.05 -9.43
CA GLY A 72 1.27 7.37 -9.65
C GLY A 72 0.90 7.35 -11.12
N GLN A 73 1.88 7.62 -11.98
CA GLN A 73 1.65 7.63 -13.42
C GLN A 73 1.60 6.21 -13.98
N MET A 74 2.22 5.27 -13.26
CA MET A 74 2.25 3.88 -13.69
C MET A 74 1.10 3.10 -13.05
N CYS A 75 0.69 3.52 -11.87
CA CYS A 75 -0.40 2.85 -11.15
C CYS A 75 -1.61 3.78 -11.01
N GLU A 76 -2.79 3.18 -10.94
CA GLU A 76 -4.02 3.96 -10.80
C GLU A 76 -4.41 4.10 -9.34
N ALA A 77 -3.99 3.15 -8.52
CA ALA A 77 -4.29 3.17 -7.10
C ALA A 77 -3.30 4.05 -6.33
N PRO A 78 -3.68 4.51 -5.13
CA PRO A 78 -2.82 5.35 -4.30
C PRO A 78 -1.59 4.61 -3.78
N VAL A 79 -0.49 5.34 -3.62
CA VAL A 79 0.75 4.75 -3.13
C VAL A 79 1.17 5.39 -1.80
N VAL A 80 1.45 4.57 -0.81
CA VAL A 80 1.86 5.08 0.50
C VAL A 80 2.97 4.22 1.10
N THR A 81 3.74 4.80 2.02
CA THR A 81 4.82 4.09 2.67
C THR A 81 4.25 3.03 3.62
N ARG A 82 5.07 2.02 3.95
CA ARG A 82 4.63 0.96 4.85
C ARG A 82 4.05 1.53 6.15
N GLU A 83 4.42 2.77 6.48
CA GLU A 83 3.93 3.41 7.70
C GLU A 83 2.42 3.26 7.82
N TRP A 84 1.72 3.45 6.71
CA TRP A 84 0.26 3.30 6.69
C TRP A 84 -0.13 1.93 7.20
N VAL A 85 0.41 0.92 6.53
CA VAL A 85 0.14 -0.47 6.88
C VAL A 85 0.44 -0.73 8.36
N LEU A 86 1.60 -0.26 8.81
CA LEU A 86 2.01 -0.43 10.21
C LEU A 86 1.08 0.34 11.14
N ASP A 87 0.86 1.61 10.83
CA ASP A 87 -0.01 2.45 11.64
C ASP A 87 -1.43 1.91 11.66
N SER A 88 -1.84 1.30 10.56
CA SER A 88 -3.18 0.74 10.45
C SER A 88 -3.28 -0.58 11.20
N VAL A 89 -2.30 -1.46 10.99
CA VAL A 89 -2.28 -2.77 11.64
C VAL A 89 -1.98 -2.63 13.13
N ALA A 90 -1.20 -1.63 13.48
CA ALA A 90 -0.84 -1.40 14.88
C ALA A 90 -2.05 -0.98 15.70
N LEU A 91 -2.66 0.14 15.32
CA LEU A 91 -3.83 0.65 16.01
C LEU A 91 -5.10 -0.05 15.55
N TYR A 92 -5.05 -0.66 14.36
CA TYR A 92 -6.19 -1.36 13.79
C TYR A 92 -7.25 -0.36 13.33
N GLN A 93 -7.00 0.26 12.19
CA GLN A 93 -7.92 1.25 11.63
C GLN A 93 -7.42 1.76 10.28
N CYS A 94 -8.31 1.80 9.29
CA CYS A 94 -7.95 2.27 7.96
C CYS A 94 -7.56 3.75 7.99
N GLN A 95 -6.31 4.02 8.33
CA GLN A 95 -5.81 5.39 8.39
C GLN A 95 -5.82 6.03 7.01
N GLU A 96 -5.62 7.35 6.96
CA GLU A 96 -5.61 8.07 5.70
C GLU A 96 -4.28 7.86 4.97
N LEU A 97 -4.38 7.58 3.67
CA LEU A 97 -3.20 7.35 2.84
C LEU A 97 -2.46 8.65 2.54
N ASP A 98 -3.22 9.73 2.44
CA ASP A 98 -2.64 11.05 2.15
C ASP A 98 -1.56 11.43 3.17
N THR A 99 -1.64 10.82 4.36
CA THR A 99 -0.68 11.10 5.41
C THR A 99 0.69 10.46 5.12
N TYR A 100 0.69 9.46 4.26
CA TYR A 100 1.94 8.79 3.89
C TYR A 100 1.98 8.47 2.41
N LEU A 101 1.30 9.27 1.61
CA LEU A 101 1.25 9.07 0.17
C LEU A 101 2.41 9.80 -0.52
N ILE A 102 2.84 9.28 -1.67
CA ILE A 102 3.93 9.89 -2.41
C ILE A 102 3.58 11.31 -2.84
N PRO A 103 4.59 12.19 -2.96
CA PRO A 103 4.38 13.59 -3.36
C PRO A 103 4.08 13.73 -4.85
N GLN A 104 3.89 14.96 -5.29
CA GLN A 104 3.59 15.23 -6.70
C GLN A 104 3.67 16.72 -7.00
N ILE A 105 4.86 17.18 -7.38
CA ILE A 105 5.06 18.60 -7.69
C ILE A 105 4.46 18.95 -9.05
N PRO A 106 3.52 19.92 -9.08
CA PRO A 106 2.87 20.34 -10.33
C PRO A 106 3.80 21.18 -11.20
N HIS A 107 4.71 21.91 -10.57
CA HIS A 107 5.65 22.75 -11.29
C HIS A 107 6.98 22.03 -11.50
N SER A 108 7.60 22.26 -12.65
CA SER A 108 8.88 21.63 -12.97
C SER A 108 10.00 22.66 -13.03
N HIS A 109 10.54 23.01 -11.87
CA HIS A 109 11.63 23.98 -11.79
C HIS A 109 12.70 23.53 -10.80
N TYR A 110 13.87 23.19 -11.31
CA TYR A 110 14.97 22.75 -10.46
C TYR A 110 14.59 21.49 -9.69
N GLY A 1 -9.43 -17.36 14.87
CA GLY A 1 -9.11 -16.72 16.17
C GLY A 1 -8.38 -15.39 16.00
N SER A 2 -8.74 -14.65 14.96
CA SER A 2 -8.12 -13.36 14.70
C SER A 2 -8.87 -12.61 13.60
N GLN A 3 -9.26 -13.33 12.55
CA GLN A 3 -9.99 -12.72 11.44
C GLN A 3 -11.48 -12.63 11.75
N ASP A 4 -11.91 -11.47 12.22
CA ASP A 4 -13.31 -11.25 12.55
C ASP A 4 -13.61 -9.76 12.67
N ARG A 5 -12.72 -9.03 13.33
CA ARG A 5 -12.88 -7.59 13.52
C ARG A 5 -11.82 -6.83 12.72
N LYS A 6 -11.94 -6.86 11.40
CA LYS A 6 -10.99 -6.19 10.53
C LYS A 6 -11.30 -4.70 10.41
N ILE A 7 -10.42 -3.97 9.74
CA ILE A 7 -10.60 -2.53 9.56
C ILE A 7 -10.62 -2.12 8.10
N PHE A 8 -10.19 -3.02 7.22
CA PHE A 8 -10.15 -2.73 5.80
C PHE A 8 -11.43 -3.21 5.12
N ARG A 9 -11.87 -4.42 5.47
CA ARG A 9 -13.09 -5.00 4.91
C ARG A 9 -13.19 -4.72 3.42
N GLY A 10 -12.61 -5.60 2.60
CA GLY A 10 -12.65 -5.41 1.17
C GLY A 10 -11.70 -4.31 0.73
N LEU A 11 -10.41 -4.59 0.79
CA LEU A 11 -9.39 -3.63 0.44
C LEU A 11 -8.19 -4.32 -0.21
N GLU A 12 -7.82 -3.88 -1.41
CA GLU A 12 -6.69 -4.46 -2.13
C GLU A 12 -5.48 -3.54 -2.07
N ILE A 13 -4.36 -4.06 -1.56
CA ILE A 13 -3.13 -3.28 -1.44
C ILE A 13 -1.94 -4.03 -2.03
N CYS A 14 -1.26 -3.40 -2.98
CA CYS A 14 -0.10 -4.00 -3.62
C CYS A 14 1.19 -3.27 -3.23
N CYS A 15 2.26 -4.03 -3.09
CA CYS A 15 3.55 -3.46 -2.72
C CYS A 15 4.51 -3.45 -3.91
N TYR A 16 4.86 -2.27 -4.38
CA TYR A 16 5.77 -2.13 -5.52
C TYR A 16 7.20 -1.89 -5.05
N GLY A 17 8.06 -2.89 -5.25
CA GLY A 17 9.44 -2.77 -4.84
C GLY A 17 9.64 -3.00 -3.36
N PRO A 18 10.81 -3.55 -2.96
CA PRO A 18 11.10 -3.82 -1.55
C PRO A 18 10.96 -2.58 -0.68
N PHE A 19 11.37 -2.69 0.58
CA PHE A 19 11.29 -1.59 1.52
C PHE A 19 12.65 -1.33 2.18
N THR A 20 12.98 -2.15 3.16
CA THR A 20 14.25 -2.03 3.87
C THR A 20 15.07 -3.31 3.74
N ASN A 21 14.41 -4.44 3.89
CA ASN A 21 15.07 -5.74 3.78
C ASN A 21 14.29 -6.65 2.83
N MET A 22 13.17 -7.17 3.30
CA MET A 22 12.34 -8.05 2.49
C MET A 22 10.97 -8.26 3.13
N PRO A 23 10.25 -7.16 3.44
CA PRO A 23 8.93 -7.23 4.07
C PRO A 23 7.80 -7.33 3.05
N THR A 24 8.12 -7.75 1.83
CA THR A 24 7.12 -7.88 0.77
C THR A 24 5.99 -8.81 1.19
N ASP A 25 6.34 -9.91 1.86
CA ASP A 25 5.34 -10.86 2.32
C ASP A 25 4.81 -10.44 3.68
N GLN A 26 5.62 -9.68 4.41
CA GLN A 26 5.23 -9.19 5.72
C GLN A 26 4.23 -8.05 5.58
N LEU A 27 4.36 -7.30 4.49
CA LEU A 27 3.46 -6.18 4.24
C LEU A 27 2.08 -6.69 3.84
N GLU A 28 2.04 -7.59 2.87
CA GLU A 28 0.77 -8.15 2.42
C GLU A 28 0.09 -8.92 3.55
N TRP A 29 0.88 -9.44 4.48
CA TRP A 29 0.35 -10.16 5.61
C TRP A 29 -0.38 -9.19 6.53
N MET A 30 0.31 -8.11 6.88
CA MET A 30 -0.24 -7.08 7.75
C MET A 30 -1.58 -6.59 7.21
N VAL A 31 -1.60 -6.24 5.92
CA VAL A 31 -2.83 -5.77 5.29
C VAL A 31 -3.89 -6.86 5.35
N GLN A 32 -3.48 -8.07 5.01
CA GLN A 32 -4.37 -9.23 5.03
C GLN A 32 -4.97 -9.40 6.42
N LEU A 33 -4.17 -9.10 7.43
CA LEU A 33 -4.60 -9.19 8.82
C LEU A 33 -5.63 -8.11 9.15
N CYS A 34 -5.64 -7.06 8.34
CA CYS A 34 -6.58 -5.95 8.54
C CYS A 34 -7.84 -6.13 7.71
N GLY A 35 -7.90 -7.19 6.90
CA GLY A 35 -9.07 -7.45 6.08
C GLY A 35 -8.80 -7.26 4.60
N ALA A 36 -7.71 -6.57 4.27
CA ALA A 36 -7.35 -6.33 2.88
C ALA A 36 -6.83 -7.59 2.21
N SER A 37 -6.52 -7.46 0.92
CA SER A 37 -6.01 -8.58 0.13
C SER A 37 -4.72 -8.18 -0.58
N VAL A 38 -3.86 -9.15 -0.82
CA VAL A 38 -2.59 -8.89 -1.50
C VAL A 38 -2.75 -8.95 -3.01
N VAL A 39 -2.44 -7.85 -3.69
CA VAL A 39 -2.55 -7.78 -5.14
C VAL A 39 -1.22 -8.11 -5.80
N LYS A 40 -1.25 -9.04 -6.75
CA LYS A 40 -0.05 -9.46 -7.46
C LYS A 40 0.61 -8.28 -8.17
N GLU A 41 -0.20 -7.52 -8.90
CA GLU A 41 0.30 -6.37 -9.64
C GLU A 41 -0.74 -5.25 -9.65
N LEU A 42 -0.38 -4.14 -10.28
CA LEU A 42 -1.27 -2.99 -10.38
C LEU A 42 -2.51 -3.32 -11.21
N SER A 43 -2.30 -4.01 -12.33
CA SER A 43 -3.39 -4.40 -13.20
C SER A 43 -4.28 -5.46 -12.56
N SER A 44 -3.74 -6.16 -11.58
CA SER A 44 -4.48 -7.21 -10.88
C SER A 44 -5.64 -6.64 -10.07
N PHE A 45 -5.62 -5.32 -9.85
CA PHE A 45 -6.67 -4.65 -9.10
C PHE A 45 -8.06 -5.00 -9.64
N THR A 46 -8.76 -5.87 -8.92
CA THR A 46 -10.10 -6.28 -9.33
C THR A 46 -11.04 -6.34 -8.13
N LEU A 47 -12.33 -6.21 -8.40
CA LEU A 47 -13.34 -6.23 -7.34
C LEU A 47 -14.69 -6.72 -7.87
N GLY A 48 -15.34 -7.58 -7.10
CA GLY A 48 -16.63 -8.11 -7.51
C GLY A 48 -17.76 -7.64 -6.61
N THR A 49 -17.44 -7.36 -5.36
CA THR A 49 -18.43 -6.90 -4.39
C THR A 49 -18.12 -5.48 -3.94
N GLY A 50 -16.95 -5.29 -3.34
CA GLY A 50 -16.56 -3.97 -2.87
C GLY A 50 -15.15 -3.94 -2.30
N VAL A 51 -14.16 -3.75 -3.18
CA VAL A 51 -12.78 -3.70 -2.74
C VAL A 51 -12.10 -2.42 -3.20
N HIS A 52 -11.42 -1.75 -2.27
CA HIS A 52 -10.73 -0.49 -2.58
C HIS A 52 -9.27 -0.75 -2.97
N PRO A 53 -8.83 -0.23 -4.12
CA PRO A 53 -7.45 -0.41 -4.58
C PRO A 53 -6.47 0.56 -3.91
N ILE A 54 -5.36 0.01 -3.42
CA ILE A 54 -4.34 0.80 -2.76
C ILE A 54 -2.95 0.27 -3.08
N VAL A 55 -1.93 1.10 -2.86
CA VAL A 55 -0.55 0.71 -3.14
C VAL A 55 0.39 1.17 -2.03
N VAL A 56 1.48 0.42 -1.82
CA VAL A 56 2.45 0.76 -0.79
C VAL A 56 3.86 0.86 -1.37
N VAL A 57 4.69 1.71 -0.76
CA VAL A 57 6.07 1.90 -1.22
C VAL A 57 7.01 2.14 -0.04
N GLN A 58 8.28 2.37 -0.35
CA GLN A 58 9.29 2.63 0.68
C GLN A 58 10.66 2.82 0.05
N PRO A 59 10.87 3.95 -0.65
CA PRO A 59 12.16 4.25 -1.31
C PRO A 59 13.33 4.15 -0.34
N ASP A 60 13.94 2.96 -0.28
CA ASP A 60 15.07 2.74 0.60
C ASP A 60 15.86 1.49 0.18
N ALA A 61 15.13 0.43 -0.13
CA ALA A 61 15.75 -0.83 -0.55
C ALA A 61 15.28 -1.23 -1.94
N TRP A 62 15.22 -0.25 -2.84
CA TRP A 62 14.78 -0.51 -4.21
C TRP A 62 15.89 -1.17 -5.04
N THR A 63 17.08 -1.29 -4.44
CA THR A 63 18.22 -1.90 -5.12
C THR A 63 18.66 -1.07 -6.31
N GLU A 64 17.90 -1.16 -7.40
CA GLU A 64 18.21 -0.40 -8.62
C GLU A 64 17.52 0.96 -8.61
N ASP A 65 18.28 2.00 -8.91
CA ASP A 65 17.74 3.35 -8.94
C ASP A 65 17.56 3.84 -10.37
N ASN A 66 16.47 3.40 -11.01
CA ASN A 66 16.18 3.79 -12.38
C ASN A 66 15.36 5.06 -12.42
N GLY A 67 14.17 5.02 -11.79
CA GLY A 67 13.30 6.18 -11.76
C GLY A 67 12.04 5.92 -10.97
N PHE A 68 11.99 6.46 -9.76
CA PHE A 68 10.82 6.29 -8.90
C PHE A 68 9.86 7.46 -9.00
N HIS A 69 10.13 8.38 -9.94
CA HIS A 69 9.27 9.55 -10.12
C HIS A 69 8.16 9.26 -11.12
N ALA A 70 7.44 8.16 -10.90
CA ALA A 70 6.34 7.77 -11.78
C ALA A 70 5.55 6.60 -11.21
N ILE A 71 5.45 6.57 -9.88
CA ILE A 71 4.71 5.49 -9.21
C ILE A 71 3.20 5.70 -9.35
N GLY A 72 2.71 6.83 -8.86
CA GLY A 72 1.29 7.12 -8.95
C GLY A 72 0.82 7.30 -10.37
N GLN A 73 1.75 7.63 -11.27
CA GLN A 73 1.43 7.85 -12.67
C GLN A 73 1.43 6.52 -13.44
N MET A 74 2.11 5.52 -12.88
CA MET A 74 2.20 4.22 -13.52
C MET A 74 1.11 3.28 -13.00
N CYS A 75 0.69 3.50 -11.76
CA CYS A 75 -0.35 2.67 -11.16
C CYS A 75 -1.66 3.45 -11.05
N GLU A 76 -2.78 2.72 -11.07
CA GLU A 76 -4.09 3.34 -10.97
C GLU A 76 -4.62 3.27 -9.55
N ALA A 77 -3.70 3.29 -8.58
CA ALA A 77 -4.07 3.22 -7.17
C ALA A 77 -3.21 4.16 -6.33
N PRO A 78 -3.68 4.54 -5.13
CA PRO A 78 -2.95 5.43 -4.24
C PRO A 78 -1.79 4.72 -3.55
N VAL A 79 -0.59 5.27 -3.71
CA VAL A 79 0.61 4.70 -3.11
C VAL A 79 0.87 5.33 -1.74
N VAL A 80 1.30 4.52 -0.78
CA VAL A 80 1.57 5.02 0.56
C VAL A 80 2.63 4.18 1.27
N THR A 81 3.61 4.84 1.89
CA THR A 81 4.67 4.15 2.61
C THR A 81 4.08 3.08 3.52
N ARG A 82 4.92 2.11 3.90
CA ARG A 82 4.47 1.03 4.78
C ARG A 82 3.87 1.57 6.07
N GLU A 83 4.20 2.82 6.41
CA GLU A 83 3.69 3.45 7.62
C GLU A 83 2.19 3.25 7.73
N TRP A 84 1.49 3.38 6.60
CA TRP A 84 0.05 3.20 6.56
C TRP A 84 -0.32 1.82 7.07
N VAL A 85 0.25 0.82 6.40
CA VAL A 85 0.01 -0.58 6.76
C VAL A 85 0.30 -0.83 8.23
N LEU A 86 1.41 -0.28 8.72
CA LEU A 86 1.80 -0.45 10.12
C LEU A 86 0.85 0.30 11.04
N ASP A 87 0.67 1.59 10.77
CA ASP A 87 -0.21 2.43 11.57
C ASP A 87 -1.63 1.86 11.60
N SER A 88 -2.01 1.19 10.53
CA SER A 88 -3.35 0.61 10.43
C SER A 88 -3.44 -0.68 11.26
N VAL A 89 -2.48 -1.57 11.07
CA VAL A 89 -2.47 -2.84 11.81
C VAL A 89 -2.15 -2.63 13.28
N ALA A 90 -1.39 -1.57 13.57
CA ALA A 90 -1.00 -1.26 14.95
C ALA A 90 -2.20 -0.80 15.77
N LEU A 91 -2.86 0.25 15.31
CA LEU A 91 -4.02 0.79 16.00
C LEU A 91 -5.32 0.15 15.51
N TYR A 92 -5.24 -0.60 14.41
CA TYR A 92 -6.42 -1.25 13.85
C TYR A 92 -7.45 -0.22 13.42
N GLN A 93 -7.21 0.40 12.28
CA GLN A 93 -8.12 1.41 11.75
C GLN A 93 -7.61 1.96 10.41
N CYS A 94 -8.51 2.02 9.43
CA CYS A 94 -8.15 2.52 8.11
C CYS A 94 -7.67 3.97 8.19
N GLN A 95 -6.38 4.15 8.45
CA GLN A 95 -5.80 5.49 8.55
C GLN A 95 -5.76 6.16 7.18
N GLU A 96 -5.52 7.47 7.18
CA GLU A 96 -5.46 8.23 5.94
C GLU A 96 -4.25 7.81 5.11
N LEU A 97 -4.33 8.06 3.80
CA LEU A 97 -3.25 7.71 2.89
C LEU A 97 -2.42 8.93 2.52
N ASP A 98 -3.01 10.11 2.67
CA ASP A 98 -2.33 11.36 2.36
C ASP A 98 -1.18 11.62 3.32
N THR A 99 -1.28 11.06 4.53
CA THR A 99 -0.25 11.23 5.54
C THR A 99 0.99 10.39 5.24
N TYR A 100 0.86 9.44 4.32
CA TYR A 100 1.99 8.59 3.95
C TYR A 100 2.03 8.34 2.45
N LEU A 101 1.30 9.17 1.69
CA LEU A 101 1.25 9.04 0.24
C LEU A 101 2.53 9.57 -0.40
N ILE A 102 3.45 8.66 -0.72
CA ILE A 102 4.71 9.04 -1.34
C ILE A 102 5.55 9.92 -0.41
N PRO A 103 6.83 9.55 -0.18
CA PRO A 103 7.72 10.32 0.69
C PRO A 103 8.18 11.63 0.05
N GLN A 104 9.03 12.36 0.76
CA GLN A 104 9.55 13.63 0.26
C GLN A 104 10.53 14.24 1.25
N ILE A 105 11.45 15.06 0.73
CA ILE A 105 12.46 15.70 1.57
C ILE A 105 11.81 16.69 2.53
N PRO A 106 12.24 16.70 3.80
CA PRO A 106 11.70 17.60 4.82
C PRO A 106 12.16 19.04 4.63
N HIS A 107 11.49 19.98 5.30
CA HIS A 107 11.84 21.38 5.20
C HIS A 107 13.27 21.62 5.68
N SER A 108 14.18 21.86 4.73
CA SER A 108 15.57 22.11 5.06
C SER A 108 16.22 23.01 4.01
N HIS A 109 16.78 24.12 4.48
CA HIS A 109 17.44 25.07 3.58
C HIS A 109 16.45 25.63 2.55
N TYR A 110 15.26 25.99 3.02
CA TYR A 110 14.23 26.52 2.14
C TYR A 110 13.07 27.08 2.95
N GLY A 1 -9.73 -10.12 14.30
CA GLY A 1 -8.65 -10.72 13.46
C GLY A 1 -9.20 -11.48 12.27
N SER A 2 -10.01 -12.50 12.55
CA SER A 2 -10.59 -13.31 11.48
C SER A 2 -11.47 -12.47 10.57
N GLN A 3 -12.13 -13.12 9.62
CA GLN A 3 -12.98 -12.41 8.67
C GLN A 3 -14.35 -12.14 9.28
N ASP A 4 -14.36 -11.39 10.37
CA ASP A 4 -15.60 -11.04 11.07
C ASP A 4 -15.90 -9.55 10.94
N ARG A 5 -14.84 -8.74 10.94
CA ARG A 5 -14.99 -7.30 10.83
C ARG A 5 -13.92 -6.69 9.94
N LYS A 6 -12.67 -6.72 10.41
CA LYS A 6 -11.55 -6.18 9.66
C LYS A 6 -11.72 -4.67 9.45
N ILE A 7 -10.73 -3.91 9.89
CA ILE A 7 -10.77 -2.44 9.76
C ILE A 7 -10.78 -2.03 8.29
N PHE A 8 -10.33 -2.92 7.41
CA PHE A 8 -10.30 -2.64 5.98
C PHE A 8 -11.57 -3.15 5.31
N ARG A 9 -11.92 -4.40 5.58
CA ARG A 9 -13.11 -5.02 5.00
C ARG A 9 -13.24 -4.73 3.51
N GLY A 10 -12.66 -5.60 2.70
CA GLY A 10 -12.71 -5.41 1.26
C GLY A 10 -11.70 -4.39 0.78
N LEU A 11 -10.44 -4.78 0.73
CA LEU A 11 -9.38 -3.89 0.29
C LEU A 11 -8.33 -4.64 -0.52
N GLU A 12 -7.56 -3.91 -1.32
CA GLU A 12 -6.52 -4.50 -2.14
C GLU A 12 -5.30 -3.60 -2.19
N ILE A 13 -4.22 -4.02 -1.56
CA ILE A 13 -2.99 -3.23 -1.52
C ILE A 13 -1.82 -4.01 -2.10
N CYS A 14 -1.15 -3.42 -3.09
CA CYS A 14 0.00 -4.05 -3.72
C CYS A 14 1.30 -3.45 -3.19
N CYS A 15 2.32 -4.29 -3.07
CA CYS A 15 3.62 -3.86 -2.57
C CYS A 15 4.59 -3.68 -3.73
N TYR A 16 4.83 -2.43 -4.11
CA TYR A 16 5.75 -2.13 -5.21
C TYR A 16 7.15 -1.83 -4.69
N GLY A 17 8.16 -2.39 -5.35
CA GLY A 17 9.52 -2.18 -4.93
C GLY A 17 9.97 -3.19 -3.88
N PRO A 18 11.24 -3.61 -3.92
CA PRO A 18 11.77 -4.59 -2.95
C PRO A 18 11.83 -4.03 -1.53
N PHE A 19 11.60 -2.74 -1.37
CA PHE A 19 11.63 -2.09 -0.06
C PHE A 19 13.05 -2.07 0.49
N THR A 20 13.52 -3.24 0.95
CA THR A 20 14.86 -3.37 1.49
C THR A 20 15.37 -4.80 1.33
N ASN A 21 14.86 -5.70 2.17
CA ASN A 21 15.26 -7.10 2.12
C ASN A 21 14.55 -7.89 3.22
N MET A 22 13.28 -7.58 3.45
CA MET A 22 12.50 -8.27 4.47
C MET A 22 11.03 -7.83 4.41
N PRO A 23 10.75 -6.54 4.64
CA PRO A 23 9.38 -6.01 4.61
C PRO A 23 8.73 -6.13 3.24
N THR A 24 8.08 -7.26 2.99
CA THR A 24 7.41 -7.50 1.72
C THR A 24 6.26 -8.48 1.89
N ASP A 25 6.55 -9.64 2.47
CA ASP A 25 5.53 -10.66 2.71
C ASP A 25 4.81 -10.37 4.02
N GLN A 26 5.52 -9.70 4.93
CA GLN A 26 4.97 -9.34 6.22
C GLN A 26 4.02 -8.16 6.07
N LEU A 27 4.26 -7.34 5.05
CA LEU A 27 3.42 -6.17 4.79
C LEU A 27 2.08 -6.59 4.20
N GLU A 28 2.12 -7.45 3.19
CA GLU A 28 0.89 -7.92 2.56
C GLU A 28 0.08 -8.75 3.53
N TRP A 29 0.75 -9.39 4.49
CA TRP A 29 0.08 -10.19 5.49
C TRP A 29 -0.67 -9.28 6.45
N MET A 30 0.04 -8.27 6.94
CA MET A 30 -0.54 -7.31 7.87
C MET A 30 -1.79 -6.68 7.28
N VAL A 31 -1.71 -6.22 6.03
CA VAL A 31 -2.86 -5.62 5.36
C VAL A 31 -3.99 -6.64 5.25
N GLN A 32 -3.62 -7.85 4.84
CA GLN A 32 -4.56 -8.95 4.69
C GLN A 32 -5.26 -9.23 6.01
N LEU A 33 -4.51 -9.09 7.10
CA LEU A 33 -5.04 -9.34 8.44
C LEU A 33 -6.04 -8.26 8.85
N CYS A 34 -5.96 -7.10 8.20
CA CYS A 34 -6.86 -5.99 8.50
C CYS A 34 -8.08 -5.97 7.59
N GLY A 35 -8.11 -6.89 6.62
CA GLY A 35 -9.24 -6.95 5.70
C GLY A 35 -8.87 -6.50 4.30
N ALA A 36 -7.61 -6.74 3.93
CA ALA A 36 -7.12 -6.36 2.62
C ALA A 36 -6.72 -7.59 1.80
N SER A 37 -6.35 -7.36 0.54
CA SER A 37 -5.94 -8.44 -0.34
C SER A 37 -4.64 -8.08 -1.05
N VAL A 38 -3.68 -8.98 -0.99
CA VAL A 38 -2.39 -8.76 -1.63
C VAL A 38 -2.52 -8.84 -3.15
N VAL A 39 -2.26 -7.74 -3.82
CA VAL A 39 -2.36 -7.68 -5.28
C VAL A 39 -1.02 -7.95 -5.92
N LYS A 40 -0.95 -9.00 -6.74
CA LYS A 40 0.28 -9.36 -7.44
C LYS A 40 0.80 -8.20 -8.28
N GLU A 41 -0.12 -7.42 -8.83
CA GLU A 41 0.25 -6.29 -9.67
C GLU A 41 -0.86 -5.23 -9.67
N LEU A 42 -0.60 -4.13 -10.35
CA LEU A 42 -1.58 -3.04 -10.44
C LEU A 42 -2.79 -3.46 -11.27
N SER A 43 -2.53 -4.19 -12.36
CA SER A 43 -3.60 -4.65 -13.23
C SER A 43 -4.43 -5.74 -12.57
N SER A 44 -3.88 -6.35 -11.52
CA SER A 44 -4.59 -7.41 -10.79
C SER A 44 -5.66 -6.84 -9.87
N PHE A 45 -5.74 -5.51 -9.78
CA PHE A 45 -6.72 -4.86 -8.92
C PHE A 45 -8.13 -5.29 -9.29
N THR A 46 -9.12 -4.72 -8.59
CA THR A 46 -10.53 -5.04 -8.83
C THR A 46 -10.75 -6.53 -9.00
N LEU A 47 -10.93 -7.23 -7.89
CA LEU A 47 -11.14 -8.67 -7.91
C LEU A 47 -12.08 -9.11 -6.79
N GLY A 48 -13.36 -9.28 -7.13
CA GLY A 48 -14.34 -9.70 -6.14
C GLY A 48 -15.66 -8.97 -6.29
N THR A 49 -15.99 -8.13 -5.31
CA THR A 49 -17.23 -7.37 -5.34
C THR A 49 -17.01 -5.93 -4.92
N GLY A 50 -16.65 -5.73 -3.65
CA GLY A 50 -16.40 -4.40 -3.14
C GLY A 50 -15.07 -4.29 -2.45
N VAL A 51 -14.04 -3.91 -3.21
CA VAL A 51 -12.70 -3.77 -2.65
C VAL A 51 -12.05 -2.46 -3.11
N HIS A 52 -11.34 -1.81 -2.19
CA HIS A 52 -10.67 -0.54 -2.50
C HIS A 52 -9.22 -0.78 -2.91
N PRO A 53 -8.81 -0.23 -4.06
CA PRO A 53 -7.44 -0.40 -4.56
C PRO A 53 -6.45 0.54 -3.90
N ILE A 54 -5.36 -0.03 -3.38
CA ILE A 54 -4.32 0.75 -2.72
C ILE A 54 -2.94 0.30 -3.17
N VAL A 55 -1.94 1.15 -2.96
CA VAL A 55 -0.57 0.83 -3.34
C VAL A 55 0.42 1.27 -2.27
N VAL A 56 1.43 0.44 -2.02
CA VAL A 56 2.44 0.77 -1.02
C VAL A 56 3.81 0.92 -1.68
N VAL A 57 4.72 1.62 -1.01
CA VAL A 57 6.05 1.85 -1.54
C VAL A 57 7.08 1.99 -0.44
N GLN A 58 8.35 2.11 -0.83
CA GLN A 58 9.45 2.26 0.13
C GLN A 58 10.80 2.30 -0.60
N PRO A 59 11.01 3.32 -1.44
CA PRO A 59 12.26 3.47 -2.20
C PRO A 59 13.50 3.35 -1.32
N ASP A 60 14.29 2.31 -1.56
CA ASP A 60 15.50 2.08 -0.78
C ASP A 60 16.30 0.92 -1.34
N ALA A 61 15.60 -0.14 -1.73
CA ALA A 61 16.25 -1.32 -2.29
C ALA A 61 16.19 -1.31 -3.82
N TRP A 62 16.12 -0.11 -4.39
CA TRP A 62 16.07 0.03 -5.85
C TRP A 62 17.47 0.14 -6.43
N THR A 63 18.35 0.85 -5.73
CA THR A 63 19.72 1.04 -6.18
C THR A 63 19.77 1.68 -7.56
N GLU A 64 20.97 1.97 -8.03
CA GLU A 64 21.16 2.58 -9.34
C GLU A 64 20.53 3.97 -9.39
N ASP A 65 19.21 4.01 -9.58
CA ASP A 65 18.49 5.27 -9.64
C ASP A 65 17.16 5.17 -8.91
N ASN A 66 16.47 6.30 -8.79
CA ASN A 66 15.18 6.35 -8.11
C ASN A 66 14.06 5.85 -9.04
N GLY A 67 13.81 6.62 -10.10
CA GLY A 67 12.78 6.24 -11.04
C GLY A 67 11.40 6.20 -10.42
N PHE A 68 11.21 6.99 -9.36
CA PHE A 68 9.92 7.05 -8.67
C PHE A 68 9.04 8.17 -9.22
N HIS A 69 9.48 8.82 -10.29
CA HIS A 69 8.73 9.91 -10.90
C HIS A 69 7.73 9.41 -11.93
N ALA A 70 7.14 8.24 -11.67
CA ALA A 70 6.16 7.65 -12.57
C ALA A 70 5.33 6.59 -11.86
N ILE A 71 5.23 6.69 -10.54
CA ILE A 71 4.46 5.73 -9.75
C ILE A 71 2.97 6.05 -9.80
N GLY A 72 2.64 7.32 -9.57
CA GLY A 72 1.24 7.73 -9.60
C GLY A 72 0.66 7.68 -11.00
N GLN A 73 1.54 7.67 -12.01
CA GLN A 73 1.11 7.63 -13.40
C GLN A 73 1.16 6.19 -13.95
N MET A 74 1.84 5.31 -13.24
CA MET A 74 1.95 3.91 -13.67
C MET A 74 0.85 3.05 -13.04
N CYS A 75 0.40 3.45 -11.85
CA CYS A 75 -0.64 2.72 -11.15
C CYS A 75 -1.90 3.57 -11.01
N GLU A 76 -3.06 2.91 -10.99
CA GLU A 76 -4.33 3.60 -10.86
C GLU A 76 -4.82 3.58 -9.42
N ALA A 77 -3.88 3.55 -8.47
CA ALA A 77 -4.21 3.52 -7.06
C ALA A 77 -3.25 4.39 -6.25
N PRO A 78 -3.61 4.73 -5.00
CA PRO A 78 -2.77 5.54 -4.13
C PRO A 78 -1.53 4.81 -3.64
N VAL A 79 -0.38 5.48 -3.75
CA VAL A 79 0.89 4.90 -3.31
C VAL A 79 1.30 5.47 -1.96
N VAL A 80 1.61 4.59 -1.01
CA VAL A 80 2.00 5.04 0.33
C VAL A 80 3.10 4.16 0.92
N THR A 81 3.87 4.72 1.85
CA THR A 81 4.93 3.97 2.49
C THR A 81 4.33 2.81 3.29
N ARG A 82 5.13 2.19 4.14
CA ARG A 82 4.66 1.07 4.95
C ARG A 82 4.05 1.56 6.27
N GLU A 83 4.32 2.81 6.61
CA GLU A 83 3.78 3.40 7.84
C GLU A 83 2.27 3.28 7.89
N TRP A 84 1.63 3.38 6.73
CA TRP A 84 0.18 3.28 6.65
C TRP A 84 -0.29 1.94 7.21
N VAL A 85 0.24 0.88 6.61
CA VAL A 85 -0.10 -0.48 7.02
C VAL A 85 0.24 -0.70 8.50
N LEU A 86 1.45 -0.32 8.88
CA LEU A 86 1.89 -0.47 10.26
C LEU A 86 1.02 0.33 11.22
N ASP A 87 0.75 1.58 10.84
CA ASP A 87 -0.07 2.45 11.67
C ASP A 87 -1.49 1.90 11.80
N SER A 88 -1.99 1.30 10.72
CA SER A 88 -3.33 0.73 10.71
C SER A 88 -3.36 -0.60 11.46
N VAL A 89 -2.37 -1.45 11.19
CA VAL A 89 -2.29 -2.75 11.83
C VAL A 89 -1.92 -2.63 13.31
N ALA A 90 -1.21 -1.56 13.65
CA ALA A 90 -0.79 -1.33 15.03
C ALA A 90 -1.96 -0.89 15.90
N LEU A 91 -2.66 0.15 15.47
CA LEU A 91 -3.79 0.68 16.21
C LEU A 91 -5.12 0.10 15.69
N TYR A 92 -5.05 -0.73 14.66
CA TYR A 92 -6.24 -1.33 14.08
C TYR A 92 -7.24 -0.26 13.64
N GLN A 93 -6.99 0.33 12.48
CA GLN A 93 -7.87 1.37 11.94
C GLN A 93 -7.37 1.84 10.58
N CYS A 94 -8.25 1.81 9.59
CA CYS A 94 -7.90 2.25 8.24
C CYS A 94 -7.44 3.70 8.23
N GLN A 95 -6.15 3.90 8.45
CA GLN A 95 -5.58 5.25 8.48
C GLN A 95 -5.67 5.90 7.09
N GLU A 96 -5.43 7.20 7.05
CA GLU A 96 -5.48 7.94 5.78
C GLU A 96 -4.16 7.81 5.03
N LEU A 97 -4.26 7.48 3.75
CA LEU A 97 -3.07 7.32 2.91
C LEU A 97 -2.35 8.65 2.71
N ASP A 98 -3.10 9.73 2.75
CA ASP A 98 -2.54 11.07 2.57
C ASP A 98 -1.43 11.35 3.60
N THR A 99 -1.50 10.67 4.74
CA THR A 99 -0.51 10.84 5.79
C THR A 99 0.77 10.06 5.50
N TYR A 100 0.72 9.17 4.52
CA TYR A 100 1.89 8.38 4.14
C TYR A 100 1.97 8.19 2.63
N LEU A 101 1.46 9.16 1.89
CA LEU A 101 1.48 9.11 0.43
C LEU A 101 2.72 9.80 -0.11
N ILE A 102 3.19 9.33 -1.28
CA ILE A 102 4.36 9.90 -1.91
C ILE A 102 4.02 10.50 -3.27
N PRO A 103 3.71 11.80 -3.31
CA PRO A 103 3.36 12.50 -4.56
C PRO A 103 4.58 12.84 -5.39
N GLN A 104 4.39 13.67 -6.42
CA GLN A 104 5.48 14.08 -7.29
C GLN A 104 6.03 15.43 -6.86
N ILE A 105 7.35 15.50 -6.68
CA ILE A 105 8.00 16.75 -6.27
C ILE A 105 7.46 17.23 -4.93
N PRO A 106 8.18 16.93 -3.83
CA PRO A 106 7.77 17.34 -2.48
C PRO A 106 7.42 18.82 -2.42
N HIS A 107 8.40 19.67 -2.73
CA HIS A 107 8.19 21.11 -2.71
C HIS A 107 7.80 21.64 -4.08
N SER A 108 6.51 21.89 -4.26
CA SER A 108 6.00 22.40 -5.53
C SER A 108 4.77 23.27 -5.32
N HIS A 109 3.83 22.78 -4.51
CA HIS A 109 2.61 23.52 -4.23
C HIS A 109 2.05 23.14 -2.86
N TYR A 110 1.68 21.87 -2.72
CA TYR A 110 1.12 21.37 -1.47
C TYR A 110 2.19 20.65 -0.65
N GLY A 1 -7.51 -13.32 8.77
CA GLY A 1 -7.94 -14.06 7.56
C GLY A 1 -9.38 -14.53 7.63
N SER A 2 -9.86 -14.75 8.85
CA SER A 2 -11.22 -15.21 9.07
C SER A 2 -12.13 -14.05 9.43
N GLN A 3 -13.35 -14.06 8.89
CA GLN A 3 -14.32 -13.00 9.16
C GLN A 3 -14.63 -12.92 10.65
N ASP A 4 -14.26 -11.79 11.26
CA ASP A 4 -14.49 -11.58 12.68
C ASP A 4 -14.46 -10.10 13.02
N ARG A 5 -13.46 -9.40 12.49
CA ARG A 5 -13.32 -7.96 12.73
C ARG A 5 -12.13 -7.40 11.96
N LYS A 6 -12.38 -6.90 10.76
CA LYS A 6 -11.33 -6.33 9.92
C LYS A 6 -11.52 -4.83 9.77
N ILE A 7 -10.41 -4.11 9.67
CA ILE A 7 -10.46 -2.65 9.52
C ILE A 7 -10.50 -2.22 8.06
N PHE A 8 -10.05 -3.10 7.17
CA PHE A 8 -10.03 -2.80 5.75
C PHE A 8 -11.31 -3.30 5.09
N ARG A 9 -11.68 -4.55 5.39
CA ARG A 9 -12.90 -5.16 4.83
C ARG A 9 -13.09 -4.76 3.38
N GLY A 10 -12.47 -5.51 2.47
CA GLY A 10 -12.58 -5.21 1.06
C GLY A 10 -11.67 -4.08 0.66
N LEU A 11 -10.38 -4.33 0.74
CA LEU A 11 -9.37 -3.34 0.41
C LEU A 11 -8.15 -3.99 -0.23
N GLU A 12 -7.81 -3.57 -1.44
CA GLU A 12 -6.67 -4.13 -2.15
C GLU A 12 -5.41 -3.30 -1.94
N ILE A 13 -4.36 -3.93 -1.44
CA ILE A 13 -3.08 -3.24 -1.19
C ILE A 13 -1.91 -4.04 -1.74
N CYS A 14 -0.99 -3.34 -2.39
CA CYS A 14 0.19 -3.97 -2.97
C CYS A 14 1.45 -3.16 -2.67
N CYS A 15 2.55 -3.85 -2.41
CA CYS A 15 3.82 -3.20 -2.11
C CYS A 15 4.79 -3.32 -3.29
N TYR A 16 5.04 -2.21 -3.96
CA TYR A 16 5.94 -2.20 -5.10
C TYR A 16 7.35 -1.81 -4.67
N GLY A 17 8.24 -2.80 -4.59
CA GLY A 17 9.61 -2.54 -4.19
C GLY A 17 10.04 -3.39 -3.01
N PRO A 18 11.37 -3.52 -2.79
CA PRO A 18 11.91 -4.31 -1.70
C PRO A 18 11.84 -3.59 -0.35
N PHE A 19 11.61 -2.28 -0.40
CA PHE A 19 11.52 -1.47 0.81
C PHE A 19 12.84 -1.47 1.57
N THR A 20 13.08 -2.53 2.33
CA THR A 20 14.30 -2.66 3.11
C THR A 20 14.99 -3.99 2.83
N ASN A 21 14.50 -5.05 3.47
CA ASN A 21 15.07 -6.38 3.28
C ASN A 21 14.17 -7.25 2.41
N MET A 22 13.04 -7.65 2.97
CA MET A 22 12.08 -8.48 2.24
C MET A 22 10.71 -8.47 2.92
N PRO A 23 10.15 -7.27 3.17
CA PRO A 23 8.85 -7.13 3.81
C PRO A 23 7.68 -7.25 2.84
N THR A 24 7.98 -7.68 1.61
CA THR A 24 6.95 -7.83 0.59
C THR A 24 5.87 -8.82 1.03
N ASP A 25 6.29 -9.90 1.68
CA ASP A 25 5.35 -10.91 2.15
C ASP A 25 4.85 -10.55 3.54
N GLN A 26 5.66 -9.80 4.27
CA GLN A 26 5.31 -9.37 5.62
C GLN A 26 4.31 -8.23 5.58
N LEU A 27 4.40 -7.41 4.53
CA LEU A 27 3.49 -6.29 4.37
C LEU A 27 2.12 -6.77 3.92
N GLU A 28 2.10 -7.65 2.93
CA GLU A 28 0.84 -8.19 2.42
C GLU A 28 0.14 -9.01 3.50
N TRP A 29 0.92 -9.57 4.42
CA TRP A 29 0.36 -10.36 5.51
C TRP A 29 -0.41 -9.44 6.46
N MET A 30 0.25 -8.37 6.88
CA MET A 30 -0.35 -7.40 7.78
C MET A 30 -1.67 -6.88 7.22
N VAL A 31 -1.66 -6.47 5.95
CA VAL A 31 -2.87 -5.96 5.32
C VAL A 31 -3.95 -7.03 5.32
N GLN A 32 -3.56 -8.26 4.97
CA GLN A 32 -4.49 -9.38 4.95
C GLN A 32 -5.10 -9.58 6.33
N LEU A 33 -4.31 -9.29 7.35
CA LEU A 33 -4.76 -9.42 8.73
C LEU A 33 -5.80 -8.35 9.07
N CYS A 34 -5.79 -7.27 8.29
CA CYS A 34 -6.72 -6.16 8.50
C CYS A 34 -7.98 -6.32 7.65
N GLY A 35 -8.02 -7.35 6.82
CA GLY A 35 -9.18 -7.59 5.98
C GLY A 35 -8.89 -7.36 4.51
N ALA A 36 -7.95 -6.46 4.24
CA ALA A 36 -7.56 -6.15 2.89
C ALA A 36 -7.07 -7.39 2.13
N SER A 37 -7.14 -7.33 0.81
CA SER A 37 -6.69 -8.43 -0.02
C SER A 37 -5.29 -8.15 -0.57
N VAL A 38 -4.41 -9.12 -0.46
CA VAL A 38 -3.04 -8.96 -0.93
C VAL A 38 -3.00 -8.95 -2.46
N VAL A 39 -2.62 -7.81 -3.03
CA VAL A 39 -2.54 -7.67 -4.48
C VAL A 39 -1.11 -7.80 -4.97
N LYS A 40 -0.85 -8.82 -5.78
CA LYS A 40 0.48 -9.08 -6.31
C LYS A 40 1.00 -7.93 -7.16
N GLU A 41 0.15 -7.45 -8.07
CA GLU A 41 0.54 -6.35 -8.95
C GLU A 41 -0.55 -5.29 -9.03
N LEU A 42 -0.22 -4.16 -9.67
CA LEU A 42 -1.17 -3.07 -9.82
C LEU A 42 -2.34 -3.49 -10.72
N SER A 43 -2.02 -4.14 -11.82
CA SER A 43 -3.03 -4.60 -12.76
C SER A 43 -4.01 -5.58 -12.08
N SER A 44 -3.53 -6.27 -11.06
CA SER A 44 -4.35 -7.23 -10.33
C SER A 44 -5.58 -6.56 -9.73
N PHE A 45 -5.50 -5.24 -9.53
CA PHE A 45 -6.61 -4.48 -8.96
C PHE A 45 -7.89 -4.71 -9.76
N THR A 46 -8.93 -5.17 -9.07
CA THR A 46 -10.22 -5.43 -9.72
C THR A 46 -11.38 -5.09 -8.79
N LEU A 47 -12.08 -4.00 -9.11
CA LEU A 47 -13.21 -3.56 -8.30
C LEU A 47 -14.29 -4.63 -8.24
N GLY A 48 -15.02 -4.67 -7.14
CA GLY A 48 -16.08 -5.65 -6.98
C GLY A 48 -17.28 -5.10 -6.25
N THR A 49 -17.58 -5.65 -5.07
CA THR A 49 -18.71 -5.22 -4.27
C THR A 49 -18.35 -3.99 -3.44
N GLY A 50 -17.08 -3.90 -3.06
CA GLY A 50 -16.63 -2.77 -2.26
C GLY A 50 -15.14 -2.81 -1.98
N VAL A 51 -14.37 -3.26 -2.96
CA VAL A 51 -12.93 -3.35 -2.82
C VAL A 51 -12.24 -2.09 -3.37
N HIS A 52 -11.53 -1.39 -2.49
CA HIS A 52 -10.83 -0.17 -2.89
C HIS A 52 -9.37 -0.47 -3.22
N PRO A 53 -8.86 0.08 -4.33
CA PRO A 53 -7.48 -0.14 -4.76
C PRO A 53 -6.49 0.76 -4.02
N ILE A 54 -5.48 0.15 -3.41
CA ILE A 54 -4.46 0.88 -2.67
C ILE A 54 -3.07 0.38 -3.01
N VAL A 55 -2.09 1.28 -2.97
CA VAL A 55 -0.71 0.92 -3.28
C VAL A 55 0.23 1.34 -2.15
N VAL A 56 1.34 0.62 -2.02
CA VAL A 56 2.32 0.92 -0.99
C VAL A 56 3.70 1.15 -1.60
N VAL A 57 4.35 2.24 -1.20
CA VAL A 57 5.67 2.58 -1.72
C VAL A 57 6.55 3.20 -0.65
N GLN A 58 7.68 2.56 -0.37
CA GLN A 58 8.61 3.05 0.63
C GLN A 58 10.06 2.85 0.17
N PRO A 59 10.60 3.81 -0.59
CA PRO A 59 11.98 3.74 -1.10
C PRO A 59 13.01 3.82 0.02
N ASP A 60 14.01 2.94 -0.05
CA ASP A 60 15.06 2.91 0.96
C ASP A 60 16.12 1.87 0.62
N ALA A 61 15.67 0.72 0.11
CA ALA A 61 16.57 -0.36 -0.27
C ALA A 61 16.74 -0.44 -1.79
N TRP A 62 16.62 0.72 -2.44
CA TRP A 62 16.76 0.78 -3.90
C TRP A 62 18.22 0.96 -4.30
N THR A 63 18.96 1.70 -3.47
CA THR A 63 20.37 1.96 -3.74
C THR A 63 20.56 2.87 -4.95
N GLU A 64 20.21 2.36 -6.12
CA GLU A 64 20.34 3.12 -7.35
C GLU A 64 19.05 3.90 -7.64
N ASP A 65 19.15 4.86 -8.54
CA ASP A 65 18.00 5.68 -8.91
C ASP A 65 17.44 5.26 -10.27
N ASN A 66 16.91 4.05 -10.33
CA ASN A 66 16.34 3.51 -11.57
C ASN A 66 15.21 4.40 -12.06
N GLY A 67 14.52 5.04 -11.14
CA GLY A 67 13.41 5.91 -11.49
C GLY A 67 12.13 5.53 -10.78
N PHE A 68 11.96 6.02 -9.56
CA PHE A 68 10.78 5.73 -8.76
C PHE A 68 9.78 6.90 -8.80
N HIS A 69 10.06 7.89 -9.64
CA HIS A 69 9.18 9.05 -9.76
C HIS A 69 8.15 8.85 -10.87
N ALA A 70 7.49 7.69 -10.83
CA ALA A 70 6.47 7.37 -11.83
C ALA A 70 5.50 6.31 -11.32
N ILE A 71 5.30 6.30 -10.00
CA ILE A 71 4.40 5.34 -9.38
C ILE A 71 2.97 5.54 -9.87
N GLY A 72 2.57 6.80 -10.03
CA GLY A 72 1.23 7.11 -10.49
C GLY A 72 1.08 6.93 -11.99
N GLN A 73 2.19 7.06 -12.71
CA GLN A 73 2.17 6.90 -14.16
C GLN A 73 1.89 5.46 -14.56
N MET A 74 2.24 4.52 -13.69
CA MET A 74 2.02 3.10 -13.94
C MET A 74 0.70 2.64 -13.33
N CYS A 75 0.31 3.27 -12.23
CA CYS A 75 -0.93 2.92 -11.55
C CYS A 75 -1.71 4.16 -11.16
N GLU A 76 -3.04 4.07 -11.21
CA GLU A 76 -3.90 5.19 -10.87
C GLU A 76 -4.49 5.02 -9.47
N ALA A 77 -3.73 4.37 -8.59
CA ALA A 77 -4.18 4.15 -7.21
C ALA A 77 -3.33 4.94 -6.22
N PRO A 78 -3.80 5.05 -4.96
CA PRO A 78 -3.08 5.79 -3.92
C PRO A 78 -1.93 4.98 -3.32
N VAL A 79 -0.71 5.38 -3.63
CA VAL A 79 0.47 4.69 -3.11
C VAL A 79 0.93 5.32 -1.80
N VAL A 80 1.09 4.51 -0.76
CA VAL A 80 1.51 5.02 0.54
C VAL A 80 2.57 4.12 1.18
N THR A 81 3.57 4.73 1.81
CA THR A 81 4.63 3.97 2.47
C THR A 81 4.05 2.94 3.42
N ARG A 82 4.86 1.96 3.80
CA ARG A 82 4.41 0.90 4.71
C ARG A 82 3.84 1.48 6.00
N GLU A 83 4.21 2.73 6.32
CA GLU A 83 3.73 3.38 7.53
C GLU A 83 2.22 3.19 7.66
N TRP A 84 1.50 3.37 6.56
CA TRP A 84 0.06 3.20 6.55
C TRP A 84 -0.31 1.81 7.03
N VAL A 85 0.23 0.82 6.35
CA VAL A 85 0.00 -0.58 6.69
C VAL A 85 0.34 -0.87 8.16
N LEU A 86 1.46 -0.34 8.61
CA LEU A 86 1.89 -0.53 9.99
C LEU A 86 0.98 0.20 10.96
N ASP A 87 0.85 1.52 10.76
CA ASP A 87 0.00 2.34 11.62
C ASP A 87 -1.43 1.80 11.65
N SER A 88 -1.86 1.20 10.55
CA SER A 88 -3.20 0.65 10.45
C SER A 88 -3.30 -0.68 11.19
N VAL A 89 -2.36 -1.58 10.91
CA VAL A 89 -2.35 -2.90 11.56
C VAL A 89 -1.95 -2.80 13.02
N ALA A 90 -1.18 -1.77 13.36
CA ALA A 90 -0.74 -1.58 14.74
C ALA A 90 -1.91 -1.23 15.65
N LEU A 91 -2.62 -0.15 15.32
CA LEU A 91 -3.76 0.29 16.10
C LEU A 91 -5.05 -0.36 15.59
N TYR A 92 -4.99 -0.99 14.43
CA TYR A 92 -6.16 -1.65 13.84
C TYR A 92 -7.22 -0.63 13.47
N GLN A 93 -7.01 0.06 12.34
CA GLN A 93 -7.95 1.07 11.87
C GLN A 93 -7.49 1.66 10.55
N CYS A 94 -8.42 1.78 9.60
CA CYS A 94 -8.11 2.33 8.29
C CYS A 94 -7.58 3.75 8.41
N GLN A 95 -6.26 3.87 8.55
CA GLN A 95 -5.62 5.17 8.68
C GLN A 95 -5.61 5.91 7.34
N GLU A 96 -5.46 7.24 7.41
CA GLU A 96 -5.44 8.06 6.21
C GLU A 96 -4.24 7.71 5.34
N LEU A 97 -4.37 7.95 4.03
CA LEU A 97 -3.30 7.65 3.09
C LEU A 97 -2.55 8.92 2.68
N ASP A 98 -3.28 10.03 2.61
CA ASP A 98 -2.69 11.31 2.23
C ASP A 98 -1.53 11.70 3.15
N THR A 99 -1.50 11.13 4.35
CA THR A 99 -0.44 11.42 5.31
C THR A 99 0.83 10.62 5.00
N TYR A 100 0.70 9.53 4.25
CA TYR A 100 1.84 8.70 3.89
C TYR A 100 1.85 8.37 2.41
N LEU A 101 1.18 9.21 1.61
CA LEU A 101 1.12 9.00 0.18
C LEU A 101 2.29 9.66 -0.54
N ILE A 102 2.77 9.03 -1.60
CA ILE A 102 3.90 9.55 -2.36
C ILE A 102 5.16 9.60 -1.52
N PRO A 103 6.31 9.17 -2.09
CA PRO A 103 7.59 9.17 -1.36
C PRO A 103 8.08 10.59 -1.08
N GLN A 104 9.31 10.68 -0.57
CA GLN A 104 9.91 11.97 -0.26
C GLN A 104 9.07 12.72 0.77
N ILE A 105 9.33 12.44 2.05
CA ILE A 105 8.60 13.09 3.14
C ILE A 105 9.44 13.16 4.40
N PRO A 106 9.70 14.37 4.93
CA PRO A 106 10.50 14.55 6.14
C PRO A 106 9.78 14.06 7.39
N HIS A 107 10.39 13.13 8.10
CA HIS A 107 9.81 12.58 9.31
C HIS A 107 10.87 11.87 10.16
N SER A 108 12.10 12.37 10.07
CA SER A 108 13.20 11.79 10.83
C SER A 108 14.12 12.88 11.38
N HIS A 109 13.53 14.00 11.77
CA HIS A 109 14.30 15.12 12.31
C HIS A 109 13.52 15.83 13.41
N TYR A 110 13.76 15.42 14.65
CA TYR A 110 13.08 16.02 15.80
C TYR A 110 13.80 17.28 16.26
N GLY A 1 -19.31 -20.01 16.51
CA GLY A 1 -18.68 -19.07 17.47
C GLY A 1 -17.48 -18.36 16.89
N SER A 2 -17.71 -17.56 15.85
CA SER A 2 -16.64 -16.81 15.20
C SER A 2 -16.98 -15.33 15.12
N GLN A 3 -16.25 -14.50 15.86
CA GLN A 3 -16.48 -13.07 15.87
C GLN A 3 -15.20 -12.32 15.48
N ASP A 4 -15.30 -11.53 14.41
CA ASP A 4 -14.16 -10.76 13.92
C ASP A 4 -14.60 -9.38 13.45
N ARG A 5 -13.63 -8.55 13.07
CA ARG A 5 -13.92 -7.21 12.59
C ARG A 5 -12.71 -6.60 11.89
N LYS A 6 -12.63 -6.80 10.58
CA LYS A 6 -11.51 -6.27 9.80
C LYS A 6 -11.67 -4.76 9.61
N ILE A 7 -10.58 -4.03 9.76
CA ILE A 7 -10.60 -2.57 9.62
C ILE A 7 -10.67 -2.15 8.16
N PHE A 8 -10.22 -3.01 7.26
CA PHE A 8 -10.24 -2.71 5.84
C PHE A 8 -11.50 -3.24 5.19
N ARG A 9 -11.84 -4.50 5.48
CA ARG A 9 -13.03 -5.14 4.94
C ARG A 9 -13.17 -4.86 3.44
N GLY A 10 -12.61 -5.75 2.63
CA GLY A 10 -12.67 -5.59 1.19
C GLY A 10 -11.71 -4.53 0.69
N LEU A 11 -10.43 -4.89 0.64
CA LEU A 11 -9.40 -3.97 0.20
C LEU A 11 -8.29 -4.72 -0.56
N GLU A 12 -7.50 -3.97 -1.30
CA GLU A 12 -6.39 -4.54 -2.07
C GLU A 12 -5.18 -3.63 -2.02
N ILE A 13 -4.15 -4.06 -1.32
CA ILE A 13 -2.92 -3.27 -1.18
C ILE A 13 -1.70 -4.02 -1.70
N CYS A 14 -0.92 -3.35 -2.54
CA CYS A 14 0.28 -3.95 -3.11
C CYS A 14 1.53 -3.22 -2.64
N CYS A 15 2.57 -3.99 -2.33
CA CYS A 15 3.83 -3.43 -1.87
C CYS A 15 4.90 -3.53 -2.95
N TYR A 16 5.25 -2.39 -3.54
CA TYR A 16 6.26 -2.35 -4.60
C TYR A 16 7.63 -2.06 -4.04
N GLY A 17 8.57 -3.00 -4.24
CA GLY A 17 9.92 -2.82 -3.75
C GLY A 17 10.20 -3.66 -2.51
N PRO A 18 11.49 -3.79 -2.13
CA PRO A 18 11.89 -4.57 -0.95
C PRO A 18 11.78 -3.77 0.35
N PHE A 19 11.56 -2.47 0.22
CA PHE A 19 11.45 -1.60 1.39
C PHE A 19 12.75 -1.57 2.18
N THR A 20 12.95 -2.59 3.01
CA THR A 20 14.16 -2.69 3.82
C THR A 20 14.86 -4.02 3.59
N ASN A 21 14.25 -5.10 4.08
CA ASN A 21 14.82 -6.43 3.93
C ASN A 21 13.97 -7.28 2.98
N MET A 22 12.79 -7.67 3.46
CA MET A 22 11.88 -8.48 2.65
C MET A 22 10.50 -8.54 3.30
N PRO A 23 9.87 -7.37 3.55
CA PRO A 23 8.55 -7.30 4.16
C PRO A 23 7.41 -7.38 3.14
N THR A 24 7.73 -7.85 1.94
CA THR A 24 6.74 -7.96 0.88
C THR A 24 5.64 -8.95 1.26
N ASP A 25 6.03 -10.07 1.86
CA ASP A 25 5.07 -11.08 2.29
C ASP A 25 4.58 -10.80 3.70
N GLN A 26 5.40 -10.10 4.47
CA GLN A 26 5.06 -9.76 5.83
C GLN A 26 4.12 -8.56 5.86
N LEU A 27 4.27 -7.67 4.89
CA LEU A 27 3.43 -6.49 4.79
C LEU A 27 2.05 -6.86 4.27
N GLU A 28 2.02 -7.70 3.24
CA GLU A 28 0.75 -8.14 2.66
C GLU A 28 -0.04 -8.97 3.67
N TRP A 29 0.69 -9.63 4.58
CA TRP A 29 0.07 -10.45 5.60
C TRP A 29 -0.70 -9.56 6.56
N MET A 30 -0.02 -8.55 7.08
CA MET A 30 -0.62 -7.60 8.01
C MET A 30 -1.88 -6.98 7.41
N VAL A 31 -1.77 -6.47 6.18
CA VAL A 31 -2.93 -5.88 5.52
C VAL A 31 -4.03 -6.91 5.39
N GLN A 32 -3.64 -8.12 4.98
CA GLN A 32 -4.58 -9.22 4.85
C GLN A 32 -5.28 -9.47 6.19
N LEU A 33 -4.53 -9.23 7.26
CA LEU A 33 -5.02 -9.41 8.61
C LEU A 33 -6.04 -8.31 8.96
N CYS A 34 -5.99 -7.21 8.23
CA CYS A 34 -6.89 -6.08 8.47
C CYS A 34 -8.13 -6.15 7.58
N GLY A 35 -8.18 -7.16 6.70
CA GLY A 35 -9.33 -7.31 5.81
C GLY A 35 -8.98 -7.10 4.35
N ALA A 36 -7.84 -6.48 4.10
CA ALA A 36 -7.39 -6.21 2.74
C ALA A 36 -6.91 -7.50 2.07
N SER A 37 -6.52 -7.37 0.80
CA SER A 37 -6.04 -8.51 0.03
C SER A 37 -4.74 -8.16 -0.68
N VAL A 38 -3.80 -9.11 -0.69
CA VAL A 38 -2.51 -8.89 -1.34
C VAL A 38 -2.66 -8.89 -2.86
N VAL A 39 -2.24 -7.80 -3.49
CA VAL A 39 -2.33 -7.67 -4.94
C VAL A 39 -1.03 -8.11 -5.61
N LYS A 40 -1.15 -8.96 -6.62
CA LYS A 40 0.02 -9.46 -7.34
C LYS A 40 0.73 -8.33 -8.08
N GLU A 41 -0.06 -7.47 -8.72
CA GLU A 41 0.48 -6.34 -9.47
C GLU A 41 -0.47 -5.14 -9.41
N LEU A 42 -0.07 -4.06 -10.07
CA LEU A 42 -0.88 -2.84 -10.09
C LEU A 42 -2.12 -3.04 -10.95
N SER A 43 -1.96 -3.71 -12.08
CA SER A 43 -3.08 -3.95 -12.99
C SER A 43 -4.03 -5.01 -12.42
N SER A 44 -3.62 -5.67 -11.33
CA SER A 44 -4.44 -6.70 -10.71
C SER A 44 -5.62 -6.09 -9.96
N PHE A 45 -5.53 -4.80 -9.64
CA PHE A 45 -6.58 -4.11 -8.91
C PHE A 45 -7.94 -4.29 -9.61
N THR A 46 -8.85 -5.00 -8.95
CA THR A 46 -10.17 -5.24 -9.51
C THR A 46 -11.24 -4.48 -8.74
N LEU A 47 -12.06 -3.72 -9.46
CA LEU A 47 -13.12 -2.94 -8.84
C LEU A 47 -14.44 -3.71 -8.87
N GLY A 48 -15.06 -3.85 -7.70
CA GLY A 48 -16.33 -4.55 -7.61
C GLY A 48 -17.26 -3.96 -6.58
N THR A 49 -17.11 -2.65 -6.34
CA THR A 49 -17.96 -1.97 -5.37
C THR A 49 -17.78 -2.57 -3.98
N GLY A 50 -16.56 -2.98 -3.66
CA GLY A 50 -16.29 -3.57 -2.36
C GLY A 50 -14.82 -3.56 -2.01
N VAL A 51 -13.98 -3.89 -3.00
CA VAL A 51 -12.54 -3.92 -2.80
C VAL A 51 -11.89 -2.63 -3.29
N HIS A 52 -11.25 -1.91 -2.38
CA HIS A 52 -10.59 -0.66 -2.72
C HIS A 52 -9.11 -0.89 -3.04
N PRO A 53 -8.65 -0.41 -4.22
CA PRO A 53 -7.26 -0.59 -4.64
C PRO A 53 -6.30 0.40 -3.96
N ILE A 54 -5.22 -0.12 -3.41
CA ILE A 54 -4.22 0.71 -2.73
C ILE A 54 -2.80 0.25 -3.09
N VAL A 55 -1.87 1.19 -3.13
CA VAL A 55 -0.49 0.88 -3.46
C VAL A 55 0.45 1.33 -2.35
N VAL A 56 1.57 0.63 -2.20
CA VAL A 56 2.55 0.97 -1.18
C VAL A 56 3.96 1.07 -1.77
N VAL A 57 4.75 1.99 -1.24
CA VAL A 57 6.12 2.20 -1.71
C VAL A 57 7.09 2.36 -0.55
N GLN A 58 8.35 2.59 -0.88
CA GLN A 58 9.40 2.76 0.13
C GLN A 58 10.77 2.84 -0.50
N PRO A 59 11.13 4.01 -1.07
CA PRO A 59 12.43 4.22 -1.72
C PRO A 59 13.56 4.35 -0.71
N ASP A 60 14.14 3.21 -0.33
CA ASP A 60 15.24 3.20 0.62
C ASP A 60 16.20 2.05 0.33
N ALA A 61 15.66 0.85 0.22
CA ALA A 61 16.46 -0.34 -0.06
C ALA A 61 16.39 -0.71 -1.54
N TRP A 62 16.29 0.30 -2.41
CA TRP A 62 16.22 0.08 -3.83
C TRP A 62 17.61 -0.10 -4.44
N THR A 63 18.60 0.55 -3.82
CA THR A 63 19.98 0.47 -4.29
C THR A 63 20.13 1.10 -5.66
N GLU A 64 19.68 0.38 -6.68
CA GLU A 64 19.76 0.86 -8.06
C GLU A 64 18.70 1.93 -8.33
N ASP A 65 18.93 2.75 -9.35
CA ASP A 65 18.00 3.80 -9.71
C ASP A 65 17.32 3.50 -11.04
N ASN A 66 16.21 2.77 -10.99
CA ASN A 66 15.47 2.40 -12.18
C ASN A 66 14.57 3.55 -12.64
N GLY A 67 13.83 4.12 -11.70
CA GLY A 67 12.94 5.23 -12.02
C GLY A 67 11.67 5.20 -11.19
N PHE A 68 11.67 5.93 -10.08
CA PHE A 68 10.51 5.98 -9.20
C PHE A 68 9.58 7.14 -9.57
N HIS A 69 9.86 7.80 -10.68
CA HIS A 69 9.04 8.92 -11.13
C HIS A 69 7.93 8.45 -12.07
N ALA A 70 7.16 7.46 -11.62
CA ALA A 70 6.07 6.93 -12.42
C ALA A 70 5.21 5.96 -11.60
N ILE A 71 5.07 6.26 -10.32
CA ILE A 71 4.26 5.43 -9.43
C ILE A 71 2.78 5.64 -9.68
N GLY A 72 2.34 6.90 -9.62
CA GLY A 72 0.95 7.21 -9.86
C GLY A 72 0.60 7.21 -11.34
N GLN A 73 1.61 7.36 -12.19
CA GLN A 73 1.40 7.37 -13.63
C GLN A 73 1.34 5.96 -14.18
N MET A 74 1.83 5.00 -13.41
CA MET A 74 1.82 3.60 -13.83
C MET A 74 0.58 2.88 -13.30
N CYS A 75 0.03 3.39 -12.21
CA CYS A 75 -1.16 2.79 -11.61
C CYS A 75 -2.18 3.88 -11.25
N GLU A 76 -3.45 3.48 -11.17
CA GLU A 76 -4.52 4.40 -10.85
C GLU A 76 -4.97 4.24 -9.40
N ALA A 77 -4.02 3.89 -8.53
CA ALA A 77 -4.31 3.69 -7.12
C ALA A 77 -3.43 4.58 -6.24
N PRO A 78 -3.79 4.74 -4.96
CA PRO A 78 -3.03 5.56 -4.01
C PRO A 78 -1.79 4.85 -3.48
N VAL A 79 -0.63 5.44 -3.72
CA VAL A 79 0.62 4.87 -3.25
C VAL A 79 1.03 5.47 -1.91
N VAL A 80 1.18 4.61 -0.90
CA VAL A 80 1.55 5.10 0.44
C VAL A 80 2.60 4.19 1.08
N THR A 81 3.61 4.80 1.68
CA THR A 81 4.67 4.04 2.35
C THR A 81 4.08 3.01 3.31
N ARG A 82 4.92 2.12 3.82
CA ARG A 82 4.46 1.09 4.75
C ARG A 82 3.91 1.70 6.03
N GLU A 83 4.22 2.97 6.28
CA GLU A 83 3.75 3.65 7.48
C GLU A 83 2.23 3.47 7.64
N TRP A 84 1.51 3.58 6.53
CA TRP A 84 0.07 3.40 6.55
C TRP A 84 -0.28 2.02 7.05
N VAL A 85 0.26 1.02 6.36
CA VAL A 85 0.04 -0.37 6.69
C VAL A 85 0.42 -0.65 8.15
N LEU A 86 1.56 -0.11 8.57
CA LEU A 86 2.03 -0.30 9.94
C LEU A 86 1.15 0.45 10.93
N ASP A 87 0.83 1.70 10.61
CA ASP A 87 0.00 2.52 11.48
C ASP A 87 -1.40 1.94 11.56
N SER A 88 -1.85 1.32 10.47
CA SER A 88 -3.18 0.71 10.43
C SER A 88 -3.21 -0.62 11.18
N VAL A 89 -2.22 -1.47 10.91
CA VAL A 89 -2.15 -2.77 11.55
C VAL A 89 -1.78 -2.65 13.03
N ALA A 90 -1.00 -1.61 13.34
CA ALA A 90 -0.56 -1.39 14.72
C ALA A 90 -1.73 -0.99 15.61
N LEU A 91 -2.43 0.07 15.24
CA LEU A 91 -3.57 0.56 16.01
C LEU A 91 -4.87 -0.13 15.57
N TYR A 92 -4.84 -0.76 14.40
CA TYR A 92 -6.02 -1.45 13.88
C TYR A 92 -7.11 -0.45 13.53
N GLN A 93 -6.94 0.22 12.38
CA GLN A 93 -7.92 1.20 11.92
C GLN A 93 -7.48 1.82 10.60
N CYS A 94 -8.41 1.96 9.67
CA CYS A 94 -8.12 2.54 8.36
C CYS A 94 -7.56 3.95 8.50
N GLN A 95 -6.23 4.05 8.59
CA GLN A 95 -5.57 5.35 8.73
C GLN A 95 -5.59 6.11 7.40
N GLU A 96 -5.40 7.42 7.48
CA GLU A 96 -5.38 8.26 6.29
C GLU A 96 -4.16 7.94 5.42
N LEU A 97 -4.36 7.90 4.11
CA LEU A 97 -3.29 7.60 3.17
C LEU A 97 -2.54 8.87 2.76
N ASP A 98 -3.27 9.98 2.68
CA ASP A 98 -2.68 11.25 2.29
C ASP A 98 -1.50 11.63 3.19
N THR A 99 -1.47 11.07 4.40
CA THR A 99 -0.39 11.36 5.34
C THR A 99 0.88 10.61 4.98
N TYR A 100 0.75 9.51 4.25
CA TYR A 100 1.90 8.70 3.85
C TYR A 100 1.91 8.45 2.35
N LEU A 101 1.15 9.26 1.61
CA LEU A 101 1.08 9.12 0.16
C LEU A 101 2.19 9.91 -0.53
N ILE A 102 2.30 9.75 -1.84
CA ILE A 102 3.32 10.44 -2.62
C ILE A 102 2.68 11.49 -3.53
N PRO A 103 2.67 12.76 -3.09
CA PRO A 103 2.08 13.85 -3.88
C PRO A 103 2.81 14.05 -5.21
N GLN A 104 2.46 15.13 -5.91
CA GLN A 104 3.07 15.45 -7.19
C GLN A 104 2.54 16.76 -7.74
N ILE A 105 1.23 16.80 -8.03
CA ILE A 105 0.60 17.99 -8.56
C ILE A 105 -0.87 18.05 -8.18
N PRO A 106 -1.45 19.26 -8.11
CA PRO A 106 -2.86 19.45 -7.76
C PRO A 106 -3.80 18.96 -8.86
N HIS A 107 -4.46 17.83 -8.61
CA HIS A 107 -5.38 17.25 -9.58
C HIS A 107 -6.61 16.68 -8.89
N SER A 108 -7.59 17.55 -8.62
CA SER A 108 -8.82 17.13 -7.95
C SER A 108 -10.04 17.36 -8.85
N HIS A 109 -10.48 16.31 -9.54
CA HIS A 109 -11.62 16.40 -10.42
C HIS A 109 -12.85 15.74 -9.80
N TYR A 110 -12.62 14.70 -9.00
CA TYR A 110 -13.70 13.97 -8.35
C TYR A 110 -14.66 13.37 -9.38
N GLY A 1 -22.24 -14.13 11.73
CA GLY A 1 -22.31 -14.14 10.24
C GLY A 1 -20.93 -14.20 9.59
N SER A 2 -20.02 -13.37 10.07
CA SER A 2 -18.66 -13.34 9.54
C SER A 2 -17.66 -13.89 10.56
N GLN A 3 -17.95 -13.66 11.84
CA GLN A 3 -17.07 -14.12 12.91
C GLN A 3 -15.69 -13.51 12.79
N ASP A 4 -15.62 -12.30 12.25
CA ASP A 4 -14.35 -11.60 12.08
C ASP A 4 -14.47 -10.15 12.54
N ARG A 5 -13.36 -9.41 12.45
CA ARG A 5 -13.34 -8.02 12.86
C ARG A 5 -12.14 -7.30 12.26
N LYS A 6 -12.22 -6.99 10.97
CA LYS A 6 -11.14 -6.30 10.28
C LYS A 6 -11.38 -4.79 10.26
N ILE A 7 -10.38 -4.03 9.82
CA ILE A 7 -10.48 -2.58 9.77
C ILE A 7 -10.53 -2.05 8.34
N PHE A 8 -10.15 -2.89 7.39
CA PHE A 8 -10.14 -2.49 5.99
C PHE A 8 -11.44 -2.89 5.30
N ARG A 9 -11.91 -4.10 5.57
CA ARG A 9 -13.15 -4.60 4.99
C ARG A 9 -13.18 -4.38 3.48
N GLY A 10 -12.75 -5.39 2.74
CA GLY A 10 -12.74 -5.29 1.29
C GLY A 10 -11.73 -4.28 0.78
N LEU A 11 -10.47 -4.66 0.82
CA LEU A 11 -9.40 -3.78 0.36
C LEU A 11 -8.34 -4.55 -0.41
N GLU A 12 -7.53 -3.82 -1.18
CA GLU A 12 -6.47 -4.43 -1.97
C GLU A 12 -5.24 -3.53 -1.99
N ILE A 13 -4.18 -3.96 -1.31
CA ILE A 13 -2.96 -3.19 -1.23
C ILE A 13 -1.78 -3.92 -1.86
N CYS A 14 -1.13 -3.26 -2.81
CA CYS A 14 0.02 -3.84 -3.50
C CYS A 14 1.31 -3.15 -3.07
N CYS A 15 2.30 -3.95 -2.68
CA CYS A 15 3.58 -3.42 -2.26
C CYS A 15 4.58 -3.46 -3.41
N TYR A 16 5.01 -2.30 -3.86
CA TYR A 16 5.96 -2.21 -4.97
C TYR A 16 7.40 -2.14 -4.45
N GLY A 17 8.14 -3.22 -4.64
CA GLY A 17 9.52 -3.26 -4.20
C GLY A 17 9.67 -3.93 -2.84
N PRO A 18 10.91 -4.24 -2.44
CA PRO A 18 11.19 -4.89 -1.15
C PRO A 18 11.14 -3.92 0.02
N PHE A 19 10.89 -2.64 -0.27
CA PHE A 19 10.83 -1.60 0.75
C PHE A 19 12.17 -1.43 1.46
N THR A 20 12.47 -2.34 2.39
CA THR A 20 13.72 -2.29 3.12
C THR A 20 14.47 -3.62 3.01
N ASN A 21 14.03 -4.60 3.79
CA ASN A 21 14.66 -5.92 3.79
C ASN A 21 13.68 -6.99 4.25
N MET A 22 12.40 -6.76 3.96
CA MET A 22 11.36 -7.72 4.34
C MET A 22 11.01 -8.63 3.17
N PRO A 23 10.62 -9.89 3.47
CA PRO A 23 10.25 -10.87 2.44
C PRO A 23 9.11 -10.37 1.54
N THR A 24 8.38 -9.37 2.02
CA THR A 24 7.26 -8.78 1.27
C THR A 24 5.97 -9.57 1.51
N ASP A 25 6.10 -10.80 2.00
CA ASP A 25 4.93 -11.63 2.28
C ASP A 25 4.41 -11.34 3.68
N GLN A 26 5.30 -10.86 4.54
CA GLN A 26 4.94 -10.52 5.91
C GLN A 26 4.16 -9.20 5.94
N LEU A 27 4.47 -8.33 5.00
CA LEU A 27 3.81 -7.03 4.90
C LEU A 27 2.38 -7.22 4.39
N GLU A 28 2.24 -7.94 3.28
CA GLU A 28 0.92 -8.19 2.71
C GLU A 28 0.04 -8.95 3.70
N TRP A 29 0.67 -9.72 4.59
CA TRP A 29 -0.06 -10.47 5.59
C TRP A 29 -0.77 -9.50 6.53
N MET A 30 -0.01 -8.53 7.01
CA MET A 30 -0.54 -7.51 7.92
C MET A 30 -1.80 -6.88 7.34
N VAL A 31 -1.69 -6.35 6.13
CA VAL A 31 -2.84 -5.72 5.47
C VAL A 31 -3.98 -6.72 5.35
N GLN A 32 -3.65 -7.94 4.95
CA GLN A 32 -4.63 -9.00 4.81
C GLN A 32 -5.32 -9.26 6.16
N LEU A 33 -4.54 -9.15 7.23
CA LEU A 33 -5.04 -9.36 8.58
C LEU A 33 -5.97 -8.21 8.98
N CYS A 34 -5.83 -7.08 8.32
CA CYS A 34 -6.63 -5.90 8.62
C CYS A 34 -7.89 -5.83 7.75
N GLY A 35 -8.04 -6.77 6.82
CA GLY A 35 -9.21 -6.78 5.96
C GLY A 35 -8.90 -6.38 4.53
N ALA A 36 -7.66 -6.58 4.11
CA ALA A 36 -7.25 -6.24 2.75
C ALA A 36 -6.83 -7.48 1.98
N SER A 37 -6.47 -7.27 0.72
CA SER A 37 -6.05 -8.37 -0.15
C SER A 37 -4.75 -8.01 -0.87
N VAL A 38 -3.80 -8.94 -0.85
CA VAL A 38 -2.51 -8.72 -1.50
C VAL A 38 -2.65 -8.76 -3.01
N VAL A 39 -2.30 -7.64 -3.66
CA VAL A 39 -2.40 -7.55 -5.11
C VAL A 39 -1.07 -7.90 -5.77
N LYS A 40 -1.09 -8.88 -6.67
CA LYS A 40 0.11 -9.31 -7.37
C LYS A 40 0.79 -8.16 -8.08
N GLU A 41 0.00 -7.35 -8.77
CA GLU A 41 0.54 -6.19 -9.49
C GLU A 41 -0.45 -5.04 -9.49
N LEU A 42 -0.08 -3.95 -10.14
CA LEU A 42 -0.95 -2.77 -10.22
C LEU A 42 -2.19 -3.06 -11.05
N SER A 43 -2.00 -3.73 -12.19
CA SER A 43 -3.10 -4.06 -13.07
C SER A 43 -4.00 -5.14 -12.46
N SER A 44 -3.48 -5.84 -11.45
CA SER A 44 -4.24 -6.90 -10.78
C SER A 44 -5.45 -6.33 -10.04
N PHE A 45 -5.45 -5.01 -9.80
CA PHE A 45 -6.55 -4.36 -9.10
C PHE A 45 -7.90 -4.72 -9.74
N THR A 46 -8.72 -5.45 -9.01
CA THR A 46 -10.03 -5.86 -9.49
C THR A 46 -11.12 -4.90 -9.01
N LEU A 47 -12.35 -5.14 -9.45
CA LEU A 47 -13.47 -4.31 -9.06
C LEU A 47 -14.58 -5.14 -8.42
N GLY A 48 -15.72 -4.51 -8.15
CA GLY A 48 -16.83 -5.21 -7.55
C GLY A 48 -17.75 -4.29 -6.77
N THR A 49 -17.94 -4.59 -5.49
CA THR A 49 -18.80 -3.77 -4.63
C THR A 49 -18.06 -3.33 -3.38
N GLY A 50 -17.46 -4.28 -2.68
CA GLY A 50 -16.72 -3.96 -1.47
C GLY A 50 -15.23 -4.20 -1.62
N VAL A 51 -14.57 -3.34 -2.37
CA VAL A 51 -13.12 -3.46 -2.59
C VAL A 51 -12.51 -2.10 -2.91
N HIS A 52 -11.34 -1.84 -2.34
CA HIS A 52 -10.63 -0.59 -2.56
C HIS A 52 -9.16 -0.83 -2.91
N PRO A 53 -8.71 -0.39 -4.09
CA PRO A 53 -7.33 -0.57 -4.53
C PRO A 53 -6.38 0.44 -3.89
N ILE A 54 -5.25 -0.07 -3.39
CA ILE A 54 -4.25 0.79 -2.76
C ILE A 54 -2.84 0.34 -3.15
N VAL A 55 -1.93 1.30 -3.25
CA VAL A 55 -0.54 1.02 -3.61
C VAL A 55 0.41 1.56 -2.55
N VAL A 56 1.43 0.79 -2.21
CA VAL A 56 2.41 1.22 -1.21
C VAL A 56 3.83 1.18 -1.77
N VAL A 57 4.72 1.93 -1.13
CA VAL A 57 6.11 2.00 -1.55
C VAL A 57 7.02 2.34 -0.37
N GLN A 58 8.32 2.39 -0.62
CA GLN A 58 9.30 2.70 0.42
C GLN A 58 10.72 2.70 -0.16
N PRO A 59 11.17 3.84 -0.70
CA PRO A 59 12.51 3.95 -1.30
C PRO A 59 13.60 3.77 -0.26
N ASP A 60 14.41 2.72 -0.44
CA ASP A 60 15.50 2.42 0.48
C ASP A 60 16.27 1.19 0.02
N ALA A 61 15.55 0.21 -0.49
CA ALA A 61 16.17 -1.03 -0.96
C ALA A 61 15.92 -1.23 -2.45
N TRP A 62 15.84 -0.14 -3.18
CA TRP A 62 15.61 -0.20 -4.62
C TRP A 62 16.87 -0.63 -5.36
N THR A 63 18.03 -0.23 -4.83
CA THR A 63 19.31 -0.58 -5.43
C THR A 63 19.51 0.14 -6.75
N GLU A 64 18.70 -0.21 -7.75
CA GLU A 64 18.78 0.40 -9.06
C GLU A 64 17.95 1.67 -9.12
N ASP A 65 18.55 2.75 -9.60
CA ASP A 65 17.86 4.03 -9.72
C ASP A 65 17.39 4.27 -11.15
N ASN A 66 16.30 3.62 -11.53
CA ASN A 66 15.75 3.76 -12.88
C ASN A 66 14.90 5.02 -12.99
N GLY A 67 14.11 5.28 -11.95
CA GLY A 67 13.26 6.46 -11.96
C GLY A 67 11.99 6.26 -11.14
N PHE A 68 11.89 6.98 -10.03
CA PHE A 68 10.72 6.88 -9.16
C PHE A 68 9.73 8.02 -9.40
N HIS A 69 9.98 8.83 -10.43
CA HIS A 69 9.10 9.94 -10.75
C HIS A 69 8.03 9.52 -11.76
N ALA A 70 7.27 8.49 -11.42
CA ALA A 70 6.21 7.99 -12.29
C ALA A 70 5.41 6.89 -11.62
N ILE A 71 5.24 7.00 -10.31
CA ILE A 71 4.48 6.00 -9.55
C ILE A 71 2.98 6.14 -9.80
N GLY A 72 2.46 7.34 -9.59
CA GLY A 72 1.04 7.58 -9.80
C GLY A 72 0.62 7.33 -11.23
N GLN A 73 1.55 7.51 -12.17
CA GLN A 73 1.28 7.29 -13.58
C GLN A 73 1.51 5.84 -13.99
N MET A 74 2.17 5.08 -13.11
CA MET A 74 2.45 3.68 -13.40
C MET A 74 1.38 2.77 -12.80
N CYS A 75 0.77 3.23 -11.71
CA CYS A 75 -0.28 2.46 -11.05
C CYS A 75 -1.62 3.21 -11.07
N GLU A 76 -2.71 2.48 -10.94
CA GLU A 76 -4.04 3.07 -10.95
C GLU A 76 -4.64 3.07 -9.55
N ALA A 77 -3.83 3.39 -8.56
CA ALA A 77 -4.28 3.43 -7.17
C ALA A 77 -3.43 4.40 -6.34
N PRO A 78 -3.90 4.75 -5.14
CA PRO A 78 -3.18 5.66 -4.24
C PRO A 78 -1.86 5.08 -3.75
N VAL A 79 -0.77 5.80 -3.99
CA VAL A 79 0.55 5.37 -3.58
C VAL A 79 0.90 5.91 -2.20
N VAL A 80 1.32 5.03 -1.30
CA VAL A 80 1.68 5.45 0.05
C VAL A 80 2.87 4.65 0.57
N THR A 81 3.32 4.98 1.78
CA THR A 81 4.45 4.29 2.38
C THR A 81 3.93 3.21 3.33
N ARG A 82 4.80 2.28 3.72
CA ARG A 82 4.40 1.21 4.62
C ARG A 82 3.85 1.76 5.93
N GLU A 83 4.16 3.03 6.23
CA GLU A 83 3.68 3.66 7.46
C GLU A 83 2.19 3.42 7.64
N TRP A 84 1.42 3.59 6.57
CA TRP A 84 -0.02 3.37 6.61
C TRP A 84 -0.32 1.97 7.10
N VAL A 85 0.23 1.00 6.39
CA VAL A 85 0.04 -0.41 6.72
C VAL A 85 0.43 -0.69 8.16
N LEU A 86 1.55 -0.12 8.60
CA LEU A 86 2.03 -0.31 9.97
C LEU A 86 1.14 0.40 10.97
N ASP A 87 0.87 1.68 10.70
CA ASP A 87 0.03 2.48 11.58
C ASP A 87 -1.37 1.88 11.68
N SER A 88 -1.83 1.26 10.59
CA SER A 88 -3.15 0.64 10.56
C SER A 88 -3.15 -0.69 11.30
N VAL A 89 -2.16 -1.53 11.00
CA VAL A 89 -2.06 -2.85 11.64
C VAL A 89 -1.63 -2.72 13.10
N ALA A 90 -0.94 -1.62 13.42
CA ALA A 90 -0.47 -1.39 14.78
C ALA A 90 -1.63 -1.03 15.71
N LEU A 91 -2.39 -0.01 15.34
CA LEU A 91 -3.52 0.44 16.14
C LEU A 91 -4.84 -0.12 15.61
N TYR A 92 -4.76 -0.95 14.57
CA TYR A 92 -5.96 -1.55 13.98
C TYR A 92 -6.98 -0.48 13.61
N GLN A 93 -6.80 0.13 12.45
CA GLN A 93 -7.71 1.17 11.98
C GLN A 93 -7.29 1.67 10.60
N CYS A 94 -8.24 1.74 9.68
CA CYS A 94 -7.97 2.21 8.32
C CYS A 94 -7.64 3.70 8.32
N GLN A 95 -6.40 4.02 8.67
CA GLN A 95 -5.94 5.40 8.70
C GLN A 95 -6.02 6.03 7.32
N GLU A 96 -5.77 7.33 7.25
CA GLU A 96 -5.80 8.04 5.98
C GLU A 96 -4.54 7.77 5.16
N LEU A 97 -4.66 7.88 3.85
CA LEU A 97 -3.53 7.64 2.96
C LEU A 97 -2.82 8.95 2.63
N ASP A 98 -3.55 10.05 2.68
CA ASP A 98 -2.99 11.37 2.38
C ASP A 98 -1.84 11.69 3.34
N THR A 99 -1.94 11.18 4.56
CA THR A 99 -0.91 11.41 5.57
C THR A 99 0.36 10.60 5.25
N TYR A 100 0.23 9.61 4.38
CA TYR A 100 1.36 8.77 4.00
C TYR A 100 1.39 8.55 2.49
N LEU A 101 0.88 9.53 1.76
CA LEU A 101 0.85 9.45 0.30
C LEU A 101 2.03 10.21 -0.31
N ILE A 102 2.28 9.96 -1.59
CA ILE A 102 3.38 10.62 -2.29
C ILE A 102 2.93 11.15 -3.65
N PRO A 103 2.57 12.44 -3.73
CA PRO A 103 2.12 13.05 -4.98
C PRO A 103 3.28 13.37 -5.92
N GLN A 104 3.00 14.16 -6.95
CA GLN A 104 4.02 14.53 -7.92
C GLN A 104 4.40 16.00 -7.77
N ILE A 105 5.45 16.41 -8.47
CA ILE A 105 5.92 17.79 -8.41
C ILE A 105 6.02 18.40 -9.81
N PRO A 106 5.11 19.31 -10.18
CA PRO A 106 5.11 19.94 -11.50
C PRO A 106 6.48 20.52 -11.85
N HIS A 107 6.80 20.50 -13.15
CA HIS A 107 8.07 21.03 -13.63
C HIS A 107 8.10 21.09 -15.15
N SER A 108 7.83 19.95 -15.79
CA SER A 108 7.82 19.87 -17.24
C SER A 108 7.38 18.49 -17.71
N HIS A 109 7.06 18.38 -18.99
CA HIS A 109 6.63 17.12 -19.57
C HIS A 109 7.78 16.12 -19.62
N TYR A 110 7.51 14.89 -19.19
CA TYR A 110 8.53 13.84 -19.19
C TYR A 110 7.95 12.52 -19.71
N GLY A 1 -16.17 -15.54 6.41
CA GLY A 1 -16.16 -14.20 7.06
C GLY A 1 -17.40 -13.96 7.91
N SER A 2 -17.90 -15.01 8.52
CA SER A 2 -19.09 -14.91 9.37
C SER A 2 -18.81 -14.06 10.61
N GLN A 3 -17.99 -14.60 11.51
CA GLN A 3 -17.63 -13.89 12.73
C GLN A 3 -16.27 -13.21 12.59
N ASP A 4 -16.28 -11.91 12.31
CA ASP A 4 -15.05 -11.15 12.14
C ASP A 4 -15.35 -9.65 12.19
N ARG A 5 -14.33 -8.85 11.91
CA ARG A 5 -14.47 -7.39 11.93
C ARG A 5 -13.49 -6.74 10.96
N LYS A 6 -12.21 -6.83 11.28
CA LYS A 6 -11.16 -6.25 10.46
C LYS A 6 -11.37 -4.73 10.35
N ILE A 7 -10.36 -4.03 9.81
CA ILE A 7 -10.45 -2.59 9.66
C ILE A 7 -10.53 -2.17 8.19
N PHE A 8 -10.09 -3.05 7.30
CA PHE A 8 -10.11 -2.76 5.88
C PHE A 8 -11.40 -3.30 5.25
N ARG A 9 -11.75 -4.54 5.58
CA ARG A 9 -12.96 -5.16 5.05
C ARG A 9 -13.12 -4.88 3.56
N GLY A 10 -12.55 -5.75 2.74
CA GLY A 10 -12.62 -5.56 1.30
C GLY A 10 -11.75 -4.42 0.85
N LEU A 11 -10.44 -4.64 0.86
CA LEU A 11 -9.48 -3.63 0.47
C LEU A 11 -8.25 -4.26 -0.18
N GLU A 12 -8.00 -3.91 -1.43
CA GLU A 12 -6.85 -4.46 -2.16
C GLU A 12 -5.64 -3.52 -2.06
N ILE A 13 -4.52 -4.06 -1.58
CA ILE A 13 -3.30 -3.28 -1.43
C ILE A 13 -2.10 -4.03 -1.99
N CYS A 14 -1.32 -3.36 -2.84
CA CYS A 14 -0.15 -3.97 -3.44
C CYS A 14 1.11 -3.17 -3.11
N CYS A 15 2.23 -3.87 -2.97
CA CYS A 15 3.51 -3.24 -2.66
C CYS A 15 4.42 -3.23 -3.87
N TYR A 16 4.94 -2.06 -4.22
CA TYR A 16 5.83 -1.92 -5.36
C TYR A 16 7.29 -2.02 -4.94
N GLY A 17 7.91 -3.16 -5.23
CA GLY A 17 9.30 -3.36 -4.87
C GLY A 17 9.49 -3.63 -3.39
N PRO A 18 10.74 -3.83 -2.95
CA PRO A 18 11.06 -4.10 -1.54
C PRO A 18 10.87 -2.86 -0.66
N PHE A 19 11.38 -2.94 0.56
CA PHE A 19 11.27 -1.82 1.50
C PHE A 19 12.57 -1.65 2.29
N THR A 20 13.03 -2.74 2.90
CA THR A 20 14.26 -2.72 3.68
C THR A 20 14.95 -4.07 3.62
N ASN A 21 14.32 -5.08 4.22
CA ASN A 21 14.87 -6.43 4.24
C ASN A 21 14.08 -7.34 3.32
N MET A 22 12.89 -7.74 3.75
CA MET A 22 12.04 -8.61 2.97
C MET A 22 10.62 -8.65 3.54
N PRO A 23 9.98 -7.49 3.71
CA PRO A 23 8.62 -7.40 4.25
C PRO A 23 7.53 -7.55 3.19
N THR A 24 7.92 -8.06 2.02
CA THR A 24 6.97 -8.25 0.92
C THR A 24 5.77 -9.09 1.37
N ASP A 25 6.05 -10.17 2.10
CA ASP A 25 4.99 -11.05 2.60
C ASP A 25 4.45 -10.52 3.91
N GLN A 26 5.29 -9.79 4.63
CA GLN A 26 4.91 -9.22 5.91
C GLN A 26 3.93 -8.06 5.70
N LEU A 27 4.10 -7.35 4.60
CA LEU A 27 3.22 -6.23 4.29
C LEU A 27 1.86 -6.73 3.85
N GLU A 28 1.84 -7.66 2.90
CA GLU A 28 0.59 -8.22 2.41
C GLU A 28 -0.10 -9.01 3.50
N TRP A 29 0.69 -9.54 4.44
CA TRP A 29 0.12 -10.29 5.55
C TRP A 29 -0.57 -9.34 6.50
N MET A 30 0.14 -8.28 6.87
CA MET A 30 -0.39 -7.27 7.77
C MET A 30 -1.72 -6.72 7.23
N VAL A 31 -1.72 -6.35 5.95
CA VAL A 31 -2.94 -5.83 5.33
C VAL A 31 -4.02 -6.90 5.35
N GLN A 32 -3.63 -8.12 4.99
CA GLN A 32 -4.55 -9.25 4.97
C GLN A 32 -5.16 -9.44 6.35
N LEU A 33 -4.37 -9.17 7.38
CA LEU A 33 -4.81 -9.29 8.76
C LEU A 33 -5.82 -8.20 9.11
N CYS A 34 -5.80 -7.12 8.34
CA CYS A 34 -6.71 -6.00 8.56
C CYS A 34 -7.98 -6.12 7.72
N GLY A 35 -8.06 -7.16 6.89
CA GLY A 35 -9.23 -7.35 6.06
C GLY A 35 -8.94 -7.15 4.58
N ALA A 36 -7.82 -6.53 4.27
CA ALA A 36 -7.43 -6.26 2.89
C ALA A 36 -7.01 -7.55 2.18
N SER A 37 -6.75 -7.43 0.88
CA SER A 37 -6.34 -8.58 0.08
C SER A 37 -5.05 -8.27 -0.68
N VAL A 38 -4.13 -9.23 -0.69
CA VAL A 38 -2.86 -9.05 -1.38
C VAL A 38 -3.03 -9.07 -2.89
N VAL A 39 -2.58 -8.01 -3.55
CA VAL A 39 -2.70 -7.91 -5.01
C VAL A 39 -1.43 -8.41 -5.68
N LYS A 40 -1.59 -9.02 -6.85
CA LYS A 40 -0.44 -9.55 -7.59
C LYS A 40 0.38 -8.43 -8.22
N GLU A 41 -0.30 -7.45 -8.78
CA GLU A 41 0.36 -6.32 -9.42
C GLU A 41 -0.59 -5.12 -9.52
N LEU A 42 -0.12 -4.06 -10.16
CA LEU A 42 -0.91 -2.85 -10.33
C LEU A 42 -2.14 -3.12 -11.19
N SER A 43 -1.93 -3.75 -12.34
CA SER A 43 -3.02 -4.07 -13.25
C SER A 43 -3.97 -5.11 -12.64
N SER A 44 -3.50 -5.83 -11.64
CA SER A 44 -4.30 -6.86 -10.98
C SER A 44 -5.54 -6.26 -10.33
N PHE A 45 -5.49 -4.96 -10.02
CA PHE A 45 -6.61 -4.27 -9.39
C PHE A 45 -7.91 -4.56 -10.14
N THR A 46 -8.80 -5.31 -9.50
CA THR A 46 -10.09 -5.65 -10.10
C THR A 46 -11.21 -4.85 -9.47
N LEU A 47 -12.00 -4.19 -10.31
CA LEU A 47 -13.12 -3.39 -9.84
C LEU A 47 -14.32 -4.26 -9.49
N GLY A 48 -14.62 -4.36 -8.20
CA GLY A 48 -15.75 -5.16 -7.75
C GLY A 48 -16.80 -4.35 -7.04
N THR A 49 -17.24 -4.83 -5.88
CA THR A 49 -18.25 -4.14 -5.10
C THR A 49 -17.67 -3.65 -3.77
N GLY A 50 -16.91 -4.52 -3.10
CA GLY A 50 -16.31 -4.16 -1.83
C GLY A 50 -14.83 -4.43 -1.80
N VAL A 51 -14.07 -3.63 -2.54
CA VAL A 51 -12.63 -3.77 -2.59
C VAL A 51 -11.97 -2.52 -3.18
N HIS A 52 -11.31 -1.76 -2.31
CA HIS A 52 -10.64 -0.53 -2.74
C HIS A 52 -9.18 -0.80 -3.07
N PRO A 53 -8.70 -0.33 -4.25
CA PRO A 53 -7.31 -0.53 -4.67
C PRO A 53 -6.36 0.44 -3.98
N ILE A 54 -5.23 -0.08 -3.51
CA ILE A 54 -4.22 0.74 -2.84
C ILE A 54 -2.81 0.25 -3.18
N VAL A 55 -1.86 1.17 -3.15
CA VAL A 55 -0.47 0.84 -3.45
C VAL A 55 0.45 1.39 -2.36
N VAL A 56 1.47 0.62 -1.99
CA VAL A 56 2.41 1.06 -0.98
C VAL A 56 3.80 1.26 -1.56
N VAL A 57 4.64 2.03 -0.84
CA VAL A 57 6.00 2.31 -1.30
C VAL A 57 6.93 2.57 -0.12
N GLN A 58 8.19 2.88 -0.44
CA GLN A 58 9.20 3.16 0.58
C GLN A 58 10.57 3.35 -0.06
N PRO A 59 10.97 4.61 -0.33
CA PRO A 59 12.26 4.92 -0.94
C PRO A 59 13.43 4.65 0.01
N ASP A 60 13.66 3.38 0.30
CA ASP A 60 14.75 2.98 1.19
C ASP A 60 15.63 1.92 0.54
N ALA A 61 15.11 0.71 0.47
CA ALA A 61 15.84 -0.41 -0.13
C ALA A 61 15.65 -0.44 -1.64
N TRP A 62 14.61 0.25 -2.13
CA TRP A 62 14.32 0.29 -3.56
C TRP A 62 15.56 0.69 -4.36
N THR A 63 16.31 1.64 -3.84
CA THR A 63 17.53 2.11 -4.50
C THR A 63 17.20 2.70 -5.87
N GLU A 64 18.12 3.50 -6.40
CA GLU A 64 17.93 4.12 -7.70
C GLU A 64 18.47 3.23 -8.81
N ASP A 65 17.59 2.41 -9.39
CA ASP A 65 17.99 1.51 -10.46
C ASP A 65 17.33 1.91 -11.78
N ASN A 66 16.00 1.81 -11.82
CA ASN A 66 15.25 2.16 -13.03
C ASN A 66 14.63 3.54 -12.90
N GLY A 67 14.30 3.91 -11.66
CA GLY A 67 13.69 5.22 -11.42
C GLY A 67 12.40 5.11 -10.64
N PHE A 68 12.31 5.83 -9.53
CA PHE A 68 11.12 5.81 -8.70
C PHE A 68 10.24 7.04 -8.95
N HIS A 69 10.59 7.84 -9.97
CA HIS A 69 9.83 9.03 -10.30
C HIS A 69 8.75 8.71 -11.32
N ALA A 70 7.94 7.68 -11.02
CA ALA A 70 6.87 7.27 -11.91
C ALA A 70 6.00 6.21 -11.26
N ILE A 71 5.81 6.32 -9.95
CA ILE A 71 5.00 5.36 -9.21
C ILE A 71 3.51 5.56 -9.51
N GLY A 72 2.98 6.71 -9.12
CA GLY A 72 1.58 6.99 -9.36
C GLY A 72 1.24 7.05 -10.84
N GLN A 73 2.23 7.37 -11.66
CA GLN A 73 2.04 7.46 -13.10
C GLN A 73 1.99 6.07 -13.73
N MET A 74 2.58 5.09 -13.05
CA MET A 74 2.61 3.72 -13.56
C MET A 74 1.44 2.92 -12.99
N CYS A 75 1.19 3.06 -11.70
CA CYS A 75 0.11 2.34 -11.05
C CYS A 75 -1.21 3.11 -11.16
N GLU A 76 -2.32 2.41 -10.93
CA GLU A 76 -3.63 3.03 -11.01
C GLU A 76 -4.29 3.08 -9.62
N ALA A 77 -3.48 3.24 -8.59
CA ALA A 77 -3.98 3.30 -7.22
C ALA A 77 -3.17 4.29 -6.39
N PRO A 78 -3.68 4.66 -5.20
CA PRO A 78 -3.01 5.60 -4.30
C PRO A 78 -1.74 5.01 -3.69
N VAL A 79 -0.63 5.72 -3.86
CA VAL A 79 0.65 5.27 -3.31
C VAL A 79 0.91 5.85 -1.93
N VAL A 80 1.13 4.97 -0.96
CA VAL A 80 1.38 5.40 0.41
C VAL A 80 2.46 4.54 1.06
N THR A 81 3.40 5.17 1.75
CA THR A 81 4.47 4.43 2.41
C THR A 81 3.90 3.37 3.34
N ARG A 82 4.71 2.38 3.68
CA ARG A 82 4.26 1.30 4.57
C ARG A 82 3.70 1.85 5.88
N GLU A 83 4.05 3.09 6.22
CA GLU A 83 3.57 3.72 7.45
C GLU A 83 2.07 3.49 7.62
N TRP A 84 1.33 3.60 6.52
CA TRP A 84 -0.11 3.39 6.55
C TRP A 84 -0.43 1.99 7.06
N VAL A 85 0.12 1.01 6.35
CA VAL A 85 -0.07 -0.40 6.70
C VAL A 85 0.38 -0.68 8.13
N LEU A 86 1.53 -0.13 8.50
CA LEU A 86 2.07 -0.33 9.83
C LEU A 86 1.23 0.38 10.89
N ASP A 87 1.04 1.68 10.71
CA ASP A 87 0.25 2.49 11.63
C ASP A 87 -1.17 1.94 11.73
N SER A 88 -1.65 1.35 10.64
CA SER A 88 -3.00 0.79 10.61
C SER A 88 -3.05 -0.55 11.33
N VAL A 89 -2.11 -1.44 11.01
CA VAL A 89 -2.05 -2.75 11.63
C VAL A 89 -1.60 -2.66 13.09
N ALA A 90 -0.82 -1.63 13.40
CA ALA A 90 -0.32 -1.43 14.75
C ALA A 90 -1.45 -1.12 15.72
N LEU A 91 -2.23 -0.09 15.40
CA LEU A 91 -3.35 0.33 16.24
C LEU A 91 -4.67 -0.25 15.71
N TYR A 92 -4.61 -0.98 14.60
CA TYR A 92 -5.80 -1.56 14.01
C TYR A 92 -6.84 -0.50 13.69
N GLN A 93 -6.71 0.12 12.53
CA GLN A 93 -7.64 1.16 12.10
C GLN A 93 -7.30 1.66 10.71
N CYS A 94 -8.33 1.90 9.89
CA CYS A 94 -8.13 2.38 8.53
C CYS A 94 -7.58 3.80 8.53
N GLN A 95 -6.30 3.93 8.86
CA GLN A 95 -5.65 5.25 8.90
C GLN A 95 -5.75 5.94 7.55
N GLU A 96 -5.60 7.26 7.55
CA GLU A 96 -5.68 8.05 6.32
C GLU A 96 -4.47 7.75 5.43
N LEU A 97 -4.66 7.90 4.13
CA LEU A 97 -3.59 7.64 3.17
C LEU A 97 -2.87 8.93 2.79
N ASP A 98 -3.63 10.02 2.72
CA ASP A 98 -3.08 11.33 2.36
C ASP A 98 -1.92 11.72 3.29
N THR A 99 -1.93 11.17 4.50
CA THR A 99 -0.87 11.47 5.46
C THR A 99 0.43 10.75 5.10
N TYR A 100 0.32 9.65 4.38
CA TYR A 100 1.50 8.89 3.98
C TYR A 100 1.53 8.67 2.46
N LEU A 101 0.72 9.45 1.74
CA LEU A 101 0.65 9.33 0.29
C LEU A 101 1.81 10.08 -0.38
N ILE A 102 2.94 9.41 -0.53
CA ILE A 102 4.11 10.00 -1.16
C ILE A 102 4.54 11.28 -0.44
N PRO A 103 5.67 11.24 0.29
CA PRO A 103 6.16 12.42 1.03
C PRO A 103 6.68 13.50 0.08
N GLN A 104 7.02 14.65 0.64
CA GLN A 104 7.51 15.77 -0.15
C GLN A 104 9.02 15.93 0.02
N ILE A 105 9.47 15.99 1.26
CA ILE A 105 10.89 16.14 1.57
C ILE A 105 11.36 15.05 2.53
N PRO A 106 12.53 14.44 2.26
CA PRO A 106 13.08 13.38 3.12
C PRO A 106 13.57 13.92 4.45
N HIS A 107 13.62 13.05 5.46
CA HIS A 107 14.06 13.44 6.79
C HIS A 107 14.97 12.36 7.39
N SER A 108 16.26 12.47 7.12
CA SER A 108 17.24 11.51 7.63
C SER A 108 18.15 12.16 8.66
N HIS A 109 18.85 11.33 9.43
CA HIS A 109 19.76 11.83 10.46
C HIS A 109 20.77 10.77 10.84
N TYR A 110 21.14 9.92 9.88
CA TYR A 110 22.11 8.86 10.12
C TYR A 110 23.30 8.98 9.17
N GLY A 1 -14.40 -13.45 2.26
CA GLY A 1 -13.67 -14.68 2.67
C GLY A 1 -13.31 -14.68 4.14
N SER A 2 -14.22 -15.17 4.98
CA SER A 2 -14.00 -15.22 6.42
C SER A 2 -13.79 -13.82 6.98
N GLN A 3 -14.78 -12.96 6.80
CA GLN A 3 -14.71 -11.59 7.29
C GLN A 3 -15.55 -11.41 8.55
N ASP A 4 -14.88 -11.40 9.69
CA ASP A 4 -15.56 -11.25 10.98
C ASP A 4 -15.70 -9.78 11.34
N ARG A 5 -14.61 -9.03 11.18
CA ARG A 5 -14.61 -7.60 11.49
C ARG A 5 -13.60 -6.86 10.62
N LYS A 6 -12.32 -6.99 10.96
CA LYS A 6 -11.26 -6.33 10.21
C LYS A 6 -11.50 -4.82 10.14
N ILE A 7 -10.49 -4.09 9.67
CA ILE A 7 -10.60 -2.63 9.58
C ILE A 7 -10.67 -2.17 8.13
N PHE A 8 -10.23 -3.02 7.21
CA PHE A 8 -10.25 -2.70 5.79
C PHE A 8 -11.53 -3.21 5.14
N ARG A 9 -11.83 -4.49 5.36
CA ARG A 9 -13.04 -5.11 4.80
C ARG A 9 -13.17 -4.79 3.32
N GLY A 10 -12.64 -5.66 2.48
CA GLY A 10 -12.71 -5.47 1.04
C GLY A 10 -11.72 -4.41 0.57
N LEU A 11 -10.46 -4.80 0.50
CA LEU A 11 -9.40 -3.89 0.06
C LEU A 11 -8.33 -4.63 -0.73
N GLU A 12 -7.53 -3.88 -1.47
CA GLU A 12 -6.45 -4.46 -2.27
C GLU A 12 -5.23 -3.55 -2.26
N ILE A 13 -4.18 -3.98 -1.58
CA ILE A 13 -2.96 -3.20 -1.47
C ILE A 13 -1.74 -3.98 -1.95
N CYS A 14 -0.95 -3.37 -2.82
CA CYS A 14 0.26 -4.00 -3.34
C CYS A 14 1.51 -3.31 -2.82
N CYS A 15 2.55 -4.11 -2.56
CA CYS A 15 3.81 -3.58 -2.05
C CYS A 15 4.87 -3.60 -3.14
N TYR A 16 5.20 -2.44 -3.68
CA TYR A 16 6.20 -2.32 -4.73
C TYR A 16 7.57 -2.01 -4.14
N GLY A 17 8.58 -2.77 -4.57
CA GLY A 17 9.92 -2.57 -4.07
C GLY A 17 10.21 -3.36 -2.81
N PRO A 18 11.50 -3.60 -2.51
CA PRO A 18 11.91 -4.36 -1.32
C PRO A 18 11.86 -3.52 -0.05
N PHE A 19 11.47 -2.25 -0.18
CA PHE A 19 11.39 -1.35 0.97
C PHE A 19 12.77 -1.14 1.60
N THR A 20 13.17 -2.08 2.45
CA THR A 20 14.47 -1.99 3.11
C THR A 20 15.10 -3.38 3.26
N ASN A 21 14.31 -4.32 3.76
CA ASN A 21 14.79 -5.69 3.95
C ASN A 21 13.99 -6.66 3.07
N MET A 22 12.79 -7.00 3.52
CA MET A 22 11.93 -7.92 2.78
C MET A 22 10.53 -7.97 3.37
N PRO A 23 9.87 -6.80 3.49
CA PRO A 23 8.51 -6.72 4.05
C PRO A 23 7.43 -6.92 3.00
N THR A 24 7.81 -7.46 1.85
CA THR A 24 6.86 -7.70 0.76
C THR A 24 5.76 -8.68 1.19
N ASP A 25 6.17 -9.76 1.87
CA ASP A 25 5.22 -10.76 2.34
C ASP A 25 4.70 -10.40 3.72
N GLN A 26 5.50 -9.65 4.46
CA GLN A 26 5.13 -9.23 5.81
C GLN A 26 4.13 -8.08 5.74
N LEU A 27 4.28 -7.23 4.73
CA LEU A 27 3.40 -6.09 4.56
C LEU A 27 2.05 -6.54 4.02
N GLU A 28 2.07 -7.43 3.04
CA GLU A 28 0.83 -7.94 2.46
C GLU A 28 0.07 -8.78 3.48
N TRP A 29 0.81 -9.38 4.42
CA TRP A 29 0.22 -10.19 5.45
C TRP A 29 -0.58 -9.31 6.42
N MET A 30 0.07 -8.26 6.88
CA MET A 30 -0.57 -7.31 7.80
C MET A 30 -1.83 -6.73 7.18
N VAL A 31 -1.74 -6.28 5.93
CA VAL A 31 -2.91 -5.72 5.25
C VAL A 31 -3.98 -6.79 5.15
N GLN A 32 -3.57 -7.99 4.75
CA GLN A 32 -4.48 -9.12 4.63
C GLN A 32 -5.16 -9.37 5.97
N LEU A 33 -4.41 -9.13 7.04
CA LEU A 33 -4.91 -9.30 8.40
C LEU A 33 -5.95 -8.23 8.74
N CYS A 34 -5.91 -7.12 8.01
CA CYS A 34 -6.82 -6.01 8.24
C CYS A 34 -8.06 -6.11 7.34
N GLY A 35 -8.10 -7.12 6.48
CA GLY A 35 -9.24 -7.30 5.59
C GLY A 35 -8.88 -7.12 4.13
N ALA A 36 -7.80 -6.39 3.87
CA ALA A 36 -7.35 -6.16 2.50
C ALA A 36 -6.88 -7.44 1.84
N SER A 37 -6.50 -7.33 0.58
CA SER A 37 -6.03 -8.48 -0.18
C SER A 37 -4.71 -8.15 -0.87
N VAL A 38 -3.78 -9.09 -0.85
CA VAL A 38 -2.47 -8.90 -1.48
C VAL A 38 -2.60 -8.91 -3.00
N VAL A 39 -2.32 -7.77 -3.63
CA VAL A 39 -2.40 -7.65 -5.07
C VAL A 39 -1.04 -7.91 -5.71
N LYS A 40 -1.00 -8.91 -6.59
CA LYS A 40 0.25 -9.27 -7.28
C LYS A 40 0.80 -8.09 -8.07
N GLU A 41 -0.07 -7.43 -8.83
CA GLU A 41 0.34 -6.29 -9.65
C GLU A 41 -0.63 -5.12 -9.46
N LEU A 42 -0.31 -4.01 -10.10
CA LEU A 42 -1.14 -2.81 -10.02
C LEU A 42 -2.44 -2.99 -10.79
N SER A 43 -2.34 -3.57 -11.98
CA SER A 43 -3.52 -3.80 -12.81
C SER A 43 -4.33 -5.00 -12.30
N SER A 44 -3.82 -5.69 -11.28
CA SER A 44 -4.50 -6.85 -10.72
C SER A 44 -5.72 -6.42 -9.90
N PHE A 45 -5.79 -5.14 -9.54
CA PHE A 45 -6.91 -4.63 -8.75
C PHE A 45 -8.24 -5.03 -9.38
N THR A 46 -9.10 -5.67 -8.58
CA THR A 46 -10.41 -6.10 -9.06
C THR A 46 -11.22 -4.92 -9.58
N LEU A 47 -11.07 -3.78 -8.94
CA LEU A 47 -11.78 -2.57 -9.33
C LEU A 47 -13.29 -2.79 -9.27
N GLY A 48 -13.72 -3.65 -8.35
CA GLY A 48 -15.13 -3.94 -8.21
C GLY A 48 -15.87 -2.87 -7.43
N THR A 49 -16.79 -3.29 -6.58
CA THR A 49 -17.57 -2.35 -5.78
C THR A 49 -17.26 -2.51 -4.29
N GLY A 50 -17.01 -3.75 -3.87
CA GLY A 50 -16.70 -4.02 -2.49
C GLY A 50 -15.22 -4.22 -2.24
N VAL A 51 -14.41 -3.46 -2.97
CA VAL A 51 -12.95 -3.55 -2.84
C VAL A 51 -12.28 -2.23 -3.20
N HIS A 52 -11.48 -1.72 -2.27
CA HIS A 52 -10.77 -0.45 -2.49
C HIS A 52 -9.31 -0.71 -2.88
N PRO A 53 -8.89 -0.24 -4.06
CA PRO A 53 -7.52 -0.42 -4.54
C PRO A 53 -6.54 0.55 -3.89
N ILE A 54 -5.40 0.02 -3.45
CA ILE A 54 -4.36 0.82 -2.80
C ILE A 54 -2.98 0.34 -3.21
N VAL A 55 -1.97 1.17 -3.00
CA VAL A 55 -0.59 0.83 -3.33
C VAL A 55 0.36 1.29 -2.23
N VAL A 56 1.47 0.57 -2.07
CA VAL A 56 2.45 0.92 -1.05
C VAL A 56 3.83 1.18 -1.66
N VAL A 57 4.66 1.91 -0.94
CA VAL A 57 6.00 2.24 -1.41
C VAL A 57 6.98 2.42 -0.24
N GLN A 58 8.23 2.73 -0.57
CA GLN A 58 9.27 2.93 0.43
C GLN A 58 10.62 3.20 -0.24
N PRO A 59 10.76 4.35 -0.93
CA PRO A 59 12.00 4.71 -1.61
C PRO A 59 13.21 4.64 -0.69
N ASP A 60 13.90 3.50 -0.70
CA ASP A 60 15.07 3.30 0.13
C ASP A 60 15.95 2.19 -0.41
N ALA A 61 15.32 1.08 -0.78
CA ALA A 61 16.04 -0.07 -1.32
C ALA A 61 15.64 -0.34 -2.76
N TRP A 62 15.45 0.72 -3.53
CA TRP A 62 15.06 0.60 -4.93
C TRP A 62 16.29 0.44 -5.82
N THR A 63 17.41 1.05 -5.40
CA THR A 63 18.66 0.98 -6.14
C THR A 63 18.66 1.94 -7.34
N GLU A 64 17.53 2.61 -7.58
CA GLU A 64 17.41 3.55 -8.68
C GLU A 64 17.88 2.92 -9.99
N ASP A 65 16.95 2.25 -10.68
CA ASP A 65 17.26 1.60 -11.95
C ASP A 65 16.12 1.78 -12.94
N ASN A 66 14.93 1.37 -12.55
CA ASN A 66 13.75 1.47 -13.41
C ASN A 66 13.17 2.89 -13.35
N GLY A 67 13.34 3.54 -12.20
CA GLY A 67 12.82 4.89 -12.04
C GLY A 67 11.57 4.93 -11.18
N PHE A 68 11.67 5.56 -10.03
CA PHE A 68 10.54 5.66 -9.11
C PHE A 68 9.65 6.86 -9.45
N HIS A 69 10.05 7.63 -10.46
CA HIS A 69 9.28 8.80 -10.87
C HIS A 69 8.16 8.40 -11.83
N ALA A 70 7.29 7.49 -11.38
CA ALA A 70 6.17 7.03 -12.19
C ALA A 70 5.34 6.01 -11.43
N ILE A 71 5.16 6.25 -10.13
CA ILE A 71 4.38 5.35 -9.29
C ILE A 71 2.90 5.43 -9.64
N GLY A 72 2.28 6.58 -9.35
CA GLY A 72 0.88 6.76 -9.65
C GLY A 72 0.60 6.75 -11.14
N GLN A 73 1.60 7.07 -11.94
CA GLN A 73 1.45 7.09 -13.40
C GLN A 73 1.32 5.68 -13.95
N MET A 74 1.91 4.71 -13.24
CA MET A 74 1.86 3.31 -13.67
C MET A 74 0.69 2.59 -13.01
N CYS A 75 0.46 2.88 -11.74
CA CYS A 75 -0.63 2.26 -10.99
C CYS A 75 -1.86 3.15 -10.96
N GLU A 76 -3.04 2.55 -10.95
CA GLU A 76 -4.29 3.29 -10.91
C GLU A 76 -4.86 3.32 -9.50
N ALA A 77 -3.99 3.46 -8.51
CA ALA A 77 -4.41 3.50 -7.12
C ALA A 77 -3.50 4.39 -6.28
N PRO A 78 -3.89 4.69 -5.04
CA PRO A 78 -3.11 5.55 -4.14
C PRO A 78 -1.89 4.82 -3.57
N VAL A 79 -0.72 5.42 -3.75
CA VAL A 79 0.51 4.84 -3.23
C VAL A 79 0.90 5.47 -1.91
N VAL A 80 1.33 4.65 -0.95
CA VAL A 80 1.71 5.15 0.37
C VAL A 80 2.83 4.31 0.99
N THR A 81 3.53 4.88 1.95
CA THR A 81 4.62 4.18 2.62
C THR A 81 4.04 3.13 3.58
N ARG A 82 4.86 2.14 3.94
CA ARG A 82 4.42 1.08 4.84
C ARG A 82 3.84 1.66 6.14
N GLU A 83 4.22 2.89 6.47
CA GLU A 83 3.74 3.54 7.68
C GLU A 83 2.23 3.37 7.81
N TRP A 84 1.53 3.44 6.69
CA TRP A 84 0.08 3.28 6.68
C TRP A 84 -0.27 1.88 7.13
N VAL A 85 0.27 0.90 6.42
CA VAL A 85 0.03 -0.50 6.72
C VAL A 85 0.37 -0.83 8.16
N LEU A 86 1.45 -0.23 8.66
CA LEU A 86 1.88 -0.47 10.04
C LEU A 86 1.00 0.32 11.02
N ASP A 87 0.81 1.60 10.74
CA ASP A 87 0.00 2.45 11.60
C ASP A 87 -1.43 1.93 11.69
N SER A 88 -1.92 1.36 10.59
CA SER A 88 -3.28 0.82 10.55
C SER A 88 -3.35 -0.53 11.24
N VAL A 89 -2.41 -1.41 10.91
CA VAL A 89 -2.39 -2.75 11.51
C VAL A 89 -1.96 -2.70 12.96
N ALA A 90 -1.21 -1.67 13.33
CA ALA A 90 -0.73 -1.50 14.71
C ALA A 90 -1.88 -1.15 15.64
N LEU A 91 -2.52 -0.02 15.36
CA LEU A 91 -3.64 0.45 16.18
C LEU A 91 -4.96 -0.18 15.72
N TYR A 92 -4.96 -0.71 14.49
CA TYR A 92 -6.15 -1.35 13.94
C TYR A 92 -7.20 -0.29 13.56
N GLN A 93 -6.97 0.36 12.42
CA GLN A 93 -7.89 1.39 11.94
C GLN A 93 -7.43 1.93 10.59
N CYS A 94 -8.38 2.10 9.68
CA CYS A 94 -8.07 2.60 8.35
C CYS A 94 -7.48 4.01 8.43
N GLN A 95 -6.17 4.09 8.61
CA GLN A 95 -5.48 5.37 8.70
C GLN A 95 -5.52 6.12 7.37
N GLU A 96 -5.25 7.41 7.41
CA GLU A 96 -5.25 8.23 6.20
C GLU A 96 -4.02 7.94 5.35
N LEU A 97 -4.22 7.90 4.03
CA LEU A 97 -3.13 7.63 3.11
C LEU A 97 -2.34 8.90 2.79
N ASP A 98 -3.02 10.04 2.86
CA ASP A 98 -2.39 11.32 2.57
C ASP A 98 -1.22 11.57 3.52
N THR A 99 -1.30 11.01 4.72
CA THR A 99 -0.24 11.17 5.71
C THR A 99 1.01 10.38 5.34
N TYR A 100 0.86 9.42 4.43
CA TYR A 100 1.99 8.61 4.00
C TYR A 100 1.98 8.40 2.49
N LEU A 101 1.30 9.28 1.77
CA LEU A 101 1.20 9.20 0.31
C LEU A 101 2.40 9.88 -0.35
N ILE A 102 3.13 9.13 -1.15
CA ILE A 102 4.30 9.66 -1.84
C ILE A 102 3.88 10.50 -3.06
N PRO A 103 4.12 11.82 -3.01
CA PRO A 103 3.76 12.73 -4.11
C PRO A 103 4.50 12.38 -5.39
N GLN A 104 4.59 13.35 -6.30
CA GLN A 104 5.27 13.15 -7.58
C GLN A 104 5.42 14.47 -8.31
N ILE A 105 4.33 15.22 -8.43
CA ILE A 105 4.35 16.50 -9.12
C ILE A 105 5.01 17.57 -8.26
N PRO A 106 6.18 18.09 -8.69
CA PRO A 106 6.90 19.13 -7.95
C PRO A 106 6.01 20.31 -7.59
N HIS A 107 5.16 20.71 -8.53
CA HIS A 107 4.25 21.83 -8.31
C HIS A 107 2.81 21.44 -8.61
N SER A 108 1.88 21.96 -7.82
CA SER A 108 0.46 21.67 -8.00
C SER A 108 -0.36 22.95 -8.05
N HIS A 109 -0.72 23.35 -9.26
CA HIS A 109 -1.50 24.57 -9.47
C HIS A 109 -2.93 24.38 -8.92
N TYR A 110 -3.19 25.00 -7.77
CA TYR A 110 -4.50 24.91 -7.14
C TYR A 110 -4.91 26.25 -6.54
N GLY A 1 -21.08 -15.69 17.58
CA GLY A 1 -19.79 -16.37 17.27
C GLY A 1 -18.59 -15.49 17.62
N SER A 2 -17.50 -15.69 16.89
CA SER A 2 -16.28 -14.91 17.13
C SER A 2 -15.85 -14.18 15.86
N GLN A 3 -16.33 -12.95 15.70
CA GLN A 3 -16.00 -12.14 14.54
C GLN A 3 -14.58 -11.59 14.65
N ASP A 4 -14.04 -11.12 13.53
CA ASP A 4 -12.69 -10.57 13.51
C ASP A 4 -12.73 -9.06 13.37
N ARG A 5 -13.75 -8.55 12.67
CA ARG A 5 -13.90 -7.12 12.47
C ARG A 5 -12.67 -6.53 11.78
N LYS A 6 -12.63 -6.67 10.46
CA LYS A 6 -11.50 -6.14 9.68
C LYS A 6 -11.64 -4.63 9.48
N ILE A 7 -10.52 -3.92 9.63
CA ILE A 7 -10.51 -2.47 9.46
C ILE A 7 -10.50 -2.06 7.99
N PHE A 8 -10.07 -2.97 7.12
CA PHE A 8 -10.00 -2.70 5.70
C PHE A 8 -11.27 -3.17 5.00
N ARG A 9 -11.84 -4.28 5.49
CA ARG A 9 -13.08 -4.85 4.93
C ARG A 9 -13.24 -4.53 3.45
N GLY A 10 -12.54 -5.27 2.61
CA GLY A 10 -12.61 -5.04 1.18
C GLY A 10 -11.62 -3.99 0.74
N LEU A 11 -10.35 -4.35 0.75
CA LEU A 11 -9.28 -3.43 0.36
C LEU A 11 -8.17 -4.17 -0.36
N GLU A 12 -7.46 -3.47 -1.23
CA GLU A 12 -6.36 -4.06 -1.99
C GLU A 12 -5.09 -3.22 -1.86
N ILE A 13 -4.04 -3.82 -1.33
CA ILE A 13 -2.77 -3.11 -1.15
C ILE A 13 -1.60 -3.91 -1.73
N CYS A 14 -0.88 -3.27 -2.64
CA CYS A 14 0.28 -3.91 -3.26
C CYS A 14 1.58 -3.27 -2.81
N CYS A 15 2.58 -4.09 -2.53
CA CYS A 15 3.87 -3.61 -2.08
C CYS A 15 4.83 -3.48 -3.25
N TYR A 16 5.11 -2.25 -3.65
CA TYR A 16 6.01 -2.00 -4.77
C TYR A 16 7.44 -1.76 -4.28
N GLY A 17 8.31 -2.71 -4.59
CA GLY A 17 9.70 -2.60 -4.18
C GLY A 17 9.98 -3.35 -2.89
N PRO A 18 11.26 -3.53 -2.53
CA PRO A 18 11.66 -4.23 -1.31
C PRO A 18 11.59 -3.35 -0.06
N PHE A 19 11.20 -2.09 -0.25
CA PHE A 19 11.08 -1.14 0.86
C PHE A 19 12.45 -0.91 1.50
N THR A 20 12.86 -1.83 2.36
CA THR A 20 14.14 -1.73 3.04
C THR A 20 14.88 -3.06 3.01
N ASN A 21 14.41 -4.01 3.82
CA ASN A 21 15.02 -5.33 3.89
C ASN A 21 14.25 -6.23 4.85
N MET A 22 13.08 -6.69 4.40
CA MET A 22 12.24 -7.56 5.21
C MET A 22 11.32 -8.39 4.33
N PRO A 23 10.71 -9.45 4.90
CA PRO A 23 9.80 -10.33 4.16
C PRO A 23 8.60 -9.59 3.59
N THR A 24 8.62 -9.35 2.29
CA THR A 24 7.52 -8.65 1.62
C THR A 24 6.20 -9.40 1.77
N ASP A 25 6.28 -10.68 2.14
CA ASP A 25 5.09 -11.50 2.33
C ASP A 25 4.51 -11.25 3.71
N GLN A 26 5.35 -10.73 4.60
CA GLN A 26 4.94 -10.43 5.96
C GLN A 26 4.12 -9.14 5.98
N LEU A 27 4.45 -8.22 5.08
CA LEU A 27 3.74 -6.94 5.00
C LEU A 27 2.34 -7.16 4.45
N GLU A 28 2.25 -7.88 3.33
CA GLU A 28 0.96 -8.15 2.71
C GLU A 28 0.07 -8.95 3.67
N TRP A 29 0.68 -9.71 4.56
CA TRP A 29 -0.06 -10.49 5.54
C TRP A 29 -0.79 -9.55 6.49
N MET A 30 -0.05 -8.60 7.03
CA MET A 30 -0.59 -7.62 7.96
C MET A 30 -1.84 -6.96 7.37
N VAL A 31 -1.73 -6.45 6.15
CA VAL A 31 -2.86 -5.81 5.49
C VAL A 31 -3.99 -6.81 5.29
N GLN A 32 -3.64 -8.00 4.83
CA GLN A 32 -4.62 -9.06 4.61
C GLN A 32 -5.33 -9.39 5.91
N LEU A 33 -4.59 -9.32 7.01
CA LEU A 33 -5.13 -9.59 8.33
C LEU A 33 -6.11 -8.49 8.76
N CYS A 34 -5.99 -7.33 8.15
CA CYS A 34 -6.84 -6.19 8.48
C CYS A 34 -8.07 -6.12 7.58
N GLY A 35 -8.17 -7.03 6.61
CA GLY A 35 -9.32 -7.04 5.72
C GLY A 35 -8.95 -6.80 4.26
N ALA A 36 -7.73 -6.31 4.03
CA ALA A 36 -7.27 -6.03 2.68
C ALA A 36 -6.86 -7.32 1.97
N SER A 37 -6.40 -7.16 0.73
CA SER A 37 -5.98 -8.28 -0.09
C SER A 37 -4.66 -7.97 -0.78
N VAL A 38 -3.74 -8.93 -0.75
CA VAL A 38 -2.43 -8.74 -1.38
C VAL A 38 -2.54 -8.77 -2.90
N VAL A 39 -2.16 -7.65 -3.52
CA VAL A 39 -2.24 -7.54 -4.98
C VAL A 39 -0.90 -7.92 -5.62
N LYS A 40 -0.91 -8.95 -6.45
CA LYS A 40 0.30 -9.40 -7.11
C LYS A 40 0.92 -8.29 -7.95
N GLU A 41 0.08 -7.56 -8.66
CA GLU A 41 0.54 -6.46 -9.50
C GLU A 41 -0.50 -5.35 -9.58
N LEU A 42 -0.17 -4.28 -10.27
CA LEU A 42 -1.07 -3.15 -10.44
C LEU A 42 -2.28 -3.53 -11.28
N SER A 43 -2.03 -4.20 -12.40
CA SER A 43 -3.09 -4.64 -13.30
C SER A 43 -4.08 -5.53 -12.56
N SER A 44 -3.63 -6.16 -11.48
CA SER A 44 -4.49 -7.04 -10.69
C SER A 44 -5.63 -6.25 -10.03
N PHE A 45 -5.41 -4.96 -9.84
CA PHE A 45 -6.41 -4.10 -9.21
C PHE A 45 -7.74 -4.17 -9.96
N THR A 46 -8.81 -4.42 -9.24
CA THR A 46 -10.14 -4.51 -9.83
C THR A 46 -11.16 -3.70 -9.04
N LEU A 47 -11.90 -2.85 -9.75
CA LEU A 47 -12.90 -2.00 -9.11
C LEU A 47 -14.20 -2.77 -8.91
N GLY A 48 -14.25 -3.59 -7.87
CA GLY A 48 -15.44 -4.37 -7.58
C GLY A 48 -16.58 -3.51 -7.07
N THR A 49 -17.11 -3.88 -5.90
CA THR A 49 -18.21 -3.14 -5.29
C THR A 49 -17.81 -2.56 -3.95
N GLY A 50 -17.14 -3.37 -3.14
CA GLY A 50 -16.70 -2.92 -1.83
C GLY A 50 -15.20 -3.09 -1.62
N VAL A 51 -14.45 -3.06 -2.72
CA VAL A 51 -13.00 -3.21 -2.66
C VAL A 51 -12.30 -1.99 -3.23
N HIS A 52 -11.61 -1.25 -2.36
CA HIS A 52 -10.89 -0.05 -2.77
C HIS A 52 -9.42 -0.37 -3.06
N PRO A 53 -8.93 0.02 -4.25
CA PRO A 53 -7.53 -0.23 -4.63
C PRO A 53 -6.55 0.71 -3.94
N ILE A 54 -5.45 0.15 -3.44
CA ILE A 54 -4.44 0.93 -2.75
C ILE A 54 -3.04 0.41 -3.09
N VAL A 55 -2.05 1.31 -3.06
CA VAL A 55 -0.67 0.95 -3.37
C VAL A 55 0.29 1.46 -2.29
N VAL A 56 1.37 0.74 -2.07
CA VAL A 56 2.35 1.14 -1.07
C VAL A 56 3.73 1.36 -1.70
N VAL A 57 4.59 2.11 -1.01
CA VAL A 57 5.93 2.39 -1.50
C VAL A 57 6.93 2.56 -0.37
N GLN A 58 8.18 2.85 -0.72
CA GLN A 58 9.23 3.06 0.27
C GLN A 58 10.60 3.12 -0.41
N PRO A 59 10.97 4.28 -0.96
CA PRO A 59 12.26 4.47 -1.65
C PRO A 59 13.43 4.47 -0.67
N ASP A 60 14.24 3.43 -0.72
CA ASP A 60 15.40 3.32 0.17
C ASP A 60 16.27 2.13 -0.22
N ALA A 61 15.63 1.01 -0.54
CA ALA A 61 16.34 -0.19 -0.93
C ALA A 61 16.01 -0.60 -2.35
N TRP A 62 15.87 0.38 -3.23
CA TRP A 62 15.55 0.12 -4.63
C TRP A 62 16.76 -0.44 -5.37
N THR A 63 17.95 -0.19 -4.84
CA THR A 63 19.18 -0.68 -5.45
C THR A 63 19.48 0.05 -6.75
N GLU A 64 18.64 -0.18 -7.76
CA GLU A 64 18.81 0.46 -9.05
C GLU A 64 18.10 1.82 -9.08
N ASP A 65 18.40 2.61 -10.12
CA ASP A 65 17.80 3.93 -10.27
C ASP A 65 17.38 4.17 -11.71
N ASN A 66 16.33 3.47 -12.14
CA ASN A 66 15.83 3.63 -13.50
C ASN A 66 14.84 4.79 -13.60
N GLY A 67 13.88 4.81 -12.69
CA GLY A 67 12.90 5.88 -12.67
C GLY A 67 11.73 5.59 -11.74
N PHE A 68 11.79 6.17 -10.55
CA PHE A 68 10.73 5.95 -9.56
C PHE A 68 9.65 7.03 -9.65
N HIS A 69 9.87 8.03 -10.49
CA HIS A 69 8.90 9.11 -10.65
C HIS A 69 7.77 8.70 -11.60
N ALA A 70 7.10 7.61 -11.28
CA ALA A 70 6.01 7.11 -12.10
C ALA A 70 5.24 6.00 -11.40
N ILE A 71 5.20 6.04 -10.08
CA ILE A 71 4.49 5.03 -9.30
C ILE A 71 2.99 5.13 -9.51
N GLY A 72 2.40 6.24 -9.05
CA GLY A 72 0.97 6.43 -9.21
C GLY A 72 0.58 6.68 -10.66
N GLN A 73 1.54 7.11 -11.46
CA GLN A 73 1.29 7.39 -12.88
C GLN A 73 1.10 6.09 -13.66
N MET A 74 1.67 5.01 -13.15
CA MET A 74 1.56 3.71 -13.81
C MET A 74 0.39 2.91 -13.24
N CYS A 75 0.08 3.14 -11.97
CA CYS A 75 -1.01 2.44 -11.30
C CYS A 75 -2.23 3.35 -11.16
N GLU A 76 -3.41 2.74 -11.05
CA GLU A 76 -4.64 3.49 -10.90
C GLU A 76 -5.11 3.50 -9.46
N ALA A 77 -4.16 3.55 -8.54
CA ALA A 77 -4.46 3.57 -7.11
C ALA A 77 -3.50 4.48 -6.35
N PRO A 78 -3.84 4.82 -5.10
CA PRO A 78 -3.02 5.70 -4.26
C PRO A 78 -1.76 4.99 -3.75
N VAL A 79 -0.63 5.68 -3.81
CA VAL A 79 0.63 5.12 -3.35
C VAL A 79 1.05 5.75 -2.02
N VAL A 80 1.31 4.91 -1.02
CA VAL A 80 1.71 5.41 0.30
C VAL A 80 2.85 4.58 0.89
N THR A 81 3.57 5.16 1.84
CA THR A 81 4.66 4.45 2.50
C THR A 81 4.11 3.36 3.42
N ARG A 82 4.98 2.46 3.87
CA ARG A 82 4.56 1.38 4.74
C ARG A 82 3.96 1.91 6.05
N GLU A 83 4.24 3.17 6.36
CA GLU A 83 3.72 3.79 7.59
C GLU A 83 2.22 3.52 7.73
N TRP A 84 1.49 3.63 6.62
CA TRP A 84 0.06 3.40 6.61
C TRP A 84 -0.24 1.97 7.05
N VAL A 85 0.35 1.03 6.31
CA VAL A 85 0.17 -0.38 6.59
C VAL A 85 0.56 -0.73 8.03
N LEU A 86 1.58 -0.07 8.52
CA LEU A 86 2.05 -0.31 9.89
C LEU A 86 1.13 0.37 10.90
N ASP A 87 0.93 1.68 10.73
CA ASP A 87 0.09 2.44 11.64
C ASP A 87 -1.33 1.86 11.69
N SER A 88 -1.75 1.26 10.58
CA SER A 88 -3.08 0.67 10.51
C SER A 88 -3.12 -0.68 11.22
N VAL A 89 -2.16 -1.55 10.90
CA VAL A 89 -2.09 -2.87 11.50
C VAL A 89 -1.67 -2.79 12.97
N ALA A 90 -0.93 -1.75 13.32
CA ALA A 90 -0.46 -1.57 14.69
C ALA A 90 -1.60 -1.19 15.63
N LEU A 91 -2.29 -0.10 15.30
CA LEU A 91 -3.41 0.37 16.11
C LEU A 91 -4.72 -0.25 15.65
N TYR A 92 -4.72 -0.85 14.47
CA TYR A 92 -5.92 -1.47 13.91
C TYR A 92 -6.96 -0.41 13.55
N GLN A 93 -6.79 0.20 12.38
CA GLN A 93 -7.69 1.23 11.92
C GLN A 93 -7.28 1.73 10.53
N CYS A 94 -8.27 1.92 9.66
CA CYS A 94 -8.02 2.39 8.31
C CYS A 94 -7.45 3.81 8.32
N GLN A 95 -6.14 3.91 8.48
CA GLN A 95 -5.47 5.21 8.51
C GLN A 95 -5.72 5.99 7.22
N GLU A 96 -5.33 7.26 7.22
CA GLU A 96 -5.51 8.11 6.04
C GLU A 96 -4.26 8.07 5.17
N LEU A 97 -4.43 7.61 3.93
CA LEU A 97 -3.33 7.51 2.99
C LEU A 97 -2.74 8.89 2.70
N ASP A 98 -3.59 9.90 2.66
CA ASP A 98 -3.15 11.27 2.40
C ASP A 98 -2.03 11.70 3.34
N THR A 99 -1.96 11.06 4.50
CA THR A 99 -0.94 11.38 5.50
C THR A 99 0.39 10.69 5.15
N TYR A 100 0.34 9.65 4.34
CA TYR A 100 1.55 8.93 3.95
C TYR A 100 1.56 8.66 2.45
N LEU A 101 0.99 9.57 1.68
CA LEU A 101 0.94 9.43 0.23
C LEU A 101 2.01 10.28 -0.44
N ILE A 102 2.12 10.16 -1.76
CA ILE A 102 3.09 10.93 -2.53
C ILE A 102 2.44 11.57 -3.74
N PRO A 103 1.83 12.75 -3.55
CA PRO A 103 1.15 13.48 -4.64
C PRO A 103 2.11 14.31 -5.46
N GLN A 104 1.56 15.19 -6.31
CA GLN A 104 2.36 16.05 -7.15
C GLN A 104 1.49 17.06 -7.90
N ILE A 105 0.34 16.59 -8.38
CA ILE A 105 -0.58 17.44 -9.11
C ILE A 105 -1.02 18.64 -8.25
N PRO A 106 -1.07 19.84 -8.86
CA PRO A 106 -1.47 21.06 -8.14
C PRO A 106 -2.98 21.16 -7.96
N HIS A 107 -3.73 20.86 -9.03
CA HIS A 107 -5.18 20.92 -9.00
C HIS A 107 -5.80 19.69 -9.67
N SER A 108 -7.10 19.74 -9.89
CA SER A 108 -7.81 18.64 -10.53
C SER A 108 -8.78 19.16 -11.59
N HIS A 109 -8.79 18.50 -12.75
CA HIS A 109 -9.67 18.89 -13.84
C HIS A 109 -10.79 17.88 -14.02
N TYR A 110 -12.02 18.38 -14.15
CA TYR A 110 -13.17 17.51 -14.33
C TYR A 110 -13.65 17.54 -15.78
N GLY A 1 -25.42 -10.79 9.26
CA GLY A 1 -24.11 -10.67 8.57
C GLY A 1 -23.08 -11.64 9.12
N SER A 2 -21.81 -11.33 8.92
CA SER A 2 -20.72 -12.17 9.40
C SER A 2 -19.83 -11.41 10.38
N GLN A 3 -18.84 -12.10 10.93
CA GLN A 3 -17.92 -11.50 11.89
C GLN A 3 -16.49 -11.54 11.36
N ASP A 4 -16.09 -10.49 10.65
CA ASP A 4 -14.75 -10.42 10.08
C ASP A 4 -13.82 -9.62 11.00
N ARG A 5 -14.37 -8.58 11.62
CA ARG A 5 -13.60 -7.73 12.52
C ARG A 5 -12.38 -7.13 11.81
N LYS A 6 -12.53 -6.90 10.51
CA LYS A 6 -11.43 -6.33 9.72
C LYS A 6 -11.61 -4.82 9.55
N ILE A 7 -10.55 -4.07 9.80
CA ILE A 7 -10.59 -2.62 9.69
C ILE A 7 -10.63 -2.17 8.23
N PHE A 8 -10.18 -3.04 7.33
CA PHE A 8 -10.17 -2.72 5.90
C PHE A 8 -11.43 -3.24 5.23
N ARG A 9 -11.78 -4.50 5.53
CA ARG A 9 -12.97 -5.13 4.97
C ARG A 9 -13.13 -4.82 3.49
N GLY A 10 -12.53 -5.64 2.65
CA GLY A 10 -12.62 -5.43 1.22
C GLY A 10 -11.63 -4.39 0.73
N LEU A 11 -10.38 -4.78 0.63
CA LEU A 11 -9.32 -3.87 0.20
C LEU A 11 -8.26 -4.61 -0.60
N GLU A 12 -7.47 -3.86 -1.36
CA GLU A 12 -6.40 -4.43 -2.16
C GLU A 12 -5.16 -3.53 -2.12
N ILE A 13 -4.11 -4.01 -1.45
CA ILE A 13 -2.88 -3.25 -1.33
C ILE A 13 -1.67 -4.01 -1.88
N CYS A 14 -0.93 -3.37 -2.77
CA CYS A 14 0.25 -3.98 -3.36
C CYS A 14 1.53 -3.26 -2.91
N CYS A 15 2.52 -4.04 -2.52
CA CYS A 15 3.79 -3.49 -2.07
C CYS A 15 4.83 -3.53 -3.19
N TYR A 16 5.15 -2.36 -3.73
CA TYR A 16 6.13 -2.27 -4.82
C TYR A 16 7.53 -1.99 -4.26
N GLY A 17 8.48 -2.82 -4.64
CA GLY A 17 9.85 -2.65 -4.19
C GLY A 17 10.17 -3.51 -2.98
N PRO A 18 11.47 -3.71 -2.68
CA PRO A 18 11.90 -4.52 -1.53
C PRO A 18 11.83 -3.76 -0.21
N PHE A 19 11.51 -2.48 -0.28
CA PHE A 19 11.42 -1.65 0.92
C PHE A 19 12.78 -1.52 1.61
N THR A 20 13.16 -2.56 2.36
CA THR A 20 14.43 -2.56 3.06
C THR A 20 15.04 -3.96 3.07
N ASN A 21 14.42 -4.86 3.85
CA ASN A 21 14.90 -6.23 3.95
C ASN A 21 13.98 -7.05 4.85
N MET A 22 12.67 -6.86 4.68
CA MET A 22 11.69 -7.58 5.48
C MET A 22 10.27 -7.20 5.04
N PRO A 23 9.89 -5.92 5.15
CA PRO A 23 8.56 -5.45 4.76
C PRO A 23 8.22 -5.79 3.31
N THR A 24 7.70 -7.00 3.11
CA THR A 24 7.32 -7.46 1.79
C THR A 24 6.18 -8.46 1.88
N ASP A 25 6.47 -9.64 2.42
CA ASP A 25 5.47 -10.68 2.59
C ASP A 25 4.73 -10.47 3.91
N GLN A 26 5.42 -9.88 4.87
CA GLN A 26 4.85 -9.59 6.17
C GLN A 26 3.90 -8.40 6.06
N LEU A 27 4.17 -7.53 5.09
CA LEU A 27 3.33 -6.35 4.87
C LEU A 27 2.01 -6.74 4.26
N GLU A 28 2.05 -7.51 3.17
CA GLU A 28 0.84 -7.96 2.51
C GLU A 28 0.03 -8.87 3.43
N TRP A 29 0.73 -9.56 4.33
CA TRP A 29 0.08 -10.43 5.29
C TRP A 29 -0.68 -9.59 6.30
N MET A 30 0.02 -8.63 6.87
CA MET A 30 -0.56 -7.73 7.87
C MET A 30 -1.82 -7.07 7.32
N VAL A 31 -1.75 -6.55 6.10
CA VAL A 31 -2.90 -5.91 5.49
C VAL A 31 -4.02 -6.93 5.32
N GLN A 32 -3.65 -8.10 4.83
CA GLN A 32 -4.60 -9.20 4.64
C GLN A 32 -5.30 -9.52 5.95
N LEU A 33 -4.55 -9.42 7.03
CA LEU A 33 -5.06 -9.69 8.37
C LEU A 33 -6.03 -8.59 8.80
N CYS A 34 -5.93 -7.43 8.16
CA CYS A 34 -6.78 -6.29 8.48
C CYS A 34 -8.02 -6.25 7.58
N GLY A 35 -8.12 -7.19 6.64
CA GLY A 35 -9.27 -7.23 5.75
C GLY A 35 -8.88 -7.08 4.29
N ALA A 36 -7.82 -6.32 4.04
CA ALA A 36 -7.36 -6.08 2.68
C ALA A 36 -6.91 -7.39 2.02
N SER A 37 -6.45 -7.27 0.78
CA SER A 37 -5.99 -8.41 0.02
C SER A 37 -4.70 -8.08 -0.73
N VAL A 38 -3.76 -9.03 -0.75
CA VAL A 38 -2.49 -8.83 -1.42
C VAL A 38 -2.68 -8.86 -2.94
N VAL A 39 -2.26 -7.78 -3.60
CA VAL A 39 -2.38 -7.67 -5.04
C VAL A 39 -1.07 -8.01 -5.73
N LYS A 40 -1.11 -8.98 -6.64
CA LYS A 40 0.09 -9.40 -7.37
C LYS A 40 0.68 -8.24 -8.15
N GLU A 41 -0.16 -7.53 -8.87
CA GLU A 41 0.28 -6.39 -9.68
C GLU A 41 -0.70 -5.24 -9.58
N LEU A 42 -0.32 -4.09 -10.14
CA LEU A 42 -1.18 -2.91 -10.13
C LEU A 42 -2.44 -3.14 -10.97
N SER A 43 -2.25 -3.61 -12.19
CA SER A 43 -3.38 -3.87 -13.08
C SER A 43 -4.34 -4.90 -12.48
N SER A 44 -3.84 -5.69 -11.53
CA SER A 44 -4.65 -6.71 -10.88
C SER A 44 -5.82 -6.07 -10.12
N PHE A 45 -5.68 -4.81 -9.75
CA PHE A 45 -6.73 -4.10 -9.02
C PHE A 45 -8.06 -4.19 -9.76
N THR A 46 -9.01 -4.89 -9.16
CA THR A 46 -10.33 -5.05 -9.75
C THR A 46 -11.11 -3.73 -9.74
N LEU A 47 -10.85 -2.92 -8.71
CA LEU A 47 -11.52 -1.63 -8.58
C LEU A 47 -13.03 -1.80 -8.46
N GLY A 48 -13.47 -2.25 -7.29
CA GLY A 48 -14.89 -2.46 -7.06
C GLY A 48 -15.44 -1.57 -5.97
N THR A 49 -16.70 -1.78 -5.61
CA THR A 49 -17.35 -0.99 -4.57
C THR A 49 -16.97 -1.51 -3.19
N GLY A 50 -16.71 -2.81 -3.09
CA GLY A 50 -16.35 -3.40 -1.82
C GLY A 50 -14.85 -3.49 -1.62
N VAL A 51 -14.11 -3.57 -2.72
CA VAL A 51 -12.66 -3.67 -2.67
C VAL A 51 -12.00 -2.42 -3.25
N HIS A 52 -11.28 -1.69 -2.40
CA HIS A 52 -10.61 -0.47 -2.83
C HIS A 52 -9.13 -0.74 -3.13
N PRO A 53 -8.62 -0.24 -4.27
CA PRO A 53 -7.22 -0.45 -4.66
C PRO A 53 -6.28 0.52 -3.96
N ILE A 54 -5.15 -0.02 -3.49
CA ILE A 54 -4.15 0.78 -2.79
C ILE A 54 -2.74 0.33 -3.19
N VAL A 55 -1.83 1.29 -3.31
CA VAL A 55 -0.45 1.00 -3.68
C VAL A 55 0.51 1.53 -2.63
N VAL A 56 1.51 0.72 -2.28
CA VAL A 56 2.49 1.13 -1.28
C VAL A 56 3.91 1.10 -1.84
N VAL A 57 4.81 1.84 -1.21
CA VAL A 57 6.20 1.92 -1.63
C VAL A 57 7.10 2.23 -0.44
N GLN A 58 8.40 2.45 -0.71
CA GLN A 58 9.36 2.77 0.34
C GLN A 58 10.72 3.12 -0.26
N PRO A 59 10.95 4.41 -0.56
CA PRO A 59 12.21 4.87 -1.14
C PRO A 59 13.37 4.78 -0.14
N ASP A 60 13.97 3.60 -0.04
CA ASP A 60 15.08 3.37 0.88
C ASP A 60 16.04 2.33 0.33
N ALA A 61 15.47 1.22 -0.14
CA ALA A 61 16.27 0.13 -0.69
C ALA A 61 16.21 0.12 -2.21
N TRP A 62 16.03 1.30 -2.80
CA TRP A 62 15.96 1.42 -4.26
C TRP A 62 17.35 1.51 -4.87
N THR A 63 18.29 2.06 -4.10
CA THR A 63 19.66 2.21 -4.56
C THR A 63 19.76 3.26 -5.67
N GLU A 64 19.17 2.95 -6.81
CA GLU A 64 19.17 3.86 -7.95
C GLU A 64 17.78 4.44 -8.20
N ASP A 65 17.58 5.69 -7.79
CA ASP A 65 16.30 6.36 -7.97
C ASP A 65 15.97 6.52 -9.46
N ASN A 66 15.36 5.50 -10.03
CA ASN A 66 15.00 5.53 -11.44
C ASN A 66 13.96 6.62 -11.72
N GLY A 67 13.13 6.90 -10.71
CA GLY A 67 12.11 7.91 -10.86
C GLY A 67 10.78 7.49 -10.28
N PHE A 68 10.26 8.27 -9.34
CA PHE A 68 8.98 7.96 -8.71
C PHE A 68 7.81 8.54 -9.50
N HIS A 69 8.10 9.11 -10.67
CA HIS A 69 7.06 9.70 -11.51
C HIS A 69 6.31 8.64 -12.31
N ALA A 70 6.70 7.37 -12.15
CA ALA A 70 6.04 6.27 -12.86
C ALA A 70 5.15 5.46 -11.93
N ILE A 71 5.24 5.72 -10.62
CA ILE A 71 4.43 5.00 -9.65
C ILE A 71 2.95 5.29 -9.85
N GLY A 72 2.62 6.56 -9.99
CA GLY A 72 1.23 6.95 -10.20
C GLY A 72 0.80 6.83 -11.65
N GLN A 73 1.77 6.90 -12.56
CA GLN A 73 1.49 6.80 -13.99
C GLN A 73 1.30 5.34 -14.41
N MET A 74 1.76 4.41 -13.57
CA MET A 74 1.65 2.99 -13.86
C MET A 74 0.39 2.41 -13.23
N CYS A 75 0.02 2.93 -12.08
CA CYS A 75 -1.17 2.46 -11.37
C CYS A 75 -2.15 3.61 -11.13
N GLU A 76 -3.42 3.28 -10.99
CA GLU A 76 -4.46 4.28 -10.75
C GLU A 76 -4.94 4.22 -9.31
N ALA A 77 -4.04 3.85 -8.40
CA ALA A 77 -4.37 3.77 -6.98
C ALA A 77 -3.49 4.70 -6.16
N PRO A 78 -3.84 4.90 -4.87
CA PRO A 78 -3.08 5.78 -3.98
C PRO A 78 -1.74 5.17 -3.55
N VAL A 79 -0.66 5.88 -3.86
CA VAL A 79 0.68 5.41 -3.50
C VAL A 79 1.06 5.89 -2.10
N VAL A 80 1.45 4.96 -1.24
CA VAL A 80 1.83 5.33 0.13
C VAL A 80 2.99 4.47 0.63
N THR A 81 3.45 4.76 1.84
CA THR A 81 4.55 4.00 2.43
C THR A 81 4.01 2.95 3.40
N ARG A 82 4.87 2.02 3.79
CA ARG A 82 4.45 0.95 4.70
C ARG A 82 3.92 1.52 6.02
N GLU A 83 4.24 2.78 6.31
CA GLU A 83 3.78 3.42 7.54
C GLU A 83 2.28 3.24 7.72
N TRP A 84 1.53 3.50 6.65
CA TRP A 84 0.07 3.34 6.69
C TRP A 84 -0.29 1.97 7.22
N VAL A 85 0.22 0.94 6.55
CA VAL A 85 -0.02 -0.44 6.94
C VAL A 85 0.34 -0.68 8.40
N LEU A 86 1.53 -0.25 8.79
CA LEU A 86 2.00 -0.41 10.15
C LEU A 86 1.10 0.35 11.13
N ASP A 87 0.86 1.61 10.83
CA ASP A 87 0.01 2.45 11.67
C ASP A 87 -1.40 1.90 11.75
N SER A 88 -1.84 1.27 10.66
CA SER A 88 -3.18 0.69 10.60
C SER A 88 -3.24 -0.63 11.37
N VAL A 89 -2.25 -1.49 11.14
CA VAL A 89 -2.19 -2.79 11.81
C VAL A 89 -1.85 -2.64 13.28
N ALA A 90 -1.12 -1.58 13.62
CA ALA A 90 -0.73 -1.32 14.99
C ALA A 90 -1.93 -0.98 15.85
N LEU A 91 -2.66 0.07 15.45
CA LEU A 91 -3.84 0.50 16.19
C LEU A 91 -5.12 -0.14 15.65
N TYR A 92 -4.98 -0.91 14.57
CA TYR A 92 -6.13 -1.58 13.96
C TYR A 92 -7.18 -0.56 13.53
N GLN A 93 -6.96 0.08 12.39
CA GLN A 93 -7.89 1.08 11.87
C GLN A 93 -7.41 1.62 10.53
N CYS A 94 -8.34 1.86 9.62
CA CYS A 94 -8.00 2.39 8.30
C CYS A 94 -7.48 3.81 8.41
N GLN A 95 -6.18 3.94 8.70
CA GLN A 95 -5.55 5.25 8.83
C GLN A 95 -5.59 6.00 7.51
N GLU A 96 -5.33 7.31 7.57
CA GLU A 96 -5.35 8.15 6.38
C GLU A 96 -4.10 7.90 5.53
N LEU A 97 -4.28 7.89 4.22
CA LEU A 97 -3.17 7.66 3.29
C LEU A 97 -2.48 8.97 2.93
N ASP A 98 -3.25 10.05 2.93
CA ASP A 98 -2.71 11.37 2.60
C ASP A 98 -1.51 11.71 3.47
N THR A 99 -1.52 11.21 4.71
CA THR A 99 -0.43 11.47 5.64
C THR A 99 0.78 10.59 5.33
N TYR A 100 0.60 9.61 4.44
CA TYR A 100 1.68 8.72 4.06
C TYR A 100 1.67 8.46 2.55
N LEU A 101 1.21 9.45 1.80
CA LEU A 101 1.15 9.34 0.34
C LEU A 101 2.36 9.99 -0.30
N ILE A 102 3.36 9.17 -0.63
CA ILE A 102 4.58 9.66 -1.25
C ILE A 102 5.28 10.68 -0.37
N PRO A 103 6.26 10.23 0.43
CA PRO A 103 7.01 11.11 1.34
C PRO A 103 7.94 12.08 0.59
N GLN A 104 9.09 11.57 0.18
CA GLN A 104 10.06 12.38 -0.55
C GLN A 104 9.71 12.48 -2.02
N ILE A 105 10.61 13.04 -2.82
CA ILE A 105 10.39 13.19 -4.25
C ILE A 105 9.18 14.08 -4.53
N PRO A 106 9.31 15.39 -4.27
CA PRO A 106 8.22 16.35 -4.50
C PRO A 106 7.96 16.59 -5.98
N HIS A 107 6.97 17.43 -6.28
CA HIS A 107 6.61 17.74 -7.66
C HIS A 107 7.35 18.99 -8.14
N SER A 108 8.20 18.81 -9.14
CA SER A 108 8.97 19.91 -9.70
C SER A 108 8.29 20.49 -10.93
N HIS A 109 7.83 21.73 -10.82
CA HIS A 109 7.16 22.40 -11.94
C HIS A 109 8.16 23.17 -12.80
N TYR A 110 9.21 23.68 -12.17
CA TYR A 110 10.24 24.43 -12.87
C TYR A 110 11.34 23.51 -13.38
N GLY A 1 -14.46 -7.85 2.86
CA GLY A 1 -14.43 -9.29 3.25
C GLY A 1 -15.36 -9.60 4.41
N SER A 2 -16.21 -10.61 4.23
CA SER A 2 -17.15 -11.02 5.27
C SER A 2 -16.63 -12.24 6.02
N GLN A 3 -16.01 -12.00 7.17
CA GLN A 3 -15.47 -13.08 7.99
C GLN A 3 -15.68 -12.80 9.48
N ASP A 4 -15.36 -11.59 9.89
CA ASP A 4 -15.51 -11.19 11.28
C ASP A 4 -15.77 -9.69 11.39
N ARG A 5 -14.78 -8.90 10.99
CA ARG A 5 -14.88 -7.45 11.03
C ARG A 5 -13.86 -6.79 10.11
N LYS A 6 -12.60 -6.83 10.52
CA LYS A 6 -11.52 -6.25 9.74
C LYS A 6 -11.71 -4.74 9.59
N ILE A 7 -10.63 -3.99 9.76
CA ILE A 7 -10.69 -2.53 9.65
C ILE A 7 -10.76 -2.08 8.20
N PHE A 8 -10.30 -2.94 7.29
CA PHE A 8 -10.32 -2.63 5.87
C PHE A 8 -11.58 -3.16 5.21
N ARG A 9 -11.88 -4.44 5.47
CA ARG A 9 -13.07 -5.08 4.92
C ARG A 9 -13.24 -4.76 3.44
N GLY A 10 -12.65 -5.59 2.58
CA GLY A 10 -12.75 -5.36 1.15
C GLY A 10 -11.77 -4.31 0.68
N LEU A 11 -10.50 -4.71 0.58
CA LEU A 11 -9.45 -3.79 0.15
C LEU A 11 -8.38 -4.53 -0.63
N GLU A 12 -7.59 -3.78 -1.39
CA GLU A 12 -6.50 -4.35 -2.18
C GLU A 12 -5.29 -3.44 -2.15
N ILE A 13 -4.25 -3.88 -1.46
CA ILE A 13 -3.02 -3.08 -1.35
C ILE A 13 -1.81 -3.81 -1.92
N CYS A 14 -1.12 -3.18 -2.85
CA CYS A 14 0.06 -3.76 -3.47
C CYS A 14 1.32 -2.99 -3.09
N CYS A 15 2.41 -3.73 -2.90
CA CYS A 15 3.69 -3.13 -2.54
C CYS A 15 4.65 -3.17 -3.73
N TYR A 16 5.08 -1.98 -4.17
CA TYR A 16 5.99 -1.89 -5.31
C TYR A 16 7.43 -1.82 -4.82
N GLY A 17 8.22 -2.81 -5.20
CA GLY A 17 9.62 -2.86 -4.80
C GLY A 17 9.79 -3.19 -3.33
N PRO A 18 10.87 -3.90 -2.96
CA PRO A 18 11.13 -4.27 -1.57
C PRO A 18 11.12 -3.08 -0.63
N PHE A 19 10.73 -3.32 0.62
CA PHE A 19 10.67 -2.26 1.62
C PHE A 19 11.87 -2.34 2.56
N THR A 20 11.85 -3.35 3.42
CA THR A 20 12.93 -3.55 4.38
C THR A 20 13.14 -5.04 4.65
N ASN A 21 12.83 -5.86 3.65
CA ASN A 21 12.98 -7.31 3.78
C ASN A 21 12.84 -7.99 2.42
N MET A 22 13.29 -9.23 2.34
CA MET A 22 13.22 -9.99 1.09
C MET A 22 11.85 -10.65 0.93
N PRO A 23 11.32 -11.31 1.99
CA PRO A 23 10.02 -11.98 1.94
C PRO A 23 8.92 -11.10 1.35
N THR A 24 8.61 -10.00 2.06
CA THR A 24 7.57 -9.07 1.60
C THR A 24 6.16 -9.63 1.87
N ASP A 25 6.09 -10.86 2.36
CA ASP A 25 4.81 -11.49 2.65
C ASP A 25 4.30 -11.02 4.00
N GLN A 26 5.23 -10.59 4.85
CA GLN A 26 4.90 -10.11 6.18
C GLN A 26 4.13 -8.79 6.07
N LEU A 27 4.51 -7.96 5.10
CA LEU A 27 3.85 -6.69 4.90
C LEU A 27 2.43 -6.91 4.38
N GLU A 28 2.32 -7.64 3.27
CA GLU A 28 1.01 -7.92 2.70
C GLU A 28 0.15 -8.69 3.70
N TRP A 29 0.81 -9.43 4.59
CA TRP A 29 0.10 -10.19 5.61
C TRP A 29 -0.64 -9.24 6.53
N MET A 30 0.08 -8.23 7.00
CA MET A 30 -0.49 -7.22 7.89
C MET A 30 -1.79 -6.65 7.30
N VAL A 31 -1.70 -6.14 6.08
CA VAL A 31 -2.88 -5.58 5.41
C VAL A 31 -3.97 -6.63 5.29
N GLN A 32 -3.58 -7.84 4.89
CA GLN A 32 -4.52 -8.94 4.74
C GLN A 32 -5.19 -9.24 6.06
N LEU A 33 -4.44 -9.05 7.15
CA LEU A 33 -4.94 -9.30 8.49
C LEU A 33 -5.98 -8.24 8.88
N CYS A 34 -5.94 -7.10 8.20
CA CYS A 34 -6.86 -6.00 8.48
C CYS A 34 -8.10 -6.06 7.59
N GLY A 35 -8.14 -7.03 6.67
CA GLY A 35 -9.29 -7.17 5.78
C GLY A 35 -8.93 -6.98 4.32
N ALA A 36 -7.81 -6.29 4.07
CA ALA A 36 -7.37 -6.03 2.71
C ALA A 36 -6.92 -7.32 2.02
N SER A 37 -6.53 -7.19 0.77
CA SER A 37 -6.07 -8.33 -0.02
C SER A 37 -4.76 -7.99 -0.74
N VAL A 38 -3.82 -8.92 -0.68
CA VAL A 38 -2.52 -8.72 -1.33
C VAL A 38 -2.65 -8.80 -2.85
N VAL A 39 -2.33 -7.70 -3.52
CA VAL A 39 -2.42 -7.64 -4.97
C VAL A 39 -1.08 -7.97 -5.61
N LYS A 40 -1.08 -8.96 -6.50
CA LYS A 40 0.15 -9.39 -7.18
C LYS A 40 0.81 -8.22 -7.91
N GLU A 41 0.01 -7.22 -8.27
CA GLU A 41 0.52 -6.06 -8.98
C GLU A 41 -0.59 -5.08 -9.32
N LEU A 42 -0.22 -4.05 -10.06
CA LEU A 42 -1.17 -3.02 -10.47
C LEU A 42 -2.26 -3.59 -11.37
N SER A 43 -1.83 -4.40 -12.35
CA SER A 43 -2.77 -5.01 -13.28
C SER A 43 -3.62 -6.08 -12.60
N SER A 44 -3.25 -6.45 -11.37
CA SER A 44 -3.98 -7.46 -10.61
C SER A 44 -4.99 -6.83 -9.67
N PHE A 45 -5.42 -5.61 -9.98
CA PHE A 45 -6.39 -4.90 -9.14
C PHE A 45 -7.81 -5.30 -9.51
N THR A 46 -8.37 -6.22 -8.74
CA THR A 46 -9.73 -6.69 -8.98
C THR A 46 -10.74 -5.57 -8.73
N LEU A 47 -11.94 -5.72 -9.29
CA LEU A 47 -12.99 -4.73 -9.14
C LEU A 47 -14.33 -5.40 -8.86
N GLY A 48 -14.48 -5.94 -7.65
CA GLY A 48 -15.71 -6.60 -7.28
C GLY A 48 -16.84 -5.63 -6.99
N THR A 49 -17.32 -5.62 -5.75
CA THR A 49 -18.39 -4.73 -5.36
C THR A 49 -18.16 -4.17 -3.95
N GLY A 50 -16.89 -4.11 -3.54
CA GLY A 50 -16.57 -3.60 -2.23
C GLY A 50 -15.09 -3.72 -1.91
N VAL A 51 -14.25 -3.52 -2.93
CA VAL A 51 -12.81 -3.59 -2.76
C VAL A 51 -12.12 -2.36 -3.33
N HIS A 52 -11.46 -1.59 -2.47
CA HIS A 52 -10.77 -0.38 -2.90
C HIS A 52 -9.30 -0.66 -3.19
N PRO A 53 -8.77 -0.12 -4.30
CA PRO A 53 -7.37 -0.33 -4.69
C PRO A 53 -6.41 0.63 -3.98
N ILE A 54 -5.33 0.08 -3.46
CA ILE A 54 -4.32 0.88 -2.76
C ILE A 54 -2.92 0.43 -3.15
N VAL A 55 -1.97 1.35 -3.09
CA VAL A 55 -0.58 1.04 -3.44
C VAL A 55 0.37 1.50 -2.33
N VAL A 56 1.49 0.79 -2.19
CA VAL A 56 2.47 1.13 -1.16
C VAL A 56 3.86 1.27 -1.76
N VAL A 57 4.66 2.18 -1.20
CA VAL A 57 6.01 2.41 -1.67
C VAL A 57 6.99 2.47 -0.51
N GLN A 58 8.28 2.53 -0.82
CA GLN A 58 9.33 2.59 0.21
C GLN A 58 10.71 2.73 -0.42
N PRO A 59 11.15 3.98 -0.68
CA PRO A 59 12.46 4.25 -1.28
C PRO A 59 13.61 3.97 -0.31
N ASP A 60 13.75 2.71 0.08
CA ASP A 60 14.81 2.32 1.01
C ASP A 60 15.53 1.08 0.53
N ALA A 61 14.82 -0.04 0.53
CA ALA A 61 15.39 -1.31 0.09
C ALA A 61 14.99 -1.63 -1.35
N TRP A 62 14.67 -0.58 -2.12
CA TRP A 62 14.28 -0.76 -3.52
C TRP A 62 15.46 -1.25 -4.37
N THR A 63 16.67 -1.12 -3.83
CA THR A 63 17.88 -1.54 -4.54
C THR A 63 17.87 -1.07 -5.99
N GLU A 64 18.79 -1.59 -6.79
CA GLU A 64 18.90 -1.22 -8.20
C GLU A 64 17.60 -1.54 -8.94
N ASP A 65 17.12 -0.57 -9.71
CA ASP A 65 15.90 -0.75 -10.47
C ASP A 65 15.91 0.11 -11.74
N ASN A 66 14.82 0.08 -12.48
CA ASN A 66 14.70 0.85 -13.72
C ASN A 66 14.38 2.31 -13.42
N GLY A 67 13.41 2.53 -12.56
CA GLY A 67 13.02 3.89 -12.20
C GLY A 67 11.82 3.93 -11.27
N PHE A 68 11.87 4.80 -10.28
CA PHE A 68 10.78 4.93 -9.32
C PHE A 68 9.90 6.14 -9.63
N HIS A 69 10.31 6.94 -10.62
CA HIS A 69 9.55 8.13 -10.99
C HIS A 69 8.39 7.76 -11.92
N ALA A 70 7.53 6.87 -11.46
CA ALA A 70 6.37 6.44 -12.25
C ALA A 70 5.45 5.54 -11.44
N ILE A 71 5.34 5.82 -10.14
CA ILE A 71 4.50 5.03 -9.26
C ILE A 71 3.02 5.26 -9.58
N GLY A 72 2.56 6.49 -9.37
CA GLY A 72 1.17 6.80 -9.65
C GLY A 72 0.89 6.95 -11.13
N GLN A 73 1.95 7.07 -11.93
CA GLN A 73 1.82 7.21 -13.37
C GLN A 73 1.55 5.85 -14.03
N MET A 74 1.97 4.78 -13.36
CA MET A 74 1.77 3.43 -13.89
C MET A 74 0.49 2.82 -13.34
N CYS A 75 0.08 3.25 -12.16
CA CYS A 75 -1.13 2.74 -11.53
C CYS A 75 -2.15 3.85 -11.31
N GLU A 76 -3.42 3.48 -11.22
CA GLU A 76 -4.50 4.44 -11.01
C GLU A 76 -5.01 4.37 -9.58
N ALA A 77 -4.11 4.05 -8.65
CA ALA A 77 -4.48 3.94 -7.24
C ALA A 77 -3.58 4.83 -6.37
N PRO A 78 -3.91 4.95 -5.07
CA PRO A 78 -3.14 5.77 -4.13
C PRO A 78 -1.92 5.05 -3.58
N VAL A 79 -0.76 5.68 -3.69
CA VAL A 79 0.49 5.10 -3.19
C VAL A 79 0.83 5.69 -1.83
N VAL A 80 1.14 4.83 -0.86
CA VAL A 80 1.48 5.29 0.48
C VAL A 80 2.55 4.42 1.13
N THR A 81 3.51 5.05 1.78
CA THR A 81 4.58 4.31 2.45
C THR A 81 4.01 3.24 3.36
N ARG A 82 4.87 2.36 3.84
CA ARG A 82 4.45 1.27 4.72
C ARG A 82 3.90 1.82 6.04
N GLU A 83 4.19 3.08 6.34
CA GLU A 83 3.70 3.71 7.57
C GLU A 83 2.20 3.50 7.72
N TRP A 84 1.49 3.60 6.61
CA TRP A 84 0.04 3.42 6.61
C TRP A 84 -0.29 2.00 7.05
N VAL A 85 0.25 1.05 6.30
CA VAL A 85 0.04 -0.36 6.58
C VAL A 85 0.41 -0.71 8.02
N LEU A 86 1.48 -0.09 8.51
CA LEU A 86 1.94 -0.35 9.87
C LEU A 86 1.07 0.39 10.89
N ASP A 87 0.82 1.67 10.63
CA ASP A 87 0.00 2.48 11.52
C ASP A 87 -1.42 1.90 11.63
N SER A 88 -1.89 1.31 10.53
CA SER A 88 -3.22 0.72 10.51
C SER A 88 -3.24 -0.62 11.22
N VAL A 89 -2.30 -1.49 10.87
CA VAL A 89 -2.21 -2.81 11.47
C VAL A 89 -1.74 -2.73 12.93
N ALA A 90 -0.96 -1.70 13.24
CA ALA A 90 -0.45 -1.51 14.59
C ALA A 90 -1.58 -1.22 15.58
N LEU A 91 -2.37 -0.20 15.28
CA LEU A 91 -3.49 0.18 16.13
C LEU A 91 -4.80 -0.44 15.64
N TYR A 92 -4.74 -1.15 14.52
CA TYR A 92 -5.92 -1.79 13.96
C TYR A 92 -7.01 -0.76 13.68
N GLN A 93 -6.84 0.00 12.60
CA GLN A 93 -7.80 1.03 12.21
C GLN A 93 -7.40 1.67 10.90
N CYS A 94 -8.36 1.83 9.99
CA CYS A 94 -8.11 2.44 8.69
C CYS A 94 -7.57 3.85 8.84
N GLN A 95 -6.25 4.00 8.76
CA GLN A 95 -5.61 5.30 8.88
C GLN A 95 -5.67 6.05 7.56
N GLU A 96 -5.43 7.36 7.62
CA GLU A 96 -5.46 8.20 6.42
C GLU A 96 -4.24 7.91 5.55
N LEU A 97 -4.45 7.93 4.24
CA LEU A 97 -3.38 7.66 3.28
C LEU A 97 -2.62 8.94 2.94
N ASP A 98 -3.33 10.06 2.90
CA ASP A 98 -2.72 11.35 2.59
C ASP A 98 -1.56 11.67 3.53
N THR A 99 -1.57 11.06 4.71
CA THR A 99 -0.54 11.28 5.70
C THR A 99 0.76 10.55 5.34
N TYR A 100 0.67 9.60 4.41
CA TYR A 100 1.83 8.83 3.99
C TYR A 100 1.83 8.62 2.49
N LEU A 101 1.09 9.45 1.76
CA LEU A 101 1.02 9.34 0.31
C LEU A 101 2.22 9.99 -0.35
N ILE A 102 2.45 9.68 -1.62
CA ILE A 102 3.58 10.24 -2.36
C ILE A 102 3.37 11.73 -2.62
N PRO A 103 4.43 12.55 -2.46
CA PRO A 103 4.36 14.00 -2.69
C PRO A 103 4.29 14.36 -4.17
N GLN A 104 4.25 15.66 -4.45
CA GLN A 104 4.18 16.14 -5.82
C GLN A 104 4.99 17.42 -5.99
N ILE A 105 4.55 18.48 -5.31
CA ILE A 105 5.23 19.77 -5.39
C ILE A 105 5.08 20.53 -4.07
N PRO A 106 6.19 20.69 -3.31
CA PRO A 106 6.16 21.41 -2.03
C PRO A 106 5.52 22.79 -2.16
N HIS A 107 4.22 22.85 -1.94
CA HIS A 107 3.47 24.10 -2.01
C HIS A 107 2.02 23.90 -1.64
N SER A 108 1.57 24.63 -0.63
CA SER A 108 0.18 24.54 -0.17
C SER A 108 -0.35 25.90 0.26
N HIS A 109 -0.82 26.68 -0.70
CA HIS A 109 -1.35 28.01 -0.42
C HIS A 109 -2.51 28.34 -1.35
N TYR A 110 -2.19 28.59 -2.62
CA TYR A 110 -3.21 28.91 -3.62
C TYR A 110 -4.05 27.68 -3.97
N GLY A 1 -13.38 -17.96 12.91
CA GLY A 1 -13.38 -18.25 11.44
C GLY A 1 -12.65 -17.21 10.64
N SER A 2 -13.37 -16.59 9.70
CA SER A 2 -12.77 -15.56 8.85
C SER A 2 -13.30 -14.17 9.23
N GLN A 3 -14.61 -14.01 9.18
CA GLN A 3 -15.24 -12.74 9.52
C GLN A 3 -15.27 -12.53 11.03
N ASP A 4 -14.52 -11.54 11.50
CA ASP A 4 -14.47 -11.24 12.93
C ASP A 4 -14.51 -9.74 13.17
N ARG A 5 -13.49 -9.05 12.67
CA ARG A 5 -13.40 -7.60 12.82
C ARG A 5 -12.21 -7.04 12.04
N LYS A 6 -12.41 -6.81 10.75
CA LYS A 6 -11.35 -6.28 9.90
C LYS A 6 -11.54 -4.78 9.70
N ILE A 7 -10.45 -4.02 9.83
CA ILE A 7 -10.50 -2.58 9.67
C ILE A 7 -10.59 -2.16 8.20
N PHE A 8 -10.13 -3.03 7.32
CA PHE A 8 -10.16 -2.73 5.89
C PHE A 8 -11.43 -3.29 5.25
N ARG A 9 -11.71 -4.57 5.51
CA ARG A 9 -12.90 -5.22 4.97
C ARG A 9 -13.16 -4.82 3.53
N GLY A 10 -12.53 -5.52 2.59
CA GLY A 10 -12.70 -5.20 1.18
C GLY A 10 -11.70 -4.18 0.71
N LEU A 11 -10.47 -4.60 0.53
CA LEU A 11 -9.41 -3.72 0.09
C LEU A 11 -8.36 -4.47 -0.73
N GLU A 12 -7.56 -3.71 -1.47
CA GLU A 12 -6.50 -4.30 -2.29
C GLU A 12 -5.22 -3.48 -2.20
N ILE A 13 -4.22 -4.04 -1.54
CA ILE A 13 -2.94 -3.35 -1.38
C ILE A 13 -1.78 -4.19 -1.90
N CYS A 14 -0.85 -3.54 -2.60
CA CYS A 14 0.31 -4.22 -3.15
C CYS A 14 1.61 -3.56 -2.72
N CYS A 15 2.63 -4.37 -2.50
CA CYS A 15 3.94 -3.87 -2.08
C CYS A 15 4.88 -3.74 -3.28
N TYR A 16 5.08 -2.51 -3.72
CA TYR A 16 5.96 -2.24 -4.86
C TYR A 16 7.38 -1.92 -4.41
N GLY A 17 8.27 -2.89 -4.52
CA GLY A 17 9.64 -2.70 -4.11
C GLY A 17 10.01 -3.52 -2.89
N PRO A 18 11.31 -3.71 -2.62
CA PRO A 18 11.79 -4.49 -1.48
C PRO A 18 11.83 -3.67 -0.19
N PHE A 19 11.51 -2.38 -0.28
CA PHE A 19 11.51 -1.50 0.87
C PHE A 19 12.92 -1.36 1.45
N THR A 20 13.33 -2.34 2.26
CA THR A 20 14.64 -2.31 2.87
C THR A 20 15.27 -3.71 2.86
N ASN A 21 14.56 -4.68 3.42
CA ASN A 21 15.05 -6.06 3.48
C ASN A 21 14.22 -6.96 2.57
N MET A 22 13.01 -7.29 3.01
CA MET A 22 12.13 -8.15 2.24
C MET A 22 10.74 -8.26 2.89
N PRO A 23 10.06 -7.11 3.09
CA PRO A 23 8.73 -7.09 3.71
C PRO A 23 7.61 -7.23 2.68
N THR A 24 7.92 -7.82 1.54
CA THR A 24 6.95 -8.01 0.47
C THR A 24 5.79 -8.90 0.95
N ASP A 25 6.12 -10.02 1.57
CA ASP A 25 5.10 -10.94 2.06
C ASP A 25 4.67 -10.56 3.46
N GLN A 26 5.58 -9.92 4.20
CA GLN A 26 5.30 -9.50 5.55
C GLN A 26 4.36 -8.29 5.55
N LEU A 27 4.51 -7.44 4.55
CA LEU A 27 3.67 -6.26 4.43
C LEU A 27 2.26 -6.64 3.99
N GLU A 28 2.17 -7.47 2.95
CA GLU A 28 0.89 -7.93 2.46
C GLU A 28 0.15 -8.73 3.54
N TRP A 29 0.91 -9.36 4.42
CA TRP A 29 0.32 -10.14 5.50
C TRP A 29 -0.45 -9.22 6.44
N MET A 30 0.20 -8.15 6.84
CA MET A 30 -0.41 -7.16 7.74
C MET A 30 -1.74 -6.69 7.19
N VAL A 31 -1.74 -6.24 5.93
CA VAL A 31 -2.97 -5.76 5.30
C VAL A 31 -4.03 -6.86 5.28
N GLN A 32 -3.61 -8.06 4.89
CA GLN A 32 -4.52 -9.20 4.84
C GLN A 32 -5.13 -9.45 6.22
N LEU A 33 -4.33 -9.20 7.24
CA LEU A 33 -4.76 -9.38 8.63
C LEU A 33 -5.79 -8.33 9.02
N CYS A 34 -5.81 -7.21 8.28
CA CYS A 34 -6.73 -6.12 8.55
C CYS A 34 -8.00 -6.24 7.70
N GLY A 35 -8.05 -7.24 6.83
CA GLY A 35 -9.22 -7.43 5.98
C GLY A 35 -8.91 -7.25 4.51
N ALA A 36 -8.01 -6.33 4.20
CA ALA A 36 -7.63 -6.06 2.82
C ALA A 36 -7.13 -7.32 2.11
N SER A 37 -6.97 -7.23 0.80
CA SER A 37 -6.51 -8.35 0.00
C SER A 37 -5.14 -8.04 -0.61
N VAL A 38 -4.23 -9.01 -0.52
CA VAL A 38 -2.89 -8.83 -1.05
C VAL A 38 -2.89 -8.85 -2.58
N VAL A 39 -2.34 -7.80 -3.18
CA VAL A 39 -2.27 -7.68 -4.62
C VAL A 39 -0.83 -7.72 -5.11
N LYS A 40 -0.55 -8.61 -6.06
CA LYS A 40 0.80 -8.76 -6.59
C LYS A 40 1.09 -7.78 -7.71
N GLU A 41 0.07 -7.45 -8.51
CA GLU A 41 0.23 -6.52 -9.62
C GLU A 41 -0.70 -5.32 -9.48
N LEU A 42 -0.31 -4.21 -10.10
CA LEU A 42 -1.11 -2.99 -10.06
C LEU A 42 -2.37 -3.15 -10.88
N SER A 43 -2.28 -3.92 -11.95
CA SER A 43 -3.42 -4.15 -12.83
C SER A 43 -4.43 -5.11 -12.19
N SER A 44 -3.95 -5.89 -11.21
CA SER A 44 -4.82 -6.84 -10.52
C SER A 44 -5.97 -6.14 -9.82
N PHE A 45 -5.80 -4.83 -9.56
CA PHE A 45 -6.84 -4.06 -8.89
C PHE A 45 -8.16 -4.13 -9.65
N THR A 46 -9.07 -4.96 -9.16
CA THR A 46 -10.38 -5.12 -9.78
C THR A 46 -11.24 -6.09 -8.99
N LEU A 47 -12.55 -5.87 -9.01
CA LEU A 47 -13.48 -6.72 -8.29
C LEU A 47 -14.93 -6.33 -8.60
N GLY A 48 -15.19 -5.04 -8.67
CA GLY A 48 -16.53 -4.55 -8.97
C GLY A 48 -17.10 -3.71 -7.84
N THR A 49 -16.42 -2.61 -7.54
CA THR A 49 -16.86 -1.71 -6.47
C THR A 49 -17.02 -2.45 -5.15
N GLY A 50 -16.20 -3.49 -4.96
CA GLY A 50 -16.26 -4.26 -3.74
C GLY A 50 -15.04 -4.08 -2.87
N VAL A 51 -13.91 -3.75 -3.50
CA VAL A 51 -12.66 -3.54 -2.78
C VAL A 51 -11.99 -2.24 -3.21
N HIS A 52 -11.30 -1.60 -2.28
CA HIS A 52 -10.61 -0.34 -2.57
C HIS A 52 -9.15 -0.60 -2.96
N PRO A 53 -8.73 -0.08 -4.13
CA PRO A 53 -7.36 -0.26 -4.62
C PRO A 53 -6.35 0.64 -3.91
N ILE A 54 -5.27 0.05 -3.42
CA ILE A 54 -4.22 0.79 -2.72
C ILE A 54 -2.84 0.25 -3.09
N VAL A 55 -1.83 1.10 -2.97
CA VAL A 55 -0.47 0.70 -3.28
C VAL A 55 0.50 1.27 -2.24
N VAL A 56 1.50 0.48 -1.84
CA VAL A 56 2.46 0.92 -0.84
C VAL A 56 3.85 1.08 -1.47
N VAL A 57 4.68 1.92 -0.86
CA VAL A 57 6.03 2.17 -1.35
C VAL A 57 7.02 2.36 -0.21
N GLN A 58 8.28 2.60 -0.57
CA GLN A 58 9.33 2.81 0.42
C GLN A 58 10.70 2.92 -0.26
N PRO A 59 10.92 3.98 -1.03
CA PRO A 59 12.19 4.19 -1.75
C PRO A 59 13.39 4.10 -0.81
N ASP A 60 14.15 3.01 -0.93
CA ASP A 60 15.33 2.81 -0.10
C ASP A 60 16.19 1.66 -0.64
N ALA A 61 15.53 0.57 -1.02
CA ALA A 61 16.22 -0.59 -1.56
C ALA A 61 15.73 -0.93 -2.97
N TRP A 62 15.28 0.09 -3.69
CA TRP A 62 14.78 -0.10 -5.06
C TRP A 62 15.92 -0.51 -6.00
N THR A 63 17.02 0.24 -5.95
CA THR A 63 18.17 -0.04 -6.80
C THR A 63 19.31 0.93 -6.49
N GLU A 64 19.19 2.15 -7.00
CA GLU A 64 20.21 3.17 -6.79
C GLU A 64 19.65 4.56 -7.07
N ASP A 65 18.36 4.73 -6.80
CA ASP A 65 17.69 6.01 -7.01
C ASP A 65 17.74 6.41 -8.48
N ASN A 66 16.95 5.71 -9.30
CA ASN A 66 16.90 5.99 -10.73
C ASN A 66 15.78 6.97 -11.05
N GLY A 67 14.54 6.53 -10.84
CA GLY A 67 13.39 7.39 -11.12
C GLY A 67 12.11 6.84 -10.54
N PHE A 68 11.78 7.27 -9.32
CA PHE A 68 10.57 6.83 -8.66
C PHE A 68 9.41 7.77 -8.92
N HIS A 69 9.61 8.74 -9.81
CA HIS A 69 8.57 9.71 -10.15
C HIS A 69 7.68 9.18 -11.27
N ALA A 70 7.21 7.96 -11.13
CA ALA A 70 6.35 7.33 -12.13
C ALA A 70 5.46 6.26 -11.51
N ILE A 71 5.24 6.36 -10.20
CA ILE A 71 4.40 5.40 -9.50
C ILE A 71 2.94 5.56 -9.89
N GLY A 72 2.54 6.80 -10.16
CA GLY A 72 1.18 7.07 -10.55
C GLY A 72 0.95 6.85 -12.04
N GLN A 73 2.03 6.88 -12.81
CA GLN A 73 1.95 6.68 -14.25
C GLN A 73 1.78 5.19 -14.59
N MET A 74 2.22 4.34 -13.68
CA MET A 74 2.12 2.90 -13.89
C MET A 74 0.85 2.35 -13.23
N CYS A 75 0.41 3.00 -12.16
CA CYS A 75 -0.79 2.58 -11.44
C CYS A 75 -1.70 3.78 -11.18
N GLU A 76 -3.00 3.50 -11.06
CA GLU A 76 -3.98 4.55 -10.81
C GLU A 76 -4.24 4.70 -9.31
N ALA A 77 -4.25 3.58 -8.60
CA ALA A 77 -4.49 3.60 -7.16
C ALA A 77 -3.51 4.51 -6.44
N PRO A 78 -3.74 4.77 -5.13
CA PRO A 78 -2.88 5.65 -4.34
C PRO A 78 -1.58 4.96 -3.92
N VAL A 79 -0.60 5.76 -3.52
CA VAL A 79 0.70 5.24 -3.09
C VAL A 79 1.07 5.80 -1.72
N VAL A 80 1.29 4.92 -0.75
CA VAL A 80 1.64 5.33 0.60
C VAL A 80 2.68 4.41 1.22
N THR A 81 3.63 4.98 1.94
CA THR A 81 4.67 4.20 2.59
C THR A 81 4.06 3.13 3.50
N ARG A 82 4.87 2.14 3.88
CA ARG A 82 4.39 1.06 4.75
C ARG A 82 3.81 1.61 6.04
N GLU A 83 4.17 2.84 6.40
CA GLU A 83 3.68 3.47 7.62
C GLU A 83 2.17 3.29 7.75
N TRP A 84 1.46 3.44 6.63
CA TRP A 84 0.01 3.27 6.61
C TRP A 84 -0.36 1.87 7.08
N VAL A 85 0.18 0.89 6.38
CA VAL A 85 -0.07 -0.51 6.70
C VAL A 85 0.30 -0.83 8.15
N LEU A 86 1.42 -0.29 8.60
CA LEU A 86 1.89 -0.52 9.96
C LEU A 86 1.01 0.21 10.97
N ASP A 87 0.89 1.52 10.79
CA ASP A 87 0.07 2.34 11.69
C ASP A 87 -1.37 1.84 11.73
N SER A 88 -1.81 1.26 10.61
CA SER A 88 -3.17 0.73 10.52
C SER A 88 -3.28 -0.61 11.24
N VAL A 89 -2.38 -1.52 10.92
CA VAL A 89 -2.38 -2.86 11.54
C VAL A 89 -1.96 -2.79 13.00
N ALA A 90 -1.13 -1.81 13.34
CA ALA A 90 -0.66 -1.65 14.71
C ALA A 90 -1.80 -1.27 15.65
N LEU A 91 -2.46 -0.16 15.35
CA LEU A 91 -3.58 0.30 16.15
C LEU A 91 -4.89 -0.30 15.68
N TYR A 92 -4.88 -0.95 14.52
CA TYR A 92 -6.07 -1.57 13.96
C TYR A 92 -7.11 -0.51 13.61
N GLN A 93 -6.92 0.14 12.46
CA GLN A 93 -7.84 1.18 12.01
C GLN A 93 -7.43 1.70 10.64
N CYS A 94 -8.38 1.75 9.72
CA CYS A 94 -8.11 2.22 8.36
C CYS A 94 -7.72 3.69 8.37
N GLN A 95 -6.44 3.97 8.58
CA GLN A 95 -5.93 5.33 8.62
C GLN A 95 -6.00 5.96 7.23
N GLU A 96 -5.72 7.26 7.16
CA GLU A 96 -5.74 7.98 5.89
C GLU A 96 -4.48 7.68 5.08
N LEU A 97 -4.56 7.87 3.77
CA LEU A 97 -3.43 7.62 2.89
C LEU A 97 -2.67 8.92 2.60
N ASP A 98 -3.37 10.04 2.70
CA ASP A 98 -2.75 11.34 2.44
C ASP A 98 -1.69 11.66 3.49
N THR A 99 -1.78 11.02 4.65
CA THR A 99 -0.83 11.24 5.73
C THR A 99 0.49 10.53 5.46
N TYR A 100 0.49 9.56 4.55
CA TYR A 100 1.69 8.82 4.20
C TYR A 100 1.79 8.59 2.70
N LEU A 101 1.13 9.44 1.93
CA LEU A 101 1.14 9.33 0.47
C LEU A 101 2.39 9.98 -0.11
N ILE A 102 3.37 9.15 -0.47
CA ILE A 102 4.61 9.64 -1.04
C ILE A 102 5.28 10.66 -0.12
N PRO A 103 6.36 10.25 0.59
CA PRO A 103 7.08 11.13 1.51
C PRO A 103 7.96 12.14 0.77
N GLN A 104 8.74 12.90 1.53
CA GLN A 104 9.63 13.89 0.95
C GLN A 104 10.90 14.06 1.80
N ILE A 105 11.32 12.98 2.43
CA ILE A 105 12.51 13.01 3.28
C ILE A 105 13.67 12.24 2.62
N PRO A 106 14.78 12.94 2.31
CA PRO A 106 15.94 12.32 1.68
C PRO A 106 16.73 11.45 2.66
N HIS A 107 16.07 10.41 3.18
CA HIS A 107 16.72 9.50 4.12
C HIS A 107 16.98 8.14 3.47
N SER A 108 18.26 7.80 3.34
CA SER A 108 18.64 6.53 2.73
C SER A 108 18.90 5.47 3.80
N HIS A 109 20.01 5.63 4.52
CA HIS A 109 20.37 4.69 5.58
C HIS A 109 20.05 5.27 6.96
N TYR A 110 19.18 4.58 7.68
CA TYR A 110 18.79 5.02 9.02
C TYR A 110 19.61 4.30 10.09
N GLY A 1 -21.76 -16.04 9.63
CA GLY A 1 -21.45 -14.95 8.65
C GLY A 1 -21.28 -13.60 9.33
N SER A 2 -20.51 -12.72 8.71
CA SER A 2 -20.27 -11.39 9.26
C SER A 2 -19.62 -11.47 10.63
N GLN A 3 -18.77 -12.48 10.82
CA GLN A 3 -18.09 -12.68 12.09
C GLN A 3 -16.62 -12.24 11.99
N ASP A 4 -16.38 -10.95 12.19
CA ASP A 4 -15.04 -10.41 12.13
C ASP A 4 -15.04 -8.91 12.47
N ARG A 5 -13.85 -8.30 12.43
CA ARG A 5 -13.72 -6.88 12.73
C ARG A 5 -12.53 -6.28 11.99
N LYS A 6 -12.51 -6.45 10.67
CA LYS A 6 -11.42 -5.93 9.85
C LYS A 6 -11.65 -4.44 9.55
N ILE A 7 -10.58 -3.66 9.62
CA ILE A 7 -10.66 -2.23 9.36
C ILE A 7 -10.68 -1.92 7.87
N PHE A 8 -10.21 -2.86 7.07
CA PHE A 8 -10.16 -2.69 5.62
C PHE A 8 -11.41 -3.27 4.97
N ARG A 9 -11.77 -4.50 5.37
CA ARG A 9 -12.96 -5.17 4.84
C ARG A 9 -13.13 -4.91 3.35
N GLY A 10 -12.49 -5.72 2.52
CA GLY A 10 -12.58 -5.55 1.09
C GLY A 10 -11.64 -4.48 0.58
N LEU A 11 -10.34 -4.79 0.65
CA LEU A 11 -9.31 -3.85 0.22
C LEU A 11 -8.23 -4.57 -0.58
N GLU A 12 -7.47 -3.80 -1.36
CA GLU A 12 -6.40 -4.37 -2.18
C GLU A 12 -5.15 -3.49 -2.11
N ILE A 13 -4.11 -4.00 -1.47
CA ILE A 13 -2.86 -3.26 -1.33
C ILE A 13 -1.68 -4.04 -1.93
N CYS A 14 -1.01 -3.42 -2.90
CA CYS A 14 0.13 -4.04 -3.55
C CYS A 14 1.43 -3.38 -3.12
N CYS A 15 2.42 -4.20 -2.75
CA CYS A 15 3.71 -3.69 -2.32
C CYS A 15 4.69 -3.68 -3.49
N TYR A 16 4.91 -2.50 -4.05
CA TYR A 16 5.82 -2.35 -5.19
C TYR A 16 7.22 -1.96 -4.71
N GLY A 17 8.13 -2.94 -4.71
CA GLY A 17 9.49 -2.67 -4.28
C GLY A 17 9.88 -3.47 -3.05
N PRO A 18 11.15 -3.91 -2.96
CA PRO A 18 11.65 -4.69 -1.82
C PRO A 18 11.61 -3.89 -0.52
N PHE A 19 11.42 -2.58 -0.63
CA PHE A 19 11.36 -1.70 0.53
C PHE A 19 12.73 -1.61 1.22
N THR A 20 13.08 -2.65 1.96
CA THR A 20 14.36 -2.67 2.66
C THR A 20 15.07 -4.02 2.47
N ASN A 21 14.38 -5.10 2.83
CA ASN A 21 14.95 -6.44 2.70
C ASN A 21 14.01 -7.35 1.90
N MET A 22 12.98 -7.87 2.58
CA MET A 22 12.01 -8.74 1.92
C MET A 22 10.71 -8.78 2.71
N PRO A 23 10.15 -7.61 3.05
CA PRO A 23 8.89 -7.51 3.81
C PRO A 23 7.66 -7.60 2.90
N THR A 24 7.86 -7.94 1.63
CA THR A 24 6.77 -8.04 0.68
C THR A 24 5.68 -9.00 1.17
N ASP A 25 6.11 -10.07 1.84
CA ASP A 25 5.16 -11.06 2.35
C ASP A 25 4.71 -10.68 3.75
N GLN A 26 5.57 -9.96 4.46
CA GLN A 26 5.26 -9.53 5.81
C GLN A 26 4.31 -8.33 5.78
N LEU A 27 4.42 -7.52 4.74
CA LEU A 27 3.57 -6.35 4.59
C LEU A 27 2.16 -6.77 4.16
N GLU A 28 2.09 -7.67 3.18
CA GLU A 28 0.81 -8.16 2.71
C GLU A 28 0.06 -8.89 3.82
N TRP A 29 0.80 -9.47 4.74
CA TRP A 29 0.19 -10.17 5.86
C TRP A 29 -0.56 -9.19 6.76
N MET A 30 0.14 -8.14 7.16
CA MET A 30 -0.44 -7.10 8.00
C MET A 30 -1.72 -6.56 7.40
N VAL A 31 -1.65 -6.17 6.12
CA VAL A 31 -2.83 -5.66 5.44
C VAL A 31 -3.92 -6.71 5.40
N GLN A 32 -3.53 -7.93 5.07
CA GLN A 32 -4.47 -9.06 5.01
C GLN A 32 -5.16 -9.23 6.36
N LEU A 33 -4.41 -8.94 7.42
CA LEU A 33 -4.93 -9.05 8.78
C LEU A 33 -5.95 -7.94 9.07
N CYS A 34 -5.89 -6.87 8.28
CA CYS A 34 -6.80 -5.74 8.45
C CYS A 34 -8.03 -5.86 7.56
N GLY A 35 -8.06 -6.90 6.72
CA GLY A 35 -9.19 -7.10 5.84
C GLY A 35 -8.89 -6.75 4.39
N ALA A 36 -7.62 -6.63 4.06
CA ALA A 36 -7.21 -6.30 2.70
C ALA A 36 -6.73 -7.54 1.95
N SER A 37 -6.46 -7.38 0.66
CA SER A 37 -5.99 -8.48 -0.17
C SER A 37 -4.71 -8.10 -0.89
N VAL A 38 -3.73 -9.00 -0.84
CA VAL A 38 -2.44 -8.76 -1.48
C VAL A 38 -2.57 -8.85 -3.00
N VAL A 39 -2.19 -7.76 -3.68
CA VAL A 39 -2.27 -7.73 -5.14
C VAL A 39 -0.93 -8.12 -5.77
N LYS A 40 -0.98 -9.08 -6.68
CA LYS A 40 0.22 -9.56 -7.35
C LYS A 40 0.92 -8.43 -8.10
N GLU A 41 0.12 -7.57 -8.74
CA GLU A 41 0.65 -6.44 -9.49
C GLU A 41 -0.36 -5.31 -9.54
N LEU A 42 0.00 -4.24 -10.26
CA LEU A 42 -0.88 -3.08 -10.39
C LEU A 42 -2.05 -3.40 -11.32
N SER A 43 -1.77 -4.15 -12.38
CA SER A 43 -2.80 -4.53 -13.34
C SER A 43 -3.76 -5.56 -12.76
N SER A 44 -3.43 -6.09 -11.58
CA SER A 44 -4.26 -7.10 -10.93
C SER A 44 -5.25 -6.45 -9.95
N PHE A 45 -5.47 -5.15 -10.11
CA PHE A 45 -6.40 -4.42 -9.24
C PHE A 45 -7.85 -4.63 -9.70
N THR A 46 -8.51 -5.61 -9.09
CA THR A 46 -9.89 -5.91 -9.44
C THR A 46 -10.86 -4.98 -8.71
N LEU A 47 -12.14 -5.10 -9.05
CA LEU A 47 -13.17 -4.26 -8.43
C LEU A 47 -14.44 -5.06 -8.17
N GLY A 48 -15.26 -4.59 -7.24
CA GLY A 48 -16.50 -5.27 -6.92
C GLY A 48 -17.53 -4.35 -6.29
N THR A 49 -17.84 -4.60 -5.02
CA THR A 49 -18.81 -3.77 -4.30
C THR A 49 -18.17 -3.12 -3.09
N GLY A 50 -17.36 -3.89 -2.37
CA GLY A 50 -16.70 -3.36 -1.17
C GLY A 50 -15.19 -3.44 -1.26
N VAL A 51 -14.67 -3.42 -2.48
CA VAL A 51 -13.23 -3.49 -2.69
C VAL A 51 -12.62 -2.10 -2.81
N HIS A 52 -11.39 -1.95 -2.35
CA HIS A 52 -10.69 -0.67 -2.40
C HIS A 52 -9.25 -0.84 -2.88
N PRO A 53 -8.89 -0.23 -4.02
CA PRO A 53 -7.54 -0.33 -4.57
C PRO A 53 -6.54 0.61 -3.88
N ILE A 54 -5.43 0.04 -3.44
CA ILE A 54 -4.39 0.83 -2.77
C ILE A 54 -3.00 0.31 -3.12
N VAL A 55 -2.00 1.17 -2.99
CA VAL A 55 -0.62 0.78 -3.30
C VAL A 55 0.34 1.32 -2.25
N VAL A 56 1.39 0.56 -1.95
CA VAL A 56 2.38 0.97 -0.97
C VAL A 56 3.79 0.86 -1.53
N VAL A 57 4.72 1.59 -0.93
CA VAL A 57 6.11 1.59 -1.35
C VAL A 57 7.04 1.91 -0.18
N GLN A 58 8.32 2.16 -0.48
CA GLN A 58 9.30 2.48 0.55
C GLN A 58 10.67 2.75 -0.08
N PRO A 59 10.83 3.90 -0.75
CA PRO A 59 12.08 4.27 -1.40
C PRO A 59 13.28 4.14 -0.47
N ASP A 60 14.10 3.11 -0.69
CA ASP A 60 15.28 2.87 0.12
C ASP A 60 16.10 1.71 -0.44
N ALA A 61 15.41 0.67 -0.87
CA ALA A 61 16.07 -0.51 -1.44
C ALA A 61 15.54 -0.81 -2.84
N TRP A 62 15.14 0.23 -3.56
CA TRP A 62 14.62 0.08 -4.91
C TRP A 62 15.72 0.25 -5.94
N THR A 63 16.70 1.10 -5.62
CA THR A 63 17.81 1.35 -6.53
C THR A 63 17.33 1.95 -7.84
N GLU A 64 18.20 2.71 -8.50
CA GLU A 64 17.86 3.34 -9.77
C GLU A 64 18.08 2.39 -10.93
N ASP A 65 17.02 2.15 -11.71
CA ASP A 65 17.09 1.25 -12.86
C ASP A 65 16.02 1.58 -13.87
N ASN A 66 14.76 1.43 -13.47
CA ASN A 66 13.62 1.70 -14.35
C ASN A 66 13.08 3.10 -14.12
N GLY A 67 13.22 3.58 -12.88
CA GLY A 67 12.73 4.91 -12.55
C GLY A 67 11.49 4.87 -11.69
N PHE A 68 11.56 5.51 -10.51
CA PHE A 68 10.43 5.54 -9.60
C PHE A 68 9.60 6.80 -9.76
N HIS A 69 9.92 7.61 -10.78
CA HIS A 69 9.20 8.84 -11.04
C HIS A 69 8.04 8.61 -12.00
N ALA A 70 7.20 7.64 -11.68
CA ALA A 70 6.05 7.32 -12.53
C ALA A 70 5.14 6.29 -11.86
N ILE A 71 5.05 6.34 -10.54
CA ILE A 71 4.22 5.41 -9.78
C ILE A 71 2.73 5.67 -10.06
N GLY A 72 2.27 6.87 -9.74
CA GLY A 72 0.89 7.22 -9.97
C GLY A 72 0.51 7.20 -11.43
N GLN A 73 1.50 7.32 -12.29
CA GLN A 73 1.28 7.32 -13.74
C GLN A 73 1.21 5.90 -14.29
N MET A 74 1.68 4.94 -13.49
CA MET A 74 1.67 3.54 -13.91
C MET A 74 0.41 2.83 -13.40
N CYS A 75 -0.13 3.31 -12.29
CA CYS A 75 -1.34 2.73 -11.70
C CYS A 75 -2.35 3.81 -11.34
N GLU A 76 -3.62 3.41 -11.27
CA GLU A 76 -4.69 4.35 -10.93
C GLU A 76 -5.08 4.21 -9.46
N ALA A 77 -4.13 3.83 -8.62
CA ALA A 77 -4.38 3.66 -7.20
C ALA A 77 -3.43 4.51 -6.37
N PRO A 78 -3.82 4.84 -5.13
CA PRO A 78 -2.99 5.66 -4.23
C PRO A 78 -1.68 4.97 -3.85
N VAL A 79 -0.65 5.76 -3.61
CA VAL A 79 0.66 5.23 -3.23
C VAL A 79 1.09 5.76 -1.87
N VAL A 80 1.48 4.85 -0.98
CA VAL A 80 1.92 5.24 0.35
C VAL A 80 3.05 4.35 0.85
N THR A 81 3.57 4.66 2.03
CA THR A 81 4.64 3.87 2.62
C THR A 81 4.06 2.79 3.53
N ARG A 82 4.92 1.92 4.04
CA ARG A 82 4.46 0.85 4.93
C ARG A 82 3.96 1.41 6.26
N GLU A 83 4.24 2.69 6.51
CA GLU A 83 3.79 3.33 7.75
C GLU A 83 2.28 3.21 7.90
N TRP A 84 1.57 3.39 6.79
CA TRP A 84 0.12 3.28 6.78
C TRP A 84 -0.30 1.93 7.29
N VAL A 85 0.19 0.90 6.63
CA VAL A 85 -0.11 -0.48 6.99
C VAL A 85 0.26 -0.76 8.44
N LEU A 86 1.45 -0.33 8.84
CA LEU A 86 1.92 -0.54 10.20
C LEU A 86 1.06 0.24 11.20
N ASP A 87 0.96 1.55 11.00
CA ASP A 87 0.17 2.39 11.87
C ASP A 87 -1.29 1.93 11.90
N SER A 88 -1.75 1.38 10.78
CA SER A 88 -3.12 0.89 10.67
C SER A 88 -3.28 -0.46 11.38
N VAL A 89 -2.37 -1.38 11.09
CA VAL A 89 -2.42 -2.71 11.70
C VAL A 89 -2.03 -2.65 13.18
N ALA A 90 -1.21 -1.68 13.54
CA ALA A 90 -0.78 -1.53 14.93
C ALA A 90 -1.96 -1.16 15.83
N LEU A 91 -2.60 -0.04 15.53
CA LEU A 91 -3.74 0.42 16.31
C LEU A 91 -5.05 -0.17 15.77
N TYR A 92 -4.99 -0.78 14.59
CA TYR A 92 -6.16 -1.38 13.98
C TYR A 92 -7.19 -0.31 13.62
N GLN A 93 -7.00 0.31 12.46
CA GLN A 93 -7.90 1.36 12.00
C GLN A 93 -7.48 1.86 10.62
N CYS A 94 -8.46 1.98 9.72
CA CYS A 94 -8.19 2.45 8.36
C CYS A 94 -7.71 3.89 8.36
N GLN A 95 -6.43 4.08 8.69
CA GLN A 95 -5.84 5.42 8.73
C GLN A 95 -5.86 6.06 7.34
N GLU A 96 -5.56 7.34 7.30
CA GLU A 96 -5.55 8.08 6.03
C GLU A 96 -4.23 7.88 5.31
N LEU A 97 -4.31 7.77 3.98
CA LEU A 97 -3.11 7.58 3.16
C LEU A 97 -2.38 8.89 2.94
N ASP A 98 -3.12 9.99 2.96
CA ASP A 98 -2.54 11.31 2.74
C ASP A 98 -1.39 11.57 3.72
N THR A 99 -1.48 10.97 4.91
CA THR A 99 -0.46 11.13 5.93
C THR A 99 0.78 10.30 5.61
N TYR A 100 0.66 9.38 4.66
CA TYR A 100 1.77 8.53 4.28
C TYR A 100 1.82 8.34 2.76
N LEU A 101 1.30 9.32 2.03
CA LEU A 101 1.28 9.27 0.57
C LEU A 101 2.51 9.96 -0.02
N ILE A 102 3.44 9.15 -0.53
CA ILE A 102 4.66 9.68 -1.12
C ILE A 102 5.46 10.50 -0.10
N PRO A 103 6.60 9.96 0.38
CA PRO A 103 7.44 10.66 1.36
C PRO A 103 8.04 11.95 0.81
N GLN A 104 9.09 11.81 0.00
CA GLN A 104 9.76 12.97 -0.59
C GLN A 104 9.02 13.43 -1.85
N ILE A 105 8.49 14.65 -1.81
CA ILE A 105 7.78 15.20 -2.95
C ILE A 105 8.65 16.20 -3.72
N PRO A 106 8.74 16.05 -5.05
CA PRO A 106 9.55 16.93 -5.90
C PRO A 106 8.92 18.32 -6.02
N HIS A 107 9.76 19.30 -6.35
CA HIS A 107 9.29 20.68 -6.50
C HIS A 107 9.74 21.25 -7.84
N SER A 108 9.18 22.40 -8.21
CA SER A 108 9.52 23.06 -9.46
C SER A 108 9.82 24.54 -9.24
N HIS A 109 10.39 24.86 -8.09
CA HIS A 109 10.73 26.23 -7.75
C HIS A 109 12.17 26.55 -8.15
N TYR A 110 12.45 27.83 -8.38
CA TYR A 110 13.78 28.26 -8.76
C TYR A 110 14.67 28.44 -7.53
N GLY A 1 -5.05 -12.32 13.98
CA GLY A 1 -4.73 -13.62 13.33
C GLY A 1 -5.94 -14.25 12.67
N SER A 2 -7.08 -14.22 13.35
CA SER A 2 -8.30 -14.78 12.82
C SER A 2 -9.25 -13.70 12.33
N GLN A 3 -10.07 -14.03 11.34
CA GLN A 3 -11.02 -13.07 10.78
C GLN A 3 -12.21 -12.89 11.72
N ASP A 4 -12.25 -11.76 12.41
CA ASP A 4 -13.33 -11.46 13.33
C ASP A 4 -13.67 -9.97 13.33
N ARG A 5 -12.64 -9.14 13.34
CA ARG A 5 -12.83 -7.69 13.34
C ARG A 5 -11.77 -7.00 12.48
N LYS A 6 -12.02 -6.94 11.17
CA LYS A 6 -11.09 -6.31 10.25
C LYS A 6 -11.34 -4.81 10.18
N ILE A 7 -10.31 -4.05 9.81
CA ILE A 7 -10.42 -2.60 9.71
C ILE A 7 -10.55 -2.14 8.27
N PHE A 8 -10.13 -2.98 7.33
CA PHE A 8 -10.20 -2.65 5.91
C PHE A 8 -11.49 -3.19 5.31
N ARG A 9 -11.79 -4.47 5.59
CA ARG A 9 -13.00 -5.11 5.09
C ARG A 9 -13.25 -4.76 3.62
N GLY A 10 -12.67 -5.54 2.72
CA GLY A 10 -12.84 -5.30 1.30
C GLY A 10 -11.87 -4.26 0.78
N LEU A 11 -10.62 -4.63 0.68
CA LEU A 11 -9.58 -3.73 0.20
C LEU A 11 -8.54 -4.47 -0.63
N GLU A 12 -7.77 -3.72 -1.40
CA GLU A 12 -6.72 -4.30 -2.24
C GLU A 12 -5.47 -3.44 -2.19
N ILE A 13 -4.42 -3.97 -1.55
CA ILE A 13 -3.17 -3.23 -1.42
C ILE A 13 -1.99 -4.05 -1.92
N CYS A 14 -1.05 -3.38 -2.58
CA CYS A 14 0.13 -4.04 -3.12
C CYS A 14 1.40 -3.35 -2.65
N CYS A 15 2.46 -4.13 -2.47
CA CYS A 15 3.74 -3.61 -2.03
C CYS A 15 4.73 -3.57 -3.19
N TYR A 16 5.12 -2.36 -3.59
CA TYR A 16 6.05 -2.20 -4.69
C TYR A 16 7.49 -2.08 -4.19
N GLY A 17 8.34 -3.02 -4.62
CA GLY A 17 9.72 -3.00 -4.20
C GLY A 17 9.95 -3.74 -2.89
N PRO A 18 11.22 -4.00 -2.52
CA PRO A 18 11.55 -4.71 -1.28
C PRO A 18 11.53 -3.79 -0.06
N PHE A 19 11.20 -2.53 -0.27
CA PHE A 19 11.15 -1.55 0.83
C PHE A 19 12.53 -1.36 1.45
N THR A 20 12.90 -2.27 2.35
CA THR A 20 14.18 -2.19 3.02
C THR A 20 14.45 -3.42 3.87
N ASN A 21 13.52 -3.72 4.79
CA ASN A 21 13.66 -4.87 5.68
C ASN A 21 12.57 -5.90 5.41
N MET A 22 11.35 -5.41 5.16
CA MET A 22 10.22 -6.30 4.91
C MET A 22 10.48 -7.15 3.66
N PRO A 23 10.12 -8.44 3.71
CA PRO A 23 10.31 -9.35 2.58
C PRO A 23 9.22 -9.21 1.52
N THR A 24 8.34 -8.22 1.70
CA THR A 24 7.24 -7.96 0.76
C THR A 24 6.03 -8.86 1.05
N ASP A 25 6.28 -10.07 1.54
CA ASP A 25 5.20 -11.00 1.87
C ASP A 25 4.67 -10.71 3.27
N GLN A 26 5.56 -10.21 4.12
CA GLN A 26 5.20 -9.87 5.49
C GLN A 26 4.31 -8.65 5.52
N LEU A 27 4.52 -7.74 4.56
CA LEU A 27 3.73 -6.53 4.47
C LEU A 27 2.32 -6.84 4.01
N GLU A 28 2.20 -7.61 2.93
CA GLU A 28 0.90 -7.99 2.41
C GLU A 28 0.12 -8.78 3.45
N TRP A 29 0.83 -9.45 4.34
CA TRP A 29 0.18 -10.22 5.39
C TRP A 29 -0.57 -9.29 6.33
N MET A 30 0.13 -8.26 6.78
CA MET A 30 -0.44 -7.27 7.68
C MET A 30 -1.77 -6.73 7.14
N VAL A 31 -1.76 -6.29 5.88
CA VAL A 31 -2.98 -5.76 5.26
C VAL A 31 -4.07 -6.82 5.25
N GLN A 32 -3.72 -8.03 4.86
CA GLN A 32 -4.66 -9.14 4.82
C GLN A 32 -5.26 -9.36 6.20
N LEU A 33 -4.44 -9.14 7.22
CA LEU A 33 -4.86 -9.30 8.61
C LEU A 33 -5.85 -8.19 9.00
N CYS A 34 -5.83 -7.09 8.25
CA CYS A 34 -6.71 -5.97 8.52
C CYS A 34 -8.00 -6.04 7.71
N GLY A 35 -8.11 -7.07 6.86
CA GLY A 35 -9.32 -7.22 6.06
C GLY A 35 -9.07 -7.01 4.57
N ALA A 36 -7.98 -6.32 4.24
CA ALA A 36 -7.65 -6.05 2.85
C ALA A 36 -7.19 -7.31 2.14
N SER A 37 -6.96 -7.20 0.83
CA SER A 37 -6.51 -8.33 0.03
C SER A 37 -5.18 -8.01 -0.63
N VAL A 38 -4.26 -8.97 -0.58
CA VAL A 38 -2.94 -8.78 -1.18
C VAL A 38 -3.02 -8.79 -2.70
N VAL A 39 -2.53 -7.71 -3.32
CA VAL A 39 -2.56 -7.59 -4.77
C VAL A 39 -1.18 -7.86 -5.36
N LYS A 40 -1.12 -8.84 -6.25
CA LYS A 40 0.15 -9.21 -6.90
C LYS A 40 0.77 -8.03 -7.64
N GLU A 41 -0.02 -7.36 -8.45
CA GLU A 41 0.46 -6.21 -9.22
C GLU A 41 -0.58 -5.09 -9.27
N LEU A 42 -0.21 -3.98 -9.91
CA LEU A 42 -1.11 -2.84 -10.03
C LEU A 42 -2.29 -3.19 -10.92
N SER A 43 -2.02 -3.77 -12.08
CA SER A 43 -3.07 -4.15 -13.01
C SER A 43 -4.06 -5.12 -12.38
N SER A 44 -3.62 -5.79 -11.32
CA SER A 44 -4.48 -6.75 -10.62
C SER A 44 -5.66 -6.05 -9.96
N PHE A 45 -5.53 -4.75 -9.72
CA PHE A 45 -6.59 -3.97 -9.08
C PHE A 45 -7.92 -4.17 -9.81
N THR A 46 -8.97 -4.44 -9.04
CA THR A 46 -10.30 -4.64 -9.61
C THR A 46 -11.39 -4.22 -8.64
N LEU A 47 -12.15 -3.21 -9.02
CA LEU A 47 -13.23 -2.70 -8.16
C LEU A 47 -14.55 -3.40 -8.49
N GLY A 48 -14.95 -4.32 -7.63
CA GLY A 48 -16.19 -5.05 -7.84
C GLY A 48 -17.29 -4.60 -6.90
N THR A 49 -17.58 -5.43 -5.90
CA THR A 49 -18.63 -5.11 -4.93
C THR A 49 -18.08 -4.21 -3.83
N GLY A 50 -17.08 -4.70 -3.12
CA GLY A 50 -16.48 -3.92 -2.04
C GLY A 50 -14.99 -4.17 -1.90
N VAL A 51 -14.21 -3.47 -2.71
CA VAL A 51 -12.76 -3.61 -2.67
C VAL A 51 -12.07 -2.39 -3.28
N HIS A 52 -11.42 -1.60 -2.44
CA HIS A 52 -10.73 -0.39 -2.90
C HIS A 52 -9.26 -0.69 -3.18
N PRO A 53 -8.72 -0.18 -4.30
CA PRO A 53 -7.32 -0.39 -4.69
C PRO A 53 -6.37 0.56 -3.96
N ILE A 54 -5.23 0.01 -3.53
CA ILE A 54 -4.22 0.79 -2.81
C ILE A 54 -2.82 0.32 -3.19
N VAL A 55 -1.86 1.25 -3.14
CA VAL A 55 -0.47 0.92 -3.46
C VAL A 55 0.47 1.43 -2.38
N VAL A 56 1.47 0.64 -2.03
CA VAL A 56 2.42 1.03 -0.99
C VAL A 56 3.85 0.98 -1.51
N VAL A 57 4.74 1.73 -0.87
CA VAL A 57 6.15 1.79 -1.25
C VAL A 57 7.02 2.22 -0.07
N GLN A 58 8.30 2.44 -0.34
CA GLN A 58 9.24 2.87 0.70
C GLN A 58 10.65 3.02 0.13
N PRO A 59 10.93 4.15 -0.55
CA PRO A 59 12.24 4.40 -1.15
C PRO A 59 13.39 4.16 -0.17
N ASP A 60 14.18 3.14 -0.45
CA ASP A 60 15.31 2.79 0.41
C ASP A 60 16.15 1.68 -0.21
N ALA A 61 15.45 0.68 -0.76
CA ALA A 61 16.13 -0.45 -1.39
C ALA A 61 15.67 -0.61 -2.84
N TRP A 62 15.32 0.51 -3.47
CA TRP A 62 14.88 0.49 -4.86
C TRP A 62 15.97 0.99 -5.80
N THR A 63 16.83 1.87 -5.28
CA THR A 63 17.92 2.43 -6.07
C THR A 63 17.39 3.25 -7.24
N GLU A 64 18.23 4.14 -7.76
CA GLU A 64 17.84 4.99 -8.88
C GLU A 64 18.39 4.45 -10.19
N ASP A 65 17.65 3.54 -10.81
CA ASP A 65 18.05 2.94 -12.08
C ASP A 65 16.87 2.79 -13.01
N ASN A 66 15.78 2.23 -12.51
CA ASN A 66 14.56 2.02 -13.29
C ASN A 66 13.75 3.32 -13.37
N GLY A 67 13.85 4.14 -12.33
CA GLY A 67 13.11 5.39 -12.30
C GLY A 67 11.88 5.31 -11.41
N PHE A 68 11.94 5.96 -10.26
CA PHE A 68 10.82 5.95 -9.32
C PHE A 68 9.97 7.21 -9.48
N HIS A 69 10.26 8.02 -10.49
CA HIS A 69 9.51 9.24 -10.73
C HIS A 69 8.33 8.99 -11.67
N ALA A 70 7.54 7.98 -11.36
CA ALA A 70 6.38 7.64 -12.18
C ALA A 70 5.57 6.51 -11.54
N ILE A 71 5.40 6.57 -10.22
CA ILE A 71 4.65 5.56 -9.50
C ILE A 71 3.16 5.68 -9.79
N GLY A 72 2.58 6.83 -9.46
CA GLY A 72 1.17 7.05 -9.69
C GLY A 72 0.80 6.95 -11.16
N GLN A 73 1.76 7.23 -12.02
CA GLN A 73 1.54 7.18 -13.46
C GLN A 73 1.57 5.74 -13.97
N MET A 74 2.23 4.86 -13.21
CA MET A 74 2.33 3.45 -13.59
C MET A 74 1.22 2.64 -12.93
N CYS A 75 0.80 3.07 -11.75
CA CYS A 75 -0.25 2.37 -11.01
C CYS A 75 -1.56 3.14 -11.07
N GLU A 76 -2.66 2.46 -10.75
CA GLU A 76 -3.98 3.08 -10.78
C GLU A 76 -4.58 3.11 -9.38
N ALA A 77 -3.73 3.35 -8.38
CA ALA A 77 -4.18 3.41 -6.99
C ALA A 77 -3.34 4.38 -6.17
N PRO A 78 -3.78 4.72 -4.95
CA PRO A 78 -3.07 5.64 -4.07
C PRO A 78 -1.76 5.05 -3.53
N VAL A 79 -0.64 5.60 -3.96
CA VAL A 79 0.67 5.13 -3.53
C VAL A 79 1.02 5.72 -2.16
N VAL A 80 1.37 4.87 -1.21
CA VAL A 80 1.73 5.33 0.13
C VAL A 80 2.91 4.55 0.69
N THR A 81 3.36 4.94 1.87
CA THR A 81 4.48 4.27 2.53
C THR A 81 3.97 3.22 3.49
N ARG A 82 4.82 2.25 3.84
CA ARG A 82 4.43 1.19 4.75
C ARG A 82 3.86 1.76 6.05
N GLU A 83 4.21 3.01 6.36
CA GLU A 83 3.72 3.65 7.57
C GLU A 83 2.22 3.45 7.72
N TRP A 84 1.50 3.57 6.61
CA TRP A 84 0.06 3.39 6.59
C TRP A 84 -0.29 1.97 7.03
N VAL A 85 0.26 1.02 6.30
CA VAL A 85 0.03 -0.40 6.58
C VAL A 85 0.42 -0.74 8.02
N LEU A 86 1.48 -0.12 8.50
CA LEU A 86 1.96 -0.37 9.86
C LEU A 86 1.07 0.34 10.88
N ASP A 87 0.91 1.64 10.71
CA ASP A 87 0.10 2.44 11.62
C ASP A 87 -1.33 1.90 11.67
N SER A 88 -1.77 1.32 10.56
CA SER A 88 -3.12 0.77 10.48
C SER A 88 -3.20 -0.58 11.19
N VAL A 89 -2.29 -1.48 10.86
CA VAL A 89 -2.26 -2.81 11.48
C VAL A 89 -1.81 -2.73 12.93
N ALA A 90 -1.00 -1.73 13.26
CA ALA A 90 -0.50 -1.57 14.61
C ALA A 90 -1.64 -1.20 15.57
N LEU A 91 -2.36 -0.14 15.22
CA LEU A 91 -3.47 0.32 16.05
C LEU A 91 -4.81 -0.20 15.52
N TYR A 92 -4.77 -1.01 14.48
CA TYR A 92 -5.97 -1.57 13.88
C TYR A 92 -6.98 -0.48 13.53
N GLN A 93 -6.78 0.15 12.38
CA GLN A 93 -7.67 1.22 11.93
C GLN A 93 -7.25 1.73 10.56
N CYS A 94 -8.20 1.79 9.64
CA CYS A 94 -7.93 2.26 8.29
C CYS A 94 -7.56 3.75 8.29
N GLN A 95 -6.28 4.04 8.50
CA GLN A 95 -5.81 5.41 8.53
C GLN A 95 -5.93 6.06 7.15
N GLU A 96 -5.71 7.37 7.09
CA GLU A 96 -5.79 8.11 5.84
C GLU A 96 -4.49 8.02 5.06
N LEU A 97 -4.58 7.58 3.80
CA LEU A 97 -3.41 7.44 2.95
C LEU A 97 -2.76 8.79 2.70
N ASP A 98 -3.58 9.84 2.70
CA ASP A 98 -3.07 11.20 2.46
C ASP A 98 -1.94 11.55 3.41
N THR A 99 -1.96 10.96 4.60
CA THR A 99 -0.94 11.20 5.60
C THR A 99 0.35 10.44 5.29
N TYR A 100 0.25 9.44 4.42
CA TYR A 100 1.41 8.64 4.03
C TYR A 100 1.46 8.44 2.52
N LEU A 101 0.92 9.40 1.78
CA LEU A 101 0.90 9.34 0.33
C LEU A 101 2.05 10.14 -0.27
N ILE A 102 2.71 9.58 -1.28
CA ILE A 102 3.82 10.25 -1.93
C ILE A 102 3.33 11.34 -2.88
N PRO A 103 3.59 12.62 -2.54
CA PRO A 103 3.16 13.75 -3.36
C PRO A 103 4.04 13.93 -4.60
N GLN A 104 3.68 14.90 -5.45
CA GLN A 104 4.44 15.17 -6.66
C GLN A 104 4.76 16.66 -6.76
N ILE A 105 3.76 17.49 -6.50
CA ILE A 105 3.94 18.93 -6.56
C ILE A 105 3.02 19.64 -5.56
N PRO A 106 3.55 20.64 -4.81
CA PRO A 106 2.78 21.38 -3.82
C PRO A 106 1.61 22.13 -4.45
N HIS A 107 1.88 22.78 -5.58
CA HIS A 107 0.85 23.55 -6.28
C HIS A 107 -0.08 22.62 -7.06
N SER A 108 -1.03 22.01 -6.37
CA SER A 108 -1.97 21.10 -7.01
C SER A 108 -3.38 21.67 -6.95
N HIS A 109 -3.76 22.22 -5.81
CA HIS A 109 -5.09 22.79 -5.62
C HIS A 109 -5.24 24.07 -6.44
N TYR A 110 -6.40 24.70 -6.34
CA TYR A 110 -6.67 25.94 -7.06
C TYR A 110 -5.85 27.09 -6.50
#